data_8QD3
#
_entry.id   8QD3
#
_cell.length_a   85.480
_cell.length_b   107.440
_cell.length_c   92.720
_cell.angle_alpha   90.00
_cell.angle_beta   90.16
_cell.angle_gamma   90.00
#
_symmetry.space_group_name_H-M   'P 1 21 1'
#
loop_
_entity.id
_entity.type
_entity.pdbx_description
1 polymer 'Pigment biosynthesis protein yellowish-green 1'
2 non-polymer naphthalene-1,3,6,8-tetrol
3 non-polymer 'TRIETHYLENE GLYCOL'
4 non-polymer FLAVIOLIN
5 non-polymer 1,2-ETHANEDIOL
6 water water
#
_entity_poly.entity_id   1
_entity_poly.type   'polypeptide(L)'
_entity_poly.pdbx_seq_one_letter_code
;MRGSHHHHHHENLYFQGSPRWILGDKFDTVFPHKGSLKVLWESRWKFACSKSVYPFHDGSIEDFEPIFNHLISKNINDAA
SDEYTQAFLPTASALEEKAAQALQAGKHEEASNLLCRAAVVYRISRFPYVDITKPNSIKRVAFERQKQAYLKATSLWTQP
IREVTVPHTYRTGNDGAHIPIYIRTPAGADQSNPVPIVLIMTGLDGYRPDNSQRTHEILARGWAAVVAEIPGTADCPADP
ADPASPDRLWDSVLSYLDQRPELNTAKMVVWGLSAGGYYAIRAAHTHRDRLLGAIAHGPGCHYYLDPEWLAKVNDHEYPF
EITAAWATKHGYKTVEEFVAGAQKKFSLVETGIVDQPSCRLLLLNGVDDGVVPIEDCLVLFEHGSPKEGRFYKGLPHMGY
PNSLPVSYEWLEQVLASPSKTKN
;
_entity_poly.pdbx_strand_id   A,B,C,D
#
# COMPACT_ATOMS: atom_id res chain seq x y z
N ARG A 20 -8.29 -9.59 -17.59
CA ARG A 20 -6.80 -9.61 -17.39
C ARG A 20 -6.38 -8.45 -16.49
N TRP A 21 -6.77 -7.22 -16.83
CA TRP A 21 -6.43 -5.97 -16.11
C TRP A 21 -7.53 -5.63 -15.09
N ILE A 22 -7.14 -5.00 -13.97
CA ILE A 22 -8.07 -4.53 -12.90
C ILE A 22 -9.07 -3.54 -13.50
N LEU A 23 -8.64 -2.78 -14.51
CA LEU A 23 -9.49 -1.81 -15.26
C LEU A 23 -10.74 -2.52 -15.77
N GLY A 24 -10.61 -3.80 -16.15
CA GLY A 24 -11.71 -4.70 -16.49
C GLY A 24 -12.27 -4.42 -17.88
N ASP A 25 -13.59 -4.52 -18.04
CA ASP A 25 -14.32 -4.28 -19.32
C ASP A 25 -13.88 -2.93 -19.91
N LYS A 26 -13.64 -1.93 -19.06
CA LYS A 26 -13.28 -0.53 -19.46
C LYS A 26 -11.99 -0.53 -20.30
N PHE A 27 -11.13 -1.54 -20.16
CA PHE A 27 -9.88 -1.72 -20.95
C PHE A 27 -10.20 -1.82 -22.46
N ASP A 28 -11.34 -2.43 -22.80
CA ASP A 28 -11.75 -2.72 -24.19
C ASP A 28 -12.65 -1.61 -24.74
N THR A 29 -13.07 -0.66 -23.89
CA THR A 29 -13.89 0.51 -24.29
C THR A 29 -13.04 1.45 -25.15
N VAL A 30 -13.50 1.77 -26.37
CA VAL A 30 -12.96 2.89 -27.20
C VAL A 30 -13.68 4.16 -26.74
N PHE A 31 -12.95 5.05 -26.05
CA PHE A 31 -13.53 6.25 -25.36
C PHE A 31 -14.09 7.19 -26.42
N PRO A 32 -15.20 7.91 -26.13
CA PRO A 32 -15.93 8.66 -27.15
C PRO A 32 -15.18 9.85 -27.77
N HIS A 33 -14.14 10.36 -27.09
CA HIS A 33 -13.33 11.53 -27.52
C HIS A 33 -12.19 11.10 -28.47
N LYS A 34 -11.96 9.79 -28.64
CA LYS A 34 -10.84 9.28 -29.49
C LYS A 34 -11.02 9.81 -30.93
N GLY A 35 -10.04 10.60 -31.39
CA GLY A 35 -10.01 11.18 -32.76
C GLY A 35 -11.10 12.23 -32.97
N SER A 36 -11.70 12.74 -31.90
CA SER A 36 -12.76 13.78 -31.93
C SER A 36 -12.46 14.90 -30.92
N LEU A 37 -11.85 15.99 -31.39
CA LEU A 37 -11.62 17.22 -30.59
C LEU A 37 -12.97 17.82 -30.18
N LYS A 38 -14.00 17.69 -31.03
CA LYS A 38 -15.37 18.18 -30.76
C LYS A 38 -15.91 17.52 -29.49
N VAL A 39 -15.88 16.18 -29.41
CA VAL A 39 -16.38 15.40 -28.24
C VAL A 39 -15.52 15.74 -27.02
N LEU A 40 -14.19 15.79 -27.19
CA LEU A 40 -13.24 16.12 -26.09
C LEU A 40 -13.67 17.42 -25.42
N TRP A 41 -13.87 18.48 -26.21
CA TRP A 41 -14.28 19.84 -25.74
C TRP A 41 -15.68 19.78 -25.13
N GLU A 42 -16.64 19.22 -25.85
CA GLU A 42 -18.09 19.28 -25.49
C GLU A 42 -18.39 18.38 -24.27
N SER A 43 -17.60 17.33 -24.04
CA SER A 43 -17.84 16.32 -22.97
C SER A 43 -17.01 16.62 -21.72
N ARG A 44 -15.76 17.10 -21.86
CA ARG A 44 -14.77 17.15 -20.75
C ARG A 44 -14.11 18.52 -20.65
N TRP A 45 -13.35 18.92 -21.66
CA TRP A 45 -12.40 20.07 -21.61
C TRP A 45 -13.14 21.39 -21.40
N LYS A 46 -14.31 21.59 -22.01
CA LYS A 46 -15.14 22.80 -21.82
C LYS A 46 -15.35 23.05 -20.33
N PHE A 47 -15.74 22.00 -19.58
CA PHE A 47 -16.07 22.06 -18.14
C PHE A 47 -14.78 22.25 -17.33
N ALA A 48 -13.75 21.45 -17.64
CA ALA A 48 -12.40 21.58 -17.05
C ALA A 48 -11.91 23.03 -17.20
N CYS A 49 -12.08 23.61 -18.38
CA CYS A 49 -11.67 25.01 -18.70
C CYS A 49 -12.47 26.00 -17.86
N SER A 50 -13.79 25.84 -17.77
CA SER A 50 -14.69 26.71 -16.97
C SER A 50 -14.20 26.76 -15.51
N LYS A 51 -13.93 25.58 -14.92
CA LYS A 51 -13.51 25.41 -13.50
C LYS A 51 -12.05 25.83 -13.31
N SER A 52 -11.30 26.05 -14.39
CA SER A 52 -9.85 26.37 -14.36
C SER A 52 -9.11 25.25 -13.60
N VAL A 53 -9.42 24.00 -13.94
CA VAL A 53 -8.73 22.79 -13.41
C VAL A 53 -7.96 22.14 -14.56
N TYR A 54 -7.08 21.18 -14.24
CA TYR A 54 -6.12 20.55 -15.19
C TYR A 54 -6.88 20.06 -16.43
N PRO A 55 -6.36 20.30 -17.66
CA PRO A 55 -5.09 20.99 -17.90
C PRO A 55 -5.17 22.51 -18.09
N PHE A 56 -6.31 23.13 -17.74
CA PHE A 56 -6.60 24.57 -17.96
C PHE A 56 -6.40 25.37 -16.67
N HIS A 57 -5.65 24.81 -15.71
CA HIS A 57 -5.26 25.49 -14.44
C HIS A 57 -4.54 26.80 -14.78
N ASP A 58 -4.91 27.89 -14.08
CA ASP A 58 -4.47 29.30 -14.33
C ASP A 58 -5.24 29.91 -15.50
N GLY A 59 -6.01 29.11 -16.26
CA GLY A 59 -6.62 29.51 -17.54
C GLY A 59 -7.99 30.14 -17.35
N SER A 60 -8.59 30.61 -18.44
CA SER A 60 -9.94 31.24 -18.46
CA SER A 60 -9.93 31.26 -18.47
C SER A 60 -10.70 30.81 -19.71
N ILE A 61 -11.97 30.42 -19.52
CA ILE A 61 -12.92 29.96 -20.59
C ILE A 61 -13.05 31.02 -21.67
N GLU A 62 -13.00 32.31 -21.30
CA GLU A 62 -13.10 33.49 -22.22
C GLU A 62 -12.09 33.34 -23.36
N ASP A 63 -10.90 32.79 -23.06
CA ASP A 63 -9.73 32.71 -23.97
C ASP A 63 -9.85 31.50 -24.90
N PHE A 64 -10.47 30.41 -24.44
CA PHE A 64 -10.46 29.09 -25.13
C PHE A 64 -11.73 28.89 -25.97
N GLU A 65 -12.89 29.37 -25.52
CA GLU A 65 -14.19 29.15 -26.21
C GLU A 65 -14.05 29.47 -27.70
N PRO A 66 -13.50 30.65 -28.10
CA PRO A 66 -13.39 30.98 -29.53
C PRO A 66 -12.44 30.06 -30.30
N ILE A 67 -11.33 29.65 -29.67
CA ILE A 67 -10.28 28.79 -30.29
C ILE A 67 -10.90 27.42 -30.62
N PHE A 68 -11.56 26.79 -29.66
CA PHE A 68 -12.16 25.44 -29.82
C PHE A 68 -13.33 25.50 -30.80
N ASN A 69 -14.12 26.58 -30.78
CA ASN A 69 -15.18 26.83 -31.80
C ASN A 69 -14.53 26.77 -33.19
N HIS A 70 -13.40 27.47 -33.36
CA HIS A 70 -12.60 27.50 -34.62
C HIS A 70 -12.16 26.09 -35.01
N LEU A 71 -11.51 25.36 -34.09
CA LEU A 71 -10.94 24.01 -34.35
C LEU A 71 -12.06 23.05 -34.79
N ILE A 72 -13.21 23.09 -34.10
CA ILE A 72 -14.39 22.22 -34.36
C ILE A 72 -14.98 22.58 -35.74
N SER A 73 -15.00 23.87 -36.10
CA SER A 73 -15.56 24.38 -37.38
C SER A 73 -14.72 23.91 -38.57
N LYS A 74 -13.41 23.70 -38.36
CA LYS A 74 -12.43 23.30 -39.40
C LYS A 74 -12.23 21.78 -39.38
N ASN A 75 -12.91 21.06 -38.48
CA ASN A 75 -12.75 19.60 -38.24
C ASN A 75 -11.26 19.28 -38.01
N ILE A 76 -10.58 20.08 -37.18
CA ILE A 76 -9.18 19.81 -36.72
C ILE A 76 -9.26 18.94 -35.47
N ASN A 77 -8.76 17.70 -35.56
CA ASN A 77 -8.81 16.68 -34.47
C ASN A 77 -7.40 16.31 -34.01
N ASP A 78 -6.42 16.28 -34.93
CA ASP A 78 -5.03 15.86 -34.67
C ASP A 78 -4.27 16.99 -33.96
N ALA A 79 -3.99 16.83 -32.65
CA ALA A 79 -3.30 17.83 -31.81
C ALA A 79 -1.87 18.05 -32.31
N ALA A 80 -1.23 17.02 -32.85
CA ALA A 80 0.19 17.03 -33.29
C ALA A 80 0.38 17.90 -34.53
N SER A 81 -0.71 18.29 -35.21
CA SER A 81 -0.71 19.08 -36.47
C SER A 81 -0.49 20.58 -36.19
N ASP A 82 0.13 21.29 -37.13
CA ASP A 82 0.38 22.75 -37.05
C ASP A 82 -0.95 23.52 -37.11
N GLU A 83 -1.95 22.96 -37.79
CA GLU A 83 -3.33 23.52 -37.91
C GLU A 83 -3.92 23.70 -36.51
N TYR A 84 -3.69 22.74 -35.61
CA TYR A 84 -4.16 22.78 -34.20
C TYR A 84 -3.41 23.87 -33.44
N THR A 85 -2.07 23.78 -33.40
CA THR A 85 -1.18 24.63 -32.58
C THR A 85 -1.39 26.11 -32.89
N GLN A 86 -1.35 26.48 -34.18
CA GLN A 86 -1.30 27.91 -34.61
C GLN A 86 -2.67 28.59 -34.45
N ALA A 87 -3.72 27.85 -34.10
CA ALA A 87 -5.09 28.37 -33.85
C ALA A 87 -5.16 29.07 -32.49
N PHE A 88 -4.16 28.89 -31.63
CA PHE A 88 -4.11 29.42 -30.24
C PHE A 88 -3.29 30.72 -30.17
N LEU A 89 -2.35 30.91 -31.09
CA LEU A 89 -1.28 31.94 -30.96
C LEU A 89 -1.85 33.35 -31.09
N PRO A 90 -2.83 33.63 -31.98
CA PRO A 90 -3.45 34.96 -32.04
C PRO A 90 -4.08 35.39 -30.70
N THR A 91 -4.76 34.49 -30.01
CA THR A 91 -5.36 34.73 -28.66
C THR A 91 -4.23 35.06 -27.68
N ALA A 92 -3.19 34.23 -27.65
CA ALA A 92 -1.98 34.40 -26.81
C ALA A 92 -1.40 35.82 -27.01
N SER A 93 -1.31 36.27 -28.26
CA SER A 93 -0.80 37.61 -28.65
C SER A 93 -1.68 38.73 -28.09
N ALA A 94 -3.01 38.61 -28.24
CA ALA A 94 -4.01 39.59 -27.75
C ALA A 94 -3.86 39.74 -26.23
N LEU A 95 -3.73 38.64 -25.50
CA LEU A 95 -3.56 38.62 -24.02
C LEU A 95 -2.23 39.29 -23.64
N GLU A 96 -1.16 39.02 -24.37
CA GLU A 96 0.18 39.61 -24.13
C GLU A 96 0.10 41.14 -24.24
N GLU A 97 -0.63 41.65 -25.24
CA GLU A 97 -0.81 43.12 -25.46
C GLU A 97 -1.66 43.70 -24.33
N LYS A 98 -2.75 43.02 -23.96
CA LYS A 98 -3.63 43.40 -22.81
C LYS A 98 -2.79 43.49 -21.53
N ALA A 99 -1.87 42.54 -21.31
CA ALA A 99 -0.96 42.51 -20.16
C ALA A 99 -0.04 43.75 -20.17
N ALA A 100 0.56 44.04 -21.33
CA ALA A 100 1.46 45.20 -21.55
C ALA A 100 0.72 46.49 -21.20
N GLN A 101 -0.54 46.61 -21.62
CA GLN A 101 -1.44 47.77 -21.34
C GLN A 101 -1.69 47.88 -19.83
N ALA A 102 -1.89 46.74 -19.16
CA ALA A 102 -2.12 46.65 -17.69
C ALA A 102 -0.87 47.12 -16.95
N LEU A 103 0.30 46.62 -17.34
CA LEU A 103 1.62 46.95 -16.73
C LEU A 103 1.90 48.45 -16.84
N GLN A 104 1.65 49.03 -18.01
CA GLN A 104 1.86 50.48 -18.31
C GLN A 104 1.07 51.33 -17.31
N ALA A 105 -0.13 50.89 -16.94
CA ALA A 105 -1.06 51.58 -16.00
C ALA A 105 -0.77 51.17 -14.54
N GLY A 106 0.29 50.39 -14.30
CA GLY A 106 0.74 49.98 -12.96
C GLY A 106 -0.21 48.98 -12.32
N LYS A 107 -1.02 48.28 -13.12
CA LYS A 107 -1.96 47.22 -12.68
C LYS A 107 -1.24 45.87 -12.76
N HIS A 108 -0.37 45.59 -11.78
CA HIS A 108 0.56 44.44 -11.75
C HIS A 108 -0.23 43.13 -11.63
N GLU A 109 -1.27 43.11 -10.78
CA GLU A 109 -2.15 41.94 -10.55
C GLU A 109 -2.82 41.51 -11.86
N GLU A 110 -3.42 42.46 -12.60
CA GLU A 110 -4.14 42.18 -13.87
C GLU A 110 -3.15 41.71 -14.93
N ALA A 111 -1.99 42.35 -15.03
CA ALA A 111 -0.89 42.01 -15.98
C ALA A 111 -0.45 40.56 -15.73
N SER A 112 -0.13 40.23 -14.48
CA SER A 112 0.24 38.85 -14.02
C SER A 112 -0.83 37.85 -14.46
N ASN A 113 -2.11 38.14 -14.18
CA ASN A 113 -3.27 37.27 -14.52
C ASN A 113 -3.33 37.04 -16.03
N LEU A 114 -3.24 38.12 -16.81
CA LEU A 114 -3.36 38.08 -18.30
C LEU A 114 -2.19 37.26 -18.89
N LEU A 115 -0.97 37.43 -18.36
CA LEU A 115 0.23 36.67 -18.83
C LEU A 115 0.11 35.19 -18.45
N CYS A 116 -0.41 34.88 -17.26
CA CYS A 116 -0.66 33.47 -16.82
C CYS A 116 -1.72 32.86 -17.75
N ARG A 117 -2.74 33.63 -18.11
CA ARG A 117 -3.81 33.21 -19.07
C ARG A 117 -3.18 32.94 -20.45
N ALA A 118 -2.31 33.83 -20.92
CA ALA A 118 -1.54 33.66 -22.19
C ALA A 118 -0.73 32.36 -22.11
N ALA A 119 -0.07 32.10 -20.98
CA ALA A 119 0.76 30.89 -20.75
C ALA A 119 -0.10 29.63 -20.95
N VAL A 120 -1.34 29.62 -20.48
CA VAL A 120 -2.25 28.43 -20.58
C VAL A 120 -2.67 28.26 -22.05
N VAL A 121 -2.92 29.36 -22.78
CA VAL A 121 -3.27 29.27 -24.23
C VAL A 121 -2.12 28.58 -24.96
N TYR A 122 -0.88 29.04 -24.73
CA TYR A 122 0.36 28.40 -25.26
C TYR A 122 0.40 26.93 -24.83
N ARG A 123 0.22 26.67 -23.52
CA ARG A 123 0.29 25.29 -22.94
C ARG A 123 -0.60 24.35 -23.74
N ILE A 124 -1.89 24.67 -23.88
CA ILE A 124 -2.89 23.79 -24.55
C ILE A 124 -2.48 23.64 -26.03
N SER A 125 -1.89 24.69 -26.62
CA SER A 125 -1.51 24.73 -28.06
C SER A 125 -0.44 23.67 -28.36
N ARG A 126 0.41 23.31 -27.38
CA ARG A 126 1.56 22.41 -27.59
C ARG A 126 1.31 21.06 -26.92
N PHE A 127 0.06 20.79 -26.52
CA PHE A 127 -0.44 19.44 -26.12
C PHE A 127 -0.40 18.53 -27.34
N PRO A 128 -0.17 17.20 -27.18
CA PRO A 128 0.11 16.60 -25.88
C PRO A 128 1.60 16.56 -25.51
N TYR A 129 2.48 16.92 -26.45
CA TYR A 129 3.94 16.66 -26.36
C TYR A 129 4.73 17.61 -27.28
N VAL A 130 5.71 18.31 -26.69
CA VAL A 130 6.76 19.07 -27.43
C VAL A 130 7.85 18.06 -27.83
N ASP A 131 8.00 17.81 -29.13
CA ASP A 131 8.97 16.83 -29.68
C ASP A 131 10.39 17.36 -29.43
N ILE A 132 11.13 16.70 -28.53
CA ILE A 132 12.53 17.07 -28.12
C ILE A 132 13.45 17.07 -29.35
N THR A 133 13.13 16.30 -30.39
CA THR A 133 14.00 16.05 -31.58
C THR A 133 13.72 17.06 -32.70
N LYS A 134 12.69 17.90 -32.54
CA LYS A 134 12.24 18.88 -33.58
C LYS A 134 12.24 20.29 -32.97
N PRO A 135 13.42 20.96 -32.91
CA PRO A 135 13.51 22.29 -32.30
C PRO A 135 12.89 23.43 -33.13
N ASN A 136 12.60 23.21 -34.41
CA ASN A 136 11.95 24.20 -35.32
C ASN A 136 10.42 24.05 -35.28
N SER A 137 9.91 23.03 -34.59
CA SER A 137 8.46 22.71 -34.47
C SER A 137 7.72 23.90 -33.85
N ILE A 138 6.46 24.13 -34.28
CA ILE A 138 5.60 25.24 -33.79
C ILE A 138 5.27 25.00 -32.31
N LYS A 139 5.25 23.73 -31.87
CA LYS A 139 4.98 23.37 -30.44
C LYS A 139 6.17 23.78 -29.56
N ARG A 140 7.41 23.68 -30.07
CA ARG A 140 8.61 24.20 -29.37
C ARG A 140 8.48 25.72 -29.26
N VAL A 141 8.13 26.40 -30.35
CA VAL A 141 7.96 27.88 -30.41
C VAL A 141 6.97 28.29 -29.33
N ALA A 142 5.79 27.66 -29.29
CA ALA A 142 4.70 27.93 -28.32
C ALA A 142 5.23 27.76 -26.89
N PHE A 143 6.00 26.70 -26.64
CA PHE A 143 6.58 26.40 -25.31
C PHE A 143 7.55 27.52 -24.89
N GLU A 144 8.37 28.01 -25.82
CA GLU A 144 9.33 29.12 -25.56
C GLU A 144 8.56 30.39 -25.20
N ARG A 145 7.52 30.72 -25.98
CA ARG A 145 6.64 31.89 -25.70
C ARG A 145 6.01 31.70 -24.31
N GLN A 146 5.54 30.48 -24.00
CA GLN A 146 4.86 30.17 -22.71
C GLN A 146 5.79 30.49 -21.55
N LYS A 147 7.02 29.97 -21.59
CA LYS A 147 8.06 30.15 -20.53
C LYS A 147 8.32 31.66 -20.33
N GLN A 148 8.47 32.42 -21.42
CA GLN A 148 8.75 33.88 -21.34
C GLN A 148 7.56 34.57 -20.66
N ALA A 149 6.33 34.29 -21.12
CA ALA A 149 5.07 34.86 -20.57
C ALA A 149 4.94 34.49 -19.09
N TYR A 150 5.22 33.24 -18.73
CA TYR A 150 5.07 32.71 -17.35
C TYR A 150 6.07 33.39 -16.40
N LEU A 151 7.34 33.50 -16.79
CA LEU A 151 8.40 34.11 -15.95
C LEU A 151 8.11 35.61 -15.75
N LYS A 152 7.58 36.29 -16.77
CA LYS A 152 7.16 37.71 -16.68
C LYS A 152 6.02 37.83 -15.66
N ALA A 153 5.01 36.94 -15.75
CA ALA A 153 3.83 36.89 -14.86
C ALA A 153 4.28 36.69 -13.41
N THR A 154 5.12 35.68 -13.17
CA THR A 154 5.52 35.23 -11.80
C THR A 154 6.55 36.20 -11.21
N SER A 155 7.23 37.00 -12.05
CA SER A 155 8.17 38.07 -11.60
C SER A 155 7.43 39.12 -10.77
N LEU A 156 6.12 39.27 -10.98
CA LEU A 156 5.25 40.28 -10.30
C LEU A 156 4.70 39.74 -8.99
N TRP A 157 4.89 38.45 -8.70
CA TRP A 157 4.45 37.78 -7.44
C TRP A 157 5.33 38.23 -6.28
N THR A 158 4.75 38.33 -5.08
CA THR A 158 5.44 38.68 -3.81
C THR A 158 6.60 37.69 -3.60
N GLN A 159 6.32 36.39 -3.75
CA GLN A 159 7.32 35.31 -3.78
C GLN A 159 7.44 34.81 -5.22
N PRO A 160 8.38 35.39 -6.02
CA PRO A 160 8.43 35.09 -7.45
C PRO A 160 9.02 33.69 -7.74
N ILE A 161 8.51 33.04 -8.79
CA ILE A 161 9.17 31.85 -9.40
C ILE A 161 10.41 32.37 -10.14
N ARG A 162 11.57 31.81 -9.81
CA ARG A 162 12.88 32.14 -10.43
C ARG A 162 13.38 30.91 -11.20
N GLU A 163 13.95 31.13 -12.39
CA GLU A 163 14.63 30.07 -13.17
C GLU A 163 16.12 30.08 -12.83
N VAL A 164 16.67 28.91 -12.55
CA VAL A 164 18.14 28.67 -12.41
C VAL A 164 18.54 27.60 -13.42
N THR A 165 19.54 27.91 -14.25
CA THR A 165 20.20 26.93 -15.15
C THR A 165 21.31 26.25 -14.36
N VAL A 166 21.01 25.10 -13.75
CA VAL A 166 21.96 24.29 -12.94
C VAL A 166 22.91 23.59 -13.91
N PRO A 167 24.24 23.83 -13.82
CA PRO A 167 25.21 23.07 -14.59
C PRO A 167 25.06 21.56 -14.29
N HIS A 168 24.94 20.74 -15.34
CA HIS A 168 24.78 19.27 -15.21
C HIS A 168 26.18 18.64 -14.98
N THR A 169 26.73 18.84 -13.78
CA THR A 169 28.12 18.44 -13.41
C THR A 169 28.26 16.91 -13.52
N TYR A 170 27.19 16.15 -13.30
CA TYR A 170 27.19 14.67 -13.30
C TYR A 170 26.87 14.12 -14.70
N ARG A 171 26.75 14.98 -15.72
CA ARG A 171 26.46 14.57 -17.12
C ARG A 171 27.52 13.58 -17.60
N THR A 172 27.10 12.56 -18.36
CA THR A 172 27.96 11.60 -19.08
C THR A 172 27.32 11.27 -20.44
N GLY A 173 28.13 10.77 -21.39
CA GLY A 173 27.69 10.33 -22.72
C GLY A 173 26.94 11.41 -23.49
N ASN A 174 25.65 11.17 -23.76
CA ASN A 174 24.82 12.02 -24.66
C ASN A 174 24.02 13.06 -23.85
N ASP A 175 24.29 13.19 -22.55
CA ASP A 175 23.62 14.14 -21.64
C ASP A 175 23.97 15.59 -22.04
N GLY A 176 22.97 16.48 -22.04
CA GLY A 176 23.15 17.94 -22.23
C GLY A 176 23.82 18.58 -21.03
N ALA A 177 24.22 19.85 -21.16
CA ALA A 177 25.10 20.56 -20.20
C ALA A 177 24.30 21.28 -19.12
N HIS A 178 23.04 21.63 -19.39
CA HIS A 178 22.25 22.62 -18.60
C HIS A 178 20.93 21.99 -18.12
N ILE A 179 20.60 22.14 -16.83
CA ILE A 179 19.32 21.71 -16.21
C ILE A 179 18.56 22.95 -15.78
N PRO A 180 17.63 23.48 -16.61
CA PRO A 180 16.78 24.60 -16.22
C PRO A 180 15.70 24.13 -15.23
N ILE A 181 15.72 24.67 -14.01
CA ILE A 181 14.73 24.37 -12.94
C ILE A 181 14.05 25.67 -12.50
N TYR A 182 12.82 25.56 -12.01
CA TYR A 182 12.06 26.66 -11.37
C TYR A 182 12.18 26.49 -9.85
N ILE A 183 12.50 27.58 -9.15
CA ILE A 183 12.59 27.61 -7.67
C ILE A 183 11.73 28.77 -7.15
N ARG A 184 10.94 28.49 -6.11
CA ARG A 184 10.06 29.47 -5.41
C ARG A 184 10.21 29.22 -3.91
N THR A 185 10.59 30.26 -3.15
CA THR A 185 10.89 30.17 -1.71
C THR A 185 9.84 30.94 -0.92
N PRO A 186 9.35 30.40 0.21
CA PRO A 186 8.34 31.08 1.02
C PRO A 186 8.95 32.32 1.70
N ALA A 187 8.11 33.32 1.97
CA ALA A 187 8.47 34.56 2.69
C ALA A 187 9.31 34.19 3.92
N GLY A 188 10.53 34.74 4.00
CA GLY A 188 11.41 34.65 5.20
C GLY A 188 12.36 33.46 5.17
N ALA A 189 12.36 32.67 4.08
CA ALA A 189 13.30 31.53 3.90
C ALA A 189 14.74 32.03 4.05
N ASP A 190 15.44 31.60 5.09
CA ASP A 190 16.78 32.12 5.48
C ASP A 190 17.74 30.96 5.76
N GLN A 191 19.05 31.24 5.71
CA GLN A 191 20.14 30.27 6.01
C GLN A 191 20.15 29.95 7.51
N SER A 192 19.63 30.84 8.36
CA SER A 192 19.51 30.67 9.83
C SER A 192 18.59 29.48 10.15
N ASN A 193 17.51 29.31 9.36
CA ASN A 193 16.51 28.24 9.56
C ASN A 193 16.02 27.78 8.19
N PRO A 194 16.85 26.99 7.44
CA PRO A 194 16.52 26.64 6.06
C PRO A 194 15.24 25.80 5.97
N VAL A 195 14.45 26.02 4.93
CA VAL A 195 13.05 25.51 4.79
C VAL A 195 13.07 24.16 4.08
N PRO A 196 12.10 23.27 4.37
CA PRO A 196 11.97 22.01 3.66
C PRO A 196 11.75 22.25 2.15
N ILE A 197 12.07 21.24 1.35
CA ILE A 197 12.04 21.30 -0.15
C ILE A 197 11.03 20.25 -0.64
N VAL A 198 10.10 20.66 -1.50
CA VAL A 198 9.25 19.76 -2.34
C VAL A 198 9.74 19.90 -3.78
N LEU A 199 10.43 18.86 -4.28
CA LEU A 199 10.97 18.81 -5.66
C LEU A 199 9.96 18.12 -6.57
N ILE A 200 9.25 18.89 -7.41
CA ILE A 200 8.25 18.36 -8.37
C ILE A 200 8.99 17.86 -9.61
N MET A 201 8.71 16.60 -10.00
CA MET A 201 9.14 15.99 -11.28
C MET A 201 7.93 15.97 -12.22
N THR A 202 7.97 16.78 -13.27
CA THR A 202 6.82 17.01 -14.19
C THR A 202 6.72 15.82 -15.16
N GLY A 203 5.80 15.87 -16.11
CA GLY A 203 5.42 14.69 -16.91
C GLY A 203 5.43 14.96 -18.41
N LEU A 204 4.58 14.23 -19.14
CA LEU A 204 4.59 14.20 -20.63
C LEU A 204 4.07 15.53 -21.19
N ASP A 205 3.01 16.12 -20.60
CA ASP A 205 2.32 17.33 -21.11
C ASP A 205 2.37 18.48 -20.09
N GLY A 206 2.85 18.22 -18.87
CA GLY A 206 3.10 19.25 -17.85
C GLY A 206 4.59 19.47 -17.64
N TYR A 207 5.08 20.68 -17.90
CA TYR A 207 6.51 21.08 -17.75
C TYR A 207 6.59 22.11 -16.62
N ARG A 208 7.74 22.77 -16.46
CA ARG A 208 8.04 23.56 -15.23
C ARG A 208 7.09 24.75 -15.08
N PRO A 209 6.52 25.38 -16.14
CA PRO A 209 5.53 26.44 -15.96
C PRO A 209 4.09 26.00 -15.61
N ASP A 210 3.83 24.69 -15.47
CA ASP A 210 2.44 24.15 -15.40
C ASP A 210 2.08 23.72 -13.97
N ASN A 211 2.58 24.43 -12.95
CA ASN A 211 2.49 23.96 -11.53
C ASN A 211 2.21 25.12 -10.56
N SER A 212 1.60 26.22 -11.01
CA SER A 212 1.36 27.44 -10.20
C SER A 212 0.72 27.07 -8.85
N GLN A 213 -0.41 26.38 -8.87
CA GLN A 213 -1.23 26.07 -7.66
C GLN A 213 -0.43 25.18 -6.72
N ARG A 214 0.30 24.20 -7.24
CA ARG A 214 1.17 23.31 -6.43
C ARG A 214 2.18 24.16 -5.66
N THR A 215 2.81 25.16 -6.30
CA THR A 215 3.82 26.04 -5.65
C THR A 215 3.13 26.90 -4.58
N HIS A 216 1.93 27.39 -4.86
CA HIS A 216 1.09 28.15 -3.87
C HIS A 216 0.94 27.31 -2.60
N GLU A 217 0.51 26.05 -2.76
CA GLU A 217 0.16 25.12 -1.64
C GLU A 217 1.42 24.74 -0.87
N ILE A 218 2.57 24.64 -1.55
CA ILE A 218 3.87 24.24 -0.93
C ILE A 218 4.37 25.43 -0.09
N LEU A 219 4.41 26.63 -0.67
CA LEU A 219 4.86 27.88 0.03
C LEU A 219 3.93 28.17 1.22
N ALA A 220 2.63 27.89 1.09
CA ALA A 220 1.58 28.15 2.10
C ALA A 220 1.88 27.37 3.39
N ARG A 221 2.52 26.20 3.26
CA ARG A 221 2.91 25.31 4.38
C ARG A 221 4.37 25.59 4.79
N GLY A 222 4.98 26.63 4.24
CA GLY A 222 6.29 27.16 4.65
C GLY A 222 7.46 26.39 4.05
N TRP A 223 7.25 25.71 2.92
CA TRP A 223 8.29 24.92 2.20
C TRP A 223 8.66 25.62 0.88
N ALA A 224 9.86 25.35 0.37
CA ALA A 224 10.32 25.74 -0.98
C ALA A 224 9.76 24.76 -2.01
N ALA A 225 9.39 25.28 -3.18
CA ALA A 225 8.97 24.50 -4.37
C ALA A 225 10.11 24.54 -5.39
N VAL A 226 10.56 23.37 -5.84
CA VAL A 226 11.54 23.20 -6.94
C VAL A 226 10.87 22.32 -8.01
N VAL A 227 10.98 22.71 -9.28
CA VAL A 227 10.26 22.05 -10.42
C VAL A 227 11.27 21.76 -11.52
N ALA A 228 11.45 20.47 -11.85
CA ALA A 228 12.39 19.97 -12.87
C ALA A 228 11.66 19.02 -13.82
N GLU A 229 11.89 19.15 -15.13
CA GLU A 229 11.29 18.27 -16.16
C GLU A 229 12.04 16.93 -16.15
N ILE A 230 11.41 15.90 -16.73
CA ILE A 230 11.91 14.49 -16.70
C ILE A 230 12.62 14.17 -18.02
N PRO A 231 13.47 13.13 -18.06
CA PRO A 231 14.13 12.71 -19.29
C PRO A 231 13.17 12.49 -20.46
N GLY A 232 13.56 12.96 -21.64
CA GLY A 232 12.78 12.83 -22.89
C GLY A 232 11.65 13.84 -23.01
N THR A 233 11.65 14.91 -22.20
CA THR A 233 10.64 16.00 -22.29
C THR A 233 11.30 17.37 -22.21
N ALA A 234 10.63 18.37 -22.79
CA ALA A 234 10.88 19.81 -22.59
C ALA A 234 12.37 20.12 -22.68
N ASP A 235 12.97 20.66 -21.62
CA ASP A 235 14.37 21.17 -21.59
C ASP A 235 15.24 20.28 -20.70
N CYS A 236 14.79 19.06 -20.42
CA CYS A 236 15.60 18.08 -19.63
C CYS A 236 16.80 17.64 -20.46
N PRO A 237 18.04 17.78 -19.94
CA PRO A 237 19.24 17.42 -20.70
C PRO A 237 19.64 15.93 -20.63
N ALA A 238 18.92 15.13 -19.85
CA ALA A 238 19.20 13.69 -19.62
C ALA A 238 19.00 12.91 -20.92
N ASP A 239 19.94 12.03 -21.27
CA ASP A 239 19.81 11.12 -22.44
C ASP A 239 18.55 10.28 -22.23
N PRO A 240 17.47 10.48 -23.05
CA PRO A 240 16.24 9.72 -22.88
C PRO A 240 16.42 8.20 -23.09
N ALA A 241 17.37 7.82 -23.97
CA ALA A 241 17.62 6.42 -24.40
C ALA A 241 18.48 5.69 -23.36
N ASP A 242 19.01 6.38 -22.34
CA ASP A 242 19.84 5.78 -21.26
C ASP A 242 19.03 5.70 -19.98
N PRO A 243 18.59 4.49 -19.54
CA PRO A 243 17.84 4.34 -18.28
C PRO A 243 18.55 4.91 -17.04
N ALA A 244 19.88 5.08 -17.10
CA ALA A 244 20.72 5.61 -15.99
C ALA A 244 20.65 7.14 -15.91
N SER A 245 20.19 7.82 -16.97
CA SER A 245 20.30 9.29 -17.14
C SER A 245 19.58 10.07 -16.03
N PRO A 246 18.37 9.68 -15.56
CA PRO A 246 17.73 10.40 -14.45
C PRO A 246 18.55 10.36 -13.15
N ASP A 247 19.25 9.25 -12.88
CA ASP A 247 20.12 9.09 -11.68
C ASP A 247 21.17 10.22 -11.68
N ARG A 248 21.78 10.47 -12.83
CA ARG A 248 22.80 11.52 -13.05
C ARG A 248 22.15 12.90 -12.93
N LEU A 249 20.95 13.06 -13.50
CA LEU A 249 20.17 14.33 -13.47
C LEU A 249 19.97 14.76 -12.01
N TRP A 250 19.42 13.87 -11.16
CA TRP A 250 19.09 14.19 -9.75
C TRP A 250 20.37 14.40 -8.94
N ASP A 251 21.47 13.70 -9.26
CA ASP A 251 22.79 13.94 -8.62
C ASP A 251 23.18 15.41 -8.78
N SER A 252 23.01 15.96 -9.99
CA SER A 252 23.28 17.39 -10.32
C SER A 252 22.29 18.30 -9.59
N VAL A 253 20.99 18.01 -9.69
CA VAL A 253 19.90 18.84 -9.09
C VAL A 253 20.10 18.88 -7.56
N LEU A 254 20.25 17.72 -6.92
CA LEU A 254 20.34 17.61 -5.43
C LEU A 254 21.64 18.28 -4.95
N SER A 255 22.73 18.15 -5.71
CA SER A 255 24.05 18.76 -5.39
CA SER A 255 24.05 18.76 -5.39
C SER A 255 23.91 20.29 -5.31
N TYR A 256 23.14 20.87 -6.25
CA TYR A 256 22.89 22.34 -6.31
C TYR A 256 22.06 22.76 -5.10
N LEU A 257 21.01 22.01 -4.76
CA LEU A 257 20.10 22.31 -3.62
C LEU A 257 20.87 22.18 -2.29
N ASP A 258 21.76 21.20 -2.18
CA ASP A 258 22.67 21.05 -1.02
C ASP A 258 23.37 22.38 -0.74
N GLN A 259 23.83 23.05 -1.80
CA GLN A 259 24.69 24.27 -1.75
C GLN A 259 23.85 25.53 -1.42
N ARG A 260 22.55 25.53 -1.73
CA ARG A 260 21.64 26.69 -1.48
C ARG A 260 21.42 26.83 0.03
N PRO A 261 21.94 27.91 0.67
CA PRO A 261 21.92 28.04 2.12
C PRO A 261 20.53 28.03 2.80
N GLU A 262 19.48 28.48 2.10
CA GLU A 262 18.13 28.69 2.69
C GLU A 262 17.24 27.47 2.44
N LEU A 263 17.71 26.46 1.71
CA LEU A 263 16.94 25.22 1.38
C LEU A 263 17.53 24.04 2.15
N ASN A 264 16.69 23.30 2.88
CA ASN A 264 17.09 22.17 3.77
C ASN A 264 16.88 20.84 3.04
N THR A 265 17.95 20.29 2.45
CA THR A 265 17.92 18.99 1.72
C THR A 265 17.84 17.82 2.70
N ALA A 266 17.93 18.09 4.01
CA ALA A 266 17.69 17.10 5.09
C ALA A 266 16.18 16.86 5.24
N LYS A 267 15.35 17.81 4.81
CA LYS A 267 13.86 17.71 4.85
C LYS A 267 13.32 17.90 3.42
N MET A 268 13.53 16.91 2.56
CA MET A 268 13.22 16.99 1.11
C MET A 268 12.34 15.80 0.71
N VAL A 269 11.27 16.10 -0.03
CA VAL A 269 10.35 15.09 -0.65
C VAL A 269 10.31 15.36 -2.16
N VAL A 270 10.18 14.30 -2.96
CA VAL A 270 9.99 14.41 -4.43
C VAL A 270 8.51 14.13 -4.74
N TRP A 271 7.97 14.80 -5.75
CA TRP A 271 6.55 14.67 -6.18
C TRP A 271 6.53 14.44 -7.69
N GLY A 272 6.44 13.17 -8.12
CA GLY A 272 6.37 12.77 -9.54
C GLY A 272 4.95 12.87 -10.08
N LEU A 273 4.74 13.67 -11.13
CA LEU A 273 3.42 13.96 -11.72
C LEU A 273 3.23 13.19 -13.03
N SER A 274 2.33 12.20 -13.03
CA SER A 274 1.99 11.34 -14.18
C SER A 274 3.26 10.61 -14.68
N ALA A 275 3.81 11.00 -15.83
CA ALA A 275 5.09 10.46 -16.36
C ALA A 275 6.23 10.69 -15.35
N GLY A 276 6.15 11.77 -14.57
CA GLY A 276 7.08 12.08 -13.46
C GLY A 276 7.05 11.02 -12.37
N GLY A 277 5.92 10.33 -12.20
CA GLY A 277 5.72 9.28 -11.19
C GLY A 277 6.79 8.20 -11.26
N TYR A 278 7.10 7.72 -12.48
CA TYR A 278 8.18 6.72 -12.76
C TYR A 278 9.49 7.16 -12.09
N TYR A 279 9.82 8.44 -12.21
CA TYR A 279 11.11 9.04 -11.77
C TYR A 279 11.09 9.31 -10.27
N ALA A 280 9.90 9.54 -9.70
CA ALA A 280 9.69 9.64 -8.24
C ALA A 280 9.96 8.26 -7.61
N ILE A 281 9.34 7.20 -8.16
CA ILE A 281 9.55 5.78 -7.72
C ILE A 281 11.03 5.45 -7.85
N ARG A 282 11.64 5.78 -8.98
CA ARG A 282 13.06 5.42 -9.25
C ARG A 282 13.96 6.10 -8.20
N ALA A 283 13.74 7.40 -7.98
CA ALA A 283 14.52 8.27 -7.07
C ALA A 283 14.32 7.83 -5.62
N ALA A 284 13.12 7.35 -5.27
CA ALA A 284 12.80 6.80 -3.92
C ALA A 284 13.80 5.69 -3.56
N HIS A 285 14.27 4.94 -4.57
CA HIS A 285 15.27 3.84 -4.43
C HIS A 285 16.70 4.38 -4.57
N THR A 286 17.00 5.09 -5.67
CA THR A 286 18.39 5.49 -6.04
C THR A 286 18.93 6.56 -5.08
N HIS A 287 18.06 7.43 -4.56
CA HIS A 287 18.42 8.61 -3.73
C HIS A 287 17.74 8.54 -2.35
N ARG A 288 17.45 7.33 -1.88
CA ARG A 288 16.70 7.06 -0.62
C ARG A 288 17.38 7.73 0.58
N ASP A 289 18.71 7.82 0.59
CA ASP A 289 19.51 8.39 1.72
C ASP A 289 19.63 9.91 1.59
N ARG A 290 18.90 10.53 0.64
CA ARG A 290 18.89 12.01 0.44
C ARG A 290 17.44 12.56 0.44
N LEU A 291 16.44 11.70 0.66
CA LEU A 291 14.99 12.08 0.63
C LEU A 291 14.28 11.52 1.86
N LEU A 292 13.40 12.32 2.47
CA LEU A 292 12.48 11.90 3.56
C LEU A 292 11.29 11.14 2.97
N GLY A 293 10.91 11.46 1.72
CA GLY A 293 9.71 10.86 1.09
C GLY A 293 9.64 11.12 -0.39
N ALA A 294 8.82 10.32 -1.09
CA ALA A 294 8.47 10.49 -2.52
C ALA A 294 6.97 10.29 -2.67
N ILE A 295 6.32 11.11 -3.51
CA ILE A 295 4.94 10.87 -3.99
C ILE A 295 5.01 10.54 -5.48
N ALA A 296 4.43 9.40 -5.87
CA ALA A 296 4.27 8.95 -7.26
C ALA A 296 2.79 9.04 -7.62
N HIS A 297 2.43 10.09 -8.38
CA HIS A 297 1.04 10.50 -8.69
C HIS A 297 0.67 10.02 -10.10
N GLY A 298 -0.18 8.99 -10.20
CA GLY A 298 -0.54 8.30 -11.45
C GLY A 298 0.69 7.73 -12.16
N PRO A 299 1.51 6.90 -11.47
CA PRO A 299 2.76 6.40 -12.05
C PRO A 299 2.66 5.12 -12.88
N GLY A 300 3.53 5.01 -13.90
CA GLY A 300 3.90 3.74 -14.54
C GLY A 300 5.29 3.32 -14.12
N CYS A 301 5.59 2.02 -14.11
CA CYS A 301 6.96 1.51 -13.79
C CYS A 301 7.25 0.16 -14.47
N HIS A 302 6.26 -0.52 -15.06
CA HIS A 302 6.42 -1.89 -15.58
C HIS A 302 5.34 -2.24 -16.62
N TYR A 303 4.10 -2.46 -16.16
CA TYR A 303 2.99 -3.00 -16.99
C TYR A 303 2.52 -1.96 -18.03
N TYR A 304 2.81 -0.67 -17.84
CA TYR A 304 2.43 0.38 -18.82
C TYR A 304 3.18 0.14 -20.14
N LEU A 305 4.30 -0.61 -20.10
CA LEU A 305 5.16 -0.90 -21.28
C LEU A 305 4.85 -2.30 -21.85
N ASP A 306 3.91 -3.04 -21.24
CA ASP A 306 3.42 -4.34 -21.77
C ASP A 306 2.77 -4.08 -23.12
N PRO A 307 3.17 -4.78 -24.21
CA PRO A 307 2.56 -4.59 -25.54
C PRO A 307 1.03 -4.67 -25.55
N GLU A 308 0.45 -5.60 -24.76
CA GLU A 308 -1.01 -5.75 -24.56
C GLU A 308 -1.61 -4.41 -24.10
N TRP A 309 -1.00 -3.78 -23.09
CA TRP A 309 -1.46 -2.48 -22.54
C TRP A 309 -1.31 -1.37 -23.58
N LEU A 310 -0.16 -1.33 -24.27
CA LEU A 310 0.17 -0.29 -25.28
C LEU A 310 -0.75 -0.43 -26.50
N ALA A 311 -1.30 -1.63 -26.73
CA ALA A 311 -2.21 -1.94 -27.87
C ALA A 311 -3.50 -1.12 -27.75
N LYS A 312 -3.92 -0.77 -26.53
CA LYS A 312 -5.24 -0.10 -26.27
C LYS A 312 -5.09 1.19 -25.46
N VAL A 313 -3.87 1.64 -25.15
CA VAL A 313 -3.65 2.87 -24.32
C VAL A 313 -4.24 4.09 -25.05
N ASN A 314 -4.14 4.13 -26.39
CA ASN A 314 -4.65 5.26 -27.22
C ASN A 314 -6.17 5.33 -27.20
N ASP A 315 -6.85 4.28 -26.69
CA ASP A 315 -8.34 4.16 -26.73
C ASP A 315 -8.98 4.69 -25.44
N HIS A 316 -8.18 5.17 -24.47
CA HIS A 316 -8.65 5.50 -23.09
C HIS A 316 -8.71 7.02 -22.90
N GLU A 317 -8.55 7.50 -21.66
CA GLU A 317 -9.00 8.85 -21.21
C GLU A 317 -8.04 9.95 -21.68
N TYR A 318 -6.79 9.64 -22.03
CA TYR A 318 -5.82 10.67 -22.49
C TYR A 318 -6.42 11.41 -23.70
N PRO A 319 -6.38 12.76 -23.74
CA PRO A 319 -7.12 13.53 -24.74
C PRO A 319 -6.79 13.17 -26.20
N PHE A 320 -5.54 12.79 -26.50
CA PHE A 320 -5.04 12.52 -27.86
C PHE A 320 -4.22 11.23 -27.87
N GLU A 321 -3.79 10.79 -29.06
CA GLU A 321 -2.87 9.64 -29.24
C GLU A 321 -1.61 9.90 -28.39
N ILE A 322 -1.19 8.91 -27.61
CA ILE A 322 -0.06 9.04 -26.62
C ILE A 322 1.16 8.23 -27.09
N THR A 323 0.97 7.15 -27.88
CA THR A 323 2.03 6.15 -28.18
C THR A 323 3.21 6.79 -28.92
N ALA A 324 2.96 7.74 -29.83
CA ALA A 324 4.01 8.45 -30.60
C ALA A 324 4.88 9.27 -29.65
N ALA A 325 4.26 10.10 -28.79
CA ALA A 325 4.93 10.92 -27.76
C ALA A 325 5.76 10.02 -26.84
N TRP A 326 5.17 8.93 -26.36
CA TRP A 326 5.83 7.94 -25.46
C TRP A 326 7.08 7.37 -26.15
N ALA A 327 6.98 6.95 -27.41
CA ALA A 327 8.13 6.41 -28.20
C ALA A 327 9.28 7.40 -28.13
N THR A 328 9.02 8.68 -28.41
CA THR A 328 10.04 9.77 -28.46
C THR A 328 10.60 10.02 -27.05
N LYS A 329 9.74 10.04 -26.03
CA LYS A 329 10.11 10.31 -24.61
C LYS A 329 11.05 9.21 -24.10
N HIS A 330 10.88 7.97 -24.60
CA HIS A 330 11.70 6.79 -24.21
C HIS A 330 12.92 6.66 -25.12
N GLY A 331 13.10 7.61 -26.06
CA GLY A 331 14.31 7.74 -26.90
C GLY A 331 14.30 6.79 -28.10
N TYR A 332 13.11 6.37 -28.54
CA TYR A 332 12.92 5.46 -29.71
C TYR A 332 12.62 6.29 -30.97
N LYS A 333 13.07 5.80 -32.12
CA LYS A 333 12.91 6.46 -33.44
C LYS A 333 11.55 6.10 -34.05
N THR A 334 10.97 4.96 -33.64
CA THR A 334 9.64 4.47 -34.13
C THR A 334 8.83 3.90 -32.96
N VAL A 335 7.50 3.90 -33.11
CA VAL A 335 6.54 3.31 -32.13
CA VAL A 335 6.54 3.31 -32.13
C VAL A 335 6.75 1.79 -32.11
N GLU A 336 7.04 1.20 -33.28
CA GLU A 336 7.27 -0.26 -33.44
C GLU A 336 8.41 -0.71 -32.51
N GLU A 337 9.55 -0.02 -32.56
CA GLU A 337 10.77 -0.31 -31.75
C GLU A 337 10.46 -0.12 -30.26
N PHE A 338 9.73 0.95 -29.91
CA PHE A 338 9.31 1.28 -28.52
C PHE A 338 8.54 0.08 -27.93
N VAL A 339 7.48 -0.36 -28.62
CA VAL A 339 6.58 -1.46 -28.17
C VAL A 339 7.42 -2.73 -27.96
N ALA A 340 8.34 -3.02 -28.87
CA ALA A 340 9.16 -4.26 -28.89
C ALA A 340 10.18 -4.29 -27.75
N GLY A 341 10.71 -3.13 -27.34
CA GLY A 341 11.94 -3.03 -26.52
C GLY A 341 11.74 -2.38 -25.15
N ALA A 342 10.82 -1.41 -25.03
CA ALA A 342 10.74 -0.45 -23.90
C ALA A 342 10.69 -1.17 -22.55
N GLN A 343 9.90 -2.24 -22.41
CA GLN A 343 9.61 -2.83 -21.08
C GLN A 343 10.90 -3.41 -20.48
N LYS A 344 11.61 -4.28 -21.20
CA LYS A 344 12.85 -4.94 -20.70
C LYS A 344 13.93 -3.88 -20.40
N LYS A 345 13.91 -2.73 -21.10
CA LYS A 345 14.95 -1.68 -20.97
C LYS A 345 14.61 -0.72 -19.82
N PHE A 346 13.34 -0.33 -19.66
CA PHE A 346 12.92 0.79 -18.77
C PHE A 346 12.14 0.31 -17.53
N SER A 347 11.53 -0.87 -17.58
CA SER A 347 10.75 -1.42 -16.43
C SER A 347 11.61 -1.42 -15.17
N LEU A 348 11.15 -0.72 -14.11
CA LEU A 348 11.83 -0.67 -12.79
C LEU A 348 11.78 -2.05 -12.11
N VAL A 349 10.82 -2.89 -12.51
CA VAL A 349 10.69 -4.30 -12.04
C VAL A 349 11.73 -5.16 -12.78
N GLU A 350 11.69 -5.14 -14.12
CA GLU A 350 12.55 -5.99 -14.99
C GLU A 350 14.04 -5.69 -14.70
N THR A 351 14.41 -4.42 -14.52
CA THR A 351 15.82 -3.97 -14.37
C THR A 351 16.30 -4.16 -12.92
N GLY A 352 15.38 -4.36 -11.97
CA GLY A 352 15.70 -4.72 -10.57
C GLY A 352 15.84 -3.50 -9.66
N ILE A 353 15.46 -2.31 -10.13
CA ILE A 353 15.52 -1.06 -9.31
C ILE A 353 14.65 -1.23 -8.06
N VAL A 354 13.56 -1.99 -8.16
CA VAL A 354 12.54 -2.20 -7.08
C VAL A 354 13.11 -3.16 -6.02
N ASP A 355 14.19 -3.87 -6.32
CA ASP A 355 14.79 -4.90 -5.42
C ASP A 355 15.90 -4.25 -4.58
N GLN A 356 15.56 -3.14 -3.91
CA GLN A 356 16.40 -2.45 -2.90
C GLN A 356 15.49 -1.63 -2.01
N PRO A 357 15.95 -1.18 -0.82
CA PRO A 357 15.16 -0.29 0.02
C PRO A 357 14.82 1.03 -0.70
N SER A 358 13.81 1.73 -0.19
CA SER A 358 13.41 3.09 -0.64
C SER A 358 13.04 3.93 0.59
N CYS A 359 13.12 5.25 0.45
CA CYS A 359 12.49 6.22 1.40
C CYS A 359 10.97 5.99 1.37
N ARG A 360 10.23 6.63 2.27
CA ARG A 360 8.75 6.54 2.28
C ARG A 360 8.26 6.91 0.88
N LEU A 361 7.40 6.07 0.29
CA LEU A 361 6.89 6.22 -1.10
C LEU A 361 5.36 6.16 -1.06
N LEU A 362 4.69 7.29 -1.29
CA LEU A 362 3.21 7.36 -1.41
C LEU A 362 2.81 7.18 -2.88
N LEU A 363 1.94 6.21 -3.14
CA LEU A 363 1.44 5.86 -4.49
C LEU A 363 -0.03 6.30 -4.57
N LEU A 364 -0.35 7.23 -5.46
CA LEU A 364 -1.72 7.82 -5.61
C LEU A 364 -2.19 7.62 -7.05
N ASN A 365 -3.39 7.10 -7.24
CA ASN A 365 -3.99 6.95 -8.59
C ASN A 365 -5.49 6.62 -8.49
N GLY A 366 -6.19 6.78 -9.60
CA GLY A 366 -7.50 6.15 -9.85
C GLY A 366 -7.31 4.67 -10.18
N VAL A 367 -8.16 3.81 -9.61
CA VAL A 367 -8.13 2.33 -9.85
C VAL A 367 -8.38 2.08 -11.35
N ASP A 368 -9.25 2.88 -11.98
CA ASP A 368 -9.66 2.73 -13.40
C ASP A 368 -8.78 3.59 -14.32
N ASP A 369 -7.50 3.74 -13.99
CA ASP A 369 -6.50 4.42 -14.86
C ASP A 369 -6.35 3.60 -16.15
N GLY A 370 -6.61 4.22 -17.31
CA GLY A 370 -6.48 3.61 -18.65
C GLY A 370 -5.25 4.13 -19.40
N VAL A 371 -4.46 5.01 -18.77
CA VAL A 371 -3.19 5.56 -19.34
C VAL A 371 -2.02 4.70 -18.85
N VAL A 372 -1.92 4.52 -17.53
CA VAL A 372 -1.02 3.51 -16.88
C VAL A 372 -1.86 2.65 -15.95
N PRO A 373 -1.58 1.34 -15.85
CA PRO A 373 -2.44 0.44 -15.08
C PRO A 373 -2.23 0.64 -13.58
N ILE A 374 -3.28 0.48 -12.79
CA ILE A 374 -3.20 0.51 -11.29
C ILE A 374 -2.23 -0.60 -10.83
N GLU A 375 -2.04 -1.64 -11.64
CA GLU A 375 -1.06 -2.75 -11.38
C GLU A 375 0.34 -2.18 -11.14
N ASP A 376 0.67 -1.01 -11.72
CA ASP A 376 2.03 -0.42 -11.62
C ASP A 376 2.25 0.24 -10.26
N CYS A 377 1.17 0.55 -9.53
CA CYS A 377 1.23 0.87 -8.07
C CYS A 377 1.33 -0.43 -7.26
N LEU A 378 0.39 -1.35 -7.47
CA LEU A 378 0.21 -2.60 -6.66
C LEU A 378 1.46 -3.47 -6.74
N VAL A 379 2.17 -3.48 -7.88
CA VAL A 379 3.37 -4.34 -8.10
C VAL A 379 4.47 -3.96 -7.08
N LEU A 380 4.57 -2.68 -6.71
CA LEU A 380 5.67 -2.15 -5.86
C LEU A 380 5.55 -2.65 -4.41
N PHE A 381 4.39 -3.18 -4.02
CA PHE A 381 4.14 -3.77 -2.69
C PHE A 381 4.75 -5.18 -2.62
N GLU A 382 5.15 -5.74 -3.76
CA GLU A 382 5.75 -7.10 -3.86
C GLU A 382 7.28 -7.04 -3.88
N HIS A 383 7.87 -5.84 -3.72
CA HIS A 383 9.34 -5.63 -3.80
C HIS A 383 9.82 -4.69 -2.69
N GLY A 384 11.07 -4.87 -2.24
CA GLY A 384 11.82 -3.92 -1.38
C GLY A 384 11.03 -3.49 -0.14
N SER A 385 11.13 -2.20 0.22
CA SER A 385 10.54 -1.62 1.45
C SER A 385 9.02 -1.60 1.35
N PRO A 386 8.28 -1.59 2.47
CA PRO A 386 6.85 -1.30 2.44
C PRO A 386 6.57 0.03 1.71
N LYS A 387 5.52 0.05 0.88
CA LYS A 387 5.05 1.25 0.15
C LYS A 387 3.73 1.73 0.77
N GLU A 388 3.42 3.03 0.63
N GLU A 388 3.45 3.03 0.64
CA GLU A 388 2.15 3.63 1.08
CA GLU A 388 2.15 3.64 1.07
C GLU A 388 1.32 3.95 -0.16
C GLU A 388 1.32 3.90 -0.19
N GLY A 389 0.00 3.78 -0.08
CA GLY A 389 -0.90 3.89 -1.23
C GLY A 389 -2.29 4.37 -0.84
N ARG A 390 -2.95 5.03 -1.77
CA ARG A 390 -4.41 5.34 -1.71
C ARG A 390 -4.89 5.31 -3.16
N PHE A 391 -5.77 4.37 -3.50
CA PHE A 391 -6.27 4.14 -4.88
C PHE A 391 -7.78 4.41 -4.88
N TYR A 392 -8.23 5.25 -5.81
CA TYR A 392 -9.62 5.78 -5.84
C TYR A 392 -10.46 4.91 -6.78
N LYS A 393 -11.40 4.15 -6.21
CA LYS A 393 -12.29 3.24 -6.97
C LYS A 393 -13.12 4.08 -7.96
N GLY A 394 -13.11 3.69 -9.25
CA GLY A 394 -13.96 4.29 -10.30
C GLY A 394 -13.28 5.40 -11.07
N LEU A 395 -12.27 6.05 -10.50
CA LEU A 395 -11.64 7.28 -11.06
C LEU A 395 -10.56 6.91 -12.07
N PRO A 396 -10.36 7.73 -13.12
CA PRO A 396 -9.33 7.49 -14.12
C PRO A 396 -7.96 8.05 -13.73
N HIS A 397 -7.05 8.17 -14.70
CA HIS A 397 -5.63 8.60 -14.53
C HIS A 397 -5.52 9.78 -13.54
N MET A 398 -4.69 9.63 -12.51
CA MET A 398 -4.34 10.63 -11.46
C MET A 398 -5.34 10.58 -10.30
N GLY A 399 -6.60 10.22 -10.57
CA GLY A 399 -7.68 10.17 -9.56
C GLY A 399 -7.95 11.53 -8.95
N TYR A 400 -7.98 12.58 -9.76
CA TYR A 400 -8.32 13.97 -9.36
C TYR A 400 -9.83 14.10 -9.23
N PRO A 401 -10.34 15.04 -8.39
CA PRO A 401 -9.51 15.86 -7.51
C PRO A 401 -9.19 15.23 -6.15
N ASN A 402 -9.75 14.03 -5.89
CA ASN A 402 -9.70 13.31 -4.59
C ASN A 402 -8.24 13.16 -4.10
N SER A 403 -7.29 12.94 -5.02
CA SER A 403 -5.89 12.57 -4.71
C SER A 403 -5.04 13.79 -4.31
N LEU A 404 -5.56 15.01 -4.44
CA LEU A 404 -4.78 16.26 -4.17
C LEU A 404 -4.74 16.56 -2.67
N PRO A 405 -5.88 16.66 -1.95
CA PRO A 405 -5.84 16.93 -0.50
C PRO A 405 -4.91 15.97 0.27
N VAL A 406 -5.00 14.66 -0.02
CA VAL A 406 -4.23 13.61 0.71
C VAL A 406 -2.73 13.82 0.47
N SER A 407 -2.35 14.35 -0.69
CA SER A 407 -0.94 14.66 -1.05
C SER A 407 -0.35 15.63 -0.02
N TYR A 408 -1.06 16.72 0.25
CA TYR A 408 -0.60 17.80 1.18
C TYR A 408 -0.64 17.29 2.63
N GLU A 409 -1.63 16.46 2.99
CA GLU A 409 -1.72 15.82 4.33
C GLU A 409 -0.48 14.97 4.58
N TRP A 410 -0.06 14.19 3.58
CA TRP A 410 1.10 13.25 3.66
C TRP A 410 2.41 14.05 3.75
N LEU A 411 2.58 15.07 2.90
CA LEU A 411 3.73 16.01 2.91
C LEU A 411 3.87 16.61 4.32
N GLU A 412 2.77 17.11 4.89
CA GLU A 412 2.71 17.72 6.25
C GLU A 412 3.26 16.72 7.28
N GLN A 413 2.82 15.46 7.18
CA GLN A 413 3.21 14.38 8.14
CA GLN A 413 3.21 14.37 8.12
C GLN A 413 4.71 14.08 7.98
N VAL A 414 5.17 13.93 6.73
CA VAL A 414 6.58 13.54 6.40
C VAL A 414 7.54 14.68 6.77
N LEU A 415 7.18 15.92 6.45
CA LEU A 415 8.03 17.13 6.67
C LEU A 415 7.76 17.74 8.05
N ALA A 416 7.06 17.04 8.95
CA ALA A 416 6.67 17.54 10.30
C ALA A 416 7.92 17.86 11.13
N SER A 417 7.77 18.74 12.12
CA SER A 417 8.85 19.17 13.06
C SER A 417 8.93 18.18 14.23
N ARG B 20 -12.73 -15.08 -9.07
CA ARG B 20 -11.35 -14.92 -9.60
C ARG B 20 -10.46 -14.28 -8.52
N TRP B 21 -9.95 -15.11 -7.61
CA TRP B 21 -9.07 -14.70 -6.48
C TRP B 21 -7.62 -14.61 -6.98
N ILE B 22 -6.83 -13.71 -6.39
CA ILE B 22 -5.38 -13.53 -6.70
C ILE B 22 -4.64 -14.84 -6.42
N LEU B 23 -5.09 -15.60 -5.40
CA LEU B 23 -4.57 -16.94 -5.03
C LEU B 23 -4.54 -17.84 -6.29
N GLY B 24 -5.51 -17.65 -7.20
CA GLY B 24 -5.51 -18.22 -8.56
C GLY B 24 -5.70 -19.73 -8.55
N ASP B 25 -4.77 -20.46 -9.16
CA ASP B 25 -4.83 -21.95 -9.34
C ASP B 25 -4.95 -22.62 -7.97
N LYS B 26 -4.21 -22.13 -6.97
CA LYS B 26 -4.13 -22.71 -5.59
C LYS B 26 -5.50 -22.68 -4.90
N PHE B 27 -6.39 -21.74 -5.26
CA PHE B 27 -7.74 -21.59 -4.65
C PHE B 27 -8.54 -22.88 -4.85
N ASP B 28 -8.63 -23.37 -6.09
CA ASP B 28 -9.40 -24.57 -6.48
C ASP B 28 -8.51 -25.82 -6.37
N THR B 29 -7.90 -26.03 -5.19
CA THR B 29 -7.08 -27.22 -4.86
C THR B 29 -7.37 -27.67 -3.43
N VAL B 30 -7.27 -28.98 -3.18
CA VAL B 30 -7.31 -29.60 -1.82
C VAL B 30 -5.86 -29.89 -1.41
N PHE B 31 -5.36 -29.20 -0.38
CA PHE B 31 -3.95 -29.29 0.09
C PHE B 31 -3.70 -30.70 0.61
N PRO B 32 -2.46 -31.24 0.49
CA PRO B 32 -2.20 -32.66 0.74
C PRO B 32 -2.47 -33.11 2.20
N HIS B 33 -2.35 -32.18 3.14
CA HIS B 33 -2.46 -32.44 4.61
C HIS B 33 -3.91 -32.37 5.10
N LYS B 34 -4.87 -32.03 4.23
CA LYS B 34 -6.31 -31.92 4.63
C LYS B 34 -6.81 -33.30 5.08
N GLY B 35 -7.11 -33.44 6.37
CA GLY B 35 -7.64 -34.69 6.97
C GLY B 35 -6.54 -35.69 7.28
N SER B 36 -5.27 -35.31 7.13
CA SER B 36 -4.09 -36.19 7.35
C SER B 36 -3.08 -35.52 8.28
N LEU B 37 -3.16 -35.80 9.58
CA LEU B 37 -2.17 -35.38 10.61
C LEU B 37 -0.81 -35.97 10.24
N LYS B 38 -0.79 -37.18 9.68
CA LYS B 38 0.45 -37.88 9.21
C LYS B 38 1.17 -36.97 8.20
N VAL B 39 0.49 -36.55 7.14
CA VAL B 39 1.06 -35.69 6.07
C VAL B 39 1.47 -34.35 6.69
N LEU B 40 0.61 -33.73 7.50
CA LEU B 40 0.89 -32.45 8.20
C LEU B 40 2.24 -32.54 8.92
N TRP B 41 2.42 -33.60 9.73
CA TRP B 41 3.66 -33.82 10.53
C TRP B 41 4.85 -34.09 9.61
N GLU B 42 4.77 -35.15 8.81
CA GLU B 42 5.92 -35.73 8.05
C GLU B 42 6.38 -34.77 6.94
N SER B 43 5.52 -33.83 6.50
CA SER B 43 5.81 -32.91 5.37
C SER B 43 6.19 -31.50 5.86
N ARG B 44 5.47 -30.97 6.86
N ARG B 44 5.47 -30.98 6.86
CA ARG B 44 5.55 -29.55 7.29
CA ARG B 44 5.55 -29.55 7.30
C ARG B 44 5.94 -29.43 8.78
C ARG B 44 5.95 -29.46 8.77
N TRP B 45 5.08 -29.91 9.68
CA TRP B 45 5.18 -29.63 11.15
C TRP B 45 6.46 -30.21 11.76
N LYS B 46 6.91 -31.39 11.32
CA LYS B 46 8.18 -32.00 11.79
C LYS B 46 9.32 -30.97 11.66
N PHE B 47 9.39 -30.29 10.51
CA PHE B 47 10.48 -29.34 10.16
C PHE B 47 10.30 -28.04 10.95
N ALA B 48 9.07 -27.51 10.97
CA ALA B 48 8.70 -26.33 11.80
C ALA B 48 9.11 -26.58 13.25
N CYS B 49 8.83 -27.78 13.76
CA CYS B 49 9.13 -28.20 15.16
C CYS B 49 10.65 -28.25 15.37
N SER B 50 11.40 -28.82 14.43
CA SER B 50 12.88 -28.95 14.50
C SER B 50 13.54 -27.56 14.60
N LYS B 51 13.03 -26.58 13.85
CA LYS B 51 13.60 -25.20 13.78
C LYS B 51 13.11 -24.35 14.96
N SER B 52 12.12 -24.85 15.72
CA SER B 52 11.48 -24.14 16.86
CA SER B 52 11.48 -24.14 16.86
C SER B 52 10.89 -22.81 16.34
N VAL B 53 10.21 -22.88 15.19
CA VAL B 53 9.44 -21.75 14.59
C VAL B 53 7.95 -22.10 14.66
N TYR B 54 7.08 -21.14 14.35
CA TYR B 54 5.61 -21.23 14.53
C TYR B 54 5.07 -22.50 13.88
N PRO B 55 4.15 -23.25 14.53
CA PRO B 55 3.62 -22.92 15.86
C PRO B 55 4.36 -23.53 17.05
N PHE B 56 5.60 -23.98 16.84
CA PHE B 56 6.42 -24.73 17.84
C PHE B 56 7.49 -23.82 18.46
N HIS B 57 7.33 -22.50 18.36
CA HIS B 57 8.23 -21.48 18.96
C HIS B 57 8.37 -21.77 20.48
N ASP B 58 9.61 -21.80 20.98
CA ASP B 58 9.99 -22.12 22.38
C ASP B 58 10.01 -23.65 22.60
N GLY B 59 9.67 -24.45 21.58
CA GLY B 59 9.43 -25.90 21.69
C GLY B 59 10.62 -26.72 21.25
N SER B 60 10.59 -28.03 21.49
CA SER B 60 11.69 -28.99 21.18
C SER B 60 11.13 -30.25 20.49
N ILE B 61 11.66 -30.58 19.31
CA ILE B 61 11.35 -31.81 18.52
C ILE B 61 11.49 -33.07 19.38
N GLU B 62 12.32 -33.04 20.42
CA GLU B 62 12.50 -34.20 21.35
C GLU B 62 11.20 -34.46 22.11
N ASP B 63 10.40 -33.42 22.38
CA ASP B 63 9.12 -33.53 23.13
C ASP B 63 8.01 -34.06 22.22
N PHE B 64 7.99 -33.64 20.95
CA PHE B 64 6.83 -33.81 20.03
C PHE B 64 6.95 -35.11 19.21
N GLU B 65 8.14 -35.54 18.83
CA GLU B 65 8.32 -36.69 17.90
C GLU B 65 7.63 -37.92 18.45
N PRO B 66 7.82 -38.29 19.75
CA PRO B 66 7.11 -39.44 20.33
C PRO B 66 5.58 -39.31 20.32
N ILE B 67 5.06 -38.08 20.48
CA ILE B 67 3.60 -37.78 20.52
C ILE B 67 3.02 -37.97 19.11
N PHE B 68 3.66 -37.40 18.09
CA PHE B 68 3.19 -37.45 16.68
C PHE B 68 3.36 -38.88 16.13
N ASN B 69 4.43 -39.58 16.52
CA ASN B 69 4.63 -41.02 16.23
C ASN B 69 3.42 -41.79 16.76
N HIS B 70 2.98 -41.49 17.97
CA HIS B 70 1.81 -42.12 18.66
C HIS B 70 0.52 -41.81 17.90
N LEU B 71 0.28 -40.53 17.59
CA LEU B 71 -0.95 -40.03 16.91
C LEU B 71 -1.09 -40.68 15.53
N ILE B 72 -0.01 -40.77 14.77
CA ILE B 72 0.05 -41.38 13.41
C ILE B 72 -0.24 -42.88 13.50
N SER B 73 0.33 -43.58 14.48
CA SER B 73 0.20 -45.05 14.66
C SER B 73 -1.26 -45.42 14.95
N LYS B 74 -2.00 -44.55 15.64
CA LYS B 74 -3.44 -44.76 15.99
C LYS B 74 -4.35 -44.16 14.93
N ASN B 75 -3.78 -43.49 13.91
CA ASN B 75 -4.52 -42.84 12.79
C ASN B 75 -5.50 -41.80 13.38
N ILE B 76 -4.99 -40.93 14.26
CA ILE B 76 -5.75 -39.77 14.82
C ILE B 76 -5.45 -38.56 13.93
N ASN B 77 -6.50 -37.95 13.37
CA ASN B 77 -6.40 -36.83 12.39
C ASN B 77 -7.19 -35.61 12.89
N ASP B 78 -8.39 -35.82 13.45
CA ASP B 78 -9.27 -34.73 13.96
C ASP B 78 -8.65 -34.12 15.22
N ALA B 79 -8.15 -32.89 15.12
CA ALA B 79 -7.50 -32.14 16.22
C ALA B 79 -8.52 -31.78 17.30
N ALA B 80 -9.80 -31.63 16.93
CA ALA B 80 -10.92 -31.27 17.84
C ALA B 80 -11.15 -32.37 18.87
N SER B 81 -10.83 -33.63 18.53
CA SER B 81 -11.11 -34.84 19.36
C SER B 81 -10.27 -34.83 20.65
N ASP B 82 -10.78 -35.48 21.70
CA ASP B 82 -10.10 -35.64 23.00
C ASP B 82 -8.92 -36.62 22.86
N GLU B 83 -9.01 -37.53 21.88
CA GLU B 83 -7.95 -38.54 21.57
C GLU B 83 -6.66 -37.82 21.17
N TYR B 84 -6.78 -36.76 20.36
CA TYR B 84 -5.66 -35.87 19.94
C TYR B 84 -5.08 -35.18 21.17
N THR B 85 -5.90 -34.41 21.89
CA THR B 85 -5.49 -33.52 23.00
C THR B 85 -4.76 -34.31 24.09
N GLN B 86 -5.29 -35.47 24.47
CA GLN B 86 -4.85 -36.24 25.68
C GLN B 86 -3.47 -36.86 25.43
N ALA B 87 -3.07 -37.06 24.16
CA ALA B 87 -1.79 -37.71 23.75
C ALA B 87 -0.59 -36.86 24.19
N PHE B 88 -0.79 -35.57 24.47
CA PHE B 88 0.28 -34.57 24.77
C PHE B 88 0.54 -34.47 26.28
N LEU B 89 -0.44 -34.82 27.12
CA LEU B 89 -0.46 -34.46 28.58
C LEU B 89 0.65 -35.19 29.34
N PRO B 90 0.88 -36.52 29.15
CA PRO B 90 1.97 -37.19 29.86
C PRO B 90 3.35 -36.53 29.65
N THR B 91 3.69 -36.21 28.40
CA THR B 91 4.97 -35.52 28.02
C THR B 91 5.10 -34.20 28.81
N ALA B 92 4.02 -33.42 28.84
CA ALA B 92 3.96 -32.10 29.53
C ALA B 92 4.20 -32.28 31.03
N SER B 93 3.55 -33.28 31.64
CA SER B 93 3.69 -33.65 33.08
C SER B 93 5.16 -33.95 33.39
N ALA B 94 5.78 -34.79 32.56
CA ALA B 94 7.20 -35.23 32.68
C ALA B 94 8.14 -34.02 32.60
N LEU B 95 7.81 -33.03 31.76
CA LEU B 95 8.62 -31.80 31.60
C LEU B 95 8.51 -30.94 32.86
N GLU B 96 7.30 -30.75 33.38
CA GLU B 96 7.05 -30.05 34.66
C GLU B 96 7.84 -30.75 35.78
N GLU B 97 7.88 -32.07 35.77
CA GLU B 97 8.61 -32.91 36.78
C GLU B 97 10.11 -32.61 36.67
N LYS B 98 10.66 -32.58 35.46
CA LYS B 98 12.09 -32.23 35.18
C LYS B 98 12.36 -30.77 35.62
N ALA B 99 11.38 -29.87 35.42
CA ALA B 99 11.49 -28.44 35.78
C ALA B 99 11.55 -28.28 37.31
N ALA B 100 10.75 -29.06 38.04
CA ALA B 100 10.72 -29.11 39.52
C ALA B 100 12.10 -29.50 40.06
N GLN B 101 12.72 -30.53 39.47
CA GLN B 101 14.06 -31.05 39.84
C GLN B 101 15.11 -29.95 39.59
N ALA B 102 15.06 -29.31 38.41
CA ALA B 102 15.96 -28.23 37.97
C ALA B 102 15.93 -27.08 38.99
N LEU B 103 14.73 -26.59 39.32
CA LEU B 103 14.47 -25.47 40.26
C LEU B 103 15.03 -25.81 41.65
N GLN B 104 14.81 -27.05 42.11
CA GLN B 104 15.26 -27.57 43.42
C GLN B 104 16.80 -27.47 43.53
N ALA B 105 17.50 -27.74 42.42
CA ALA B 105 18.98 -27.77 42.33
C ALA B 105 19.54 -26.38 41.97
N GLY B 106 18.68 -25.34 41.95
CA GLY B 106 19.06 -23.95 41.66
C GLY B 106 19.52 -23.75 40.22
N LYS B 107 18.85 -24.43 39.28
CA LYS B 107 19.08 -24.28 37.82
C LYS B 107 17.86 -23.58 37.22
N HIS B 108 17.79 -22.25 37.39
CA HIS B 108 16.63 -21.39 37.04
C HIS B 108 16.46 -21.32 35.52
N GLU B 109 17.57 -21.19 34.78
CA GLU B 109 17.57 -21.13 33.30
C GLU B 109 16.98 -22.44 32.75
N GLU B 110 17.47 -23.58 33.23
CA GLU B 110 17.03 -24.95 32.81
C GLU B 110 15.54 -25.11 33.12
N ALA B 111 15.10 -24.74 34.33
CA ALA B 111 13.71 -24.86 34.82
C ALA B 111 12.77 -24.04 33.93
N SER B 112 13.16 -22.81 33.57
CA SER B 112 12.41 -21.90 32.67
C SER B 112 12.29 -22.52 31.28
N ASN B 113 13.37 -23.12 30.76
CA ASN B 113 13.42 -23.76 29.42
C ASN B 113 12.46 -24.95 29.38
N LEU B 114 12.47 -25.78 30.42
CA LEU B 114 11.63 -27.01 30.52
C LEU B 114 10.14 -26.61 30.61
N LEU B 115 9.82 -25.58 31.40
CA LEU B 115 8.42 -25.11 31.60
C LEU B 115 7.89 -24.49 30.30
N CYS B 116 8.73 -23.78 29.54
CA CYS B 116 8.37 -23.18 28.24
C CYS B 116 8.10 -24.29 27.21
N ARG B 117 8.94 -25.34 27.20
CA ARG B 117 8.76 -26.54 26.35
C ARG B 117 7.41 -27.20 26.68
N ALA B 118 7.12 -27.40 27.97
CA ALA B 118 5.82 -27.95 28.46
C ALA B 118 4.68 -27.07 27.96
N ALA B 119 4.84 -25.75 28.03
CA ALA B 119 3.83 -24.77 27.54
C ALA B 119 3.58 -25.01 26.05
N VAL B 120 4.62 -25.29 25.26
CA VAL B 120 4.45 -25.52 23.80
C VAL B 120 3.71 -26.85 23.61
N VAL B 121 4.01 -27.87 24.42
CA VAL B 121 3.32 -29.20 24.37
C VAL B 121 1.82 -28.98 24.62
N TYR B 122 1.46 -28.17 25.62
CA TYR B 122 0.06 -27.79 25.91
C TYR B 122 -0.54 -27.03 24.72
N ARG B 123 0.18 -26.00 24.24
CA ARG B 123 -0.23 -25.15 23.09
C ARG B 123 -0.76 -26.03 21.95
N ILE B 124 0.09 -26.92 21.42
CA ILE B 124 -0.22 -27.75 20.22
C ILE B 124 -1.36 -28.72 20.55
N SER B 125 -1.45 -29.17 21.80
CA SER B 125 -2.51 -30.11 22.27
C SER B 125 -3.90 -29.45 22.12
N ARG B 126 -3.99 -28.13 22.28
CA ARG B 126 -5.29 -27.39 22.25
C ARG B 126 -5.43 -26.60 20.94
N PHE B 127 -4.63 -26.93 19.92
CA PHE B 127 -4.84 -26.50 18.50
C PHE B 127 -6.09 -27.17 17.96
N PRO B 128 -6.83 -26.54 17.01
CA PRO B 128 -6.54 -25.19 16.52
C PRO B 128 -7.22 -24.06 17.33
N TYR B 129 -8.11 -24.41 18.26
CA TYR B 129 -9.04 -23.44 18.91
C TYR B 129 -9.55 -24.01 20.24
N VAL B 130 -9.47 -23.19 21.31
CA VAL B 130 -10.11 -23.48 22.63
C VAL B 130 -11.54 -22.97 22.56
N ASP B 131 -12.51 -23.89 22.63
CA ASP B 131 -13.96 -23.58 22.50
C ASP B 131 -14.40 -22.80 23.73
N ILE B 132 -14.58 -21.48 23.57
CA ILE B 132 -14.99 -20.51 24.64
C ILE B 132 -16.35 -20.90 25.24
N THR B 133 -17.14 -21.75 24.55
CA THR B 133 -18.48 -22.20 25.00
C THR B 133 -18.39 -23.55 25.75
N LYS B 134 -17.17 -24.09 25.95
CA LYS B 134 -16.94 -25.42 26.59
C LYS B 134 -15.82 -25.30 27.62
N PRO B 135 -16.10 -24.80 28.84
CA PRO B 135 -15.06 -24.62 29.85
C PRO B 135 -14.57 -25.90 30.53
N ASN B 136 -15.26 -27.04 30.31
CA ASN B 136 -14.88 -28.38 30.82
C ASN B 136 -14.03 -29.12 29.79
N SER B 137 -14.00 -28.64 28.54
CA SER B 137 -13.26 -29.26 27.40
C SER B 137 -11.81 -29.52 27.80
N ILE B 138 -11.23 -30.61 27.31
CA ILE B 138 -9.82 -31.01 27.63
C ILE B 138 -8.89 -29.90 27.12
N LYS B 139 -9.20 -29.28 25.97
CA LYS B 139 -8.38 -28.20 25.36
C LYS B 139 -8.32 -26.98 26.30
N ARG B 140 -9.44 -26.61 26.94
CA ARG B 140 -9.48 -25.54 27.98
C ARG B 140 -8.49 -25.91 29.09
N VAL B 141 -8.65 -27.10 29.68
CA VAL B 141 -7.78 -27.63 30.78
C VAL B 141 -6.32 -27.52 30.34
N ALA B 142 -5.99 -27.91 29.10
CA ALA B 142 -4.64 -27.82 28.51
C ALA B 142 -4.16 -26.37 28.50
N PHE B 143 -5.03 -25.43 28.11
CA PHE B 143 -4.71 -23.98 28.04
C PHE B 143 -4.48 -23.42 29.46
N GLU B 144 -5.26 -23.87 30.44
CA GLU B 144 -5.08 -23.46 31.86
C GLU B 144 -3.70 -23.91 32.33
N ARG B 145 -3.35 -25.18 32.09
CA ARG B 145 -2.02 -25.76 32.49
C ARG B 145 -0.91 -25.00 31.77
N GLN B 146 -1.11 -24.63 30.51
CA GLN B 146 -0.11 -23.88 29.69
C GLN B 146 0.22 -22.57 30.40
N LYS B 147 -0.81 -21.83 30.81
CA LYS B 147 -0.68 -20.48 31.42
C LYS B 147 0.07 -20.60 32.75
N GLN B 148 -0.23 -21.61 33.57
CA GLN B 148 0.47 -21.82 34.88
C GLN B 148 1.95 -22.10 34.62
N ALA B 149 2.24 -23.06 33.73
CA ALA B 149 3.61 -23.45 33.34
C ALA B 149 4.37 -22.22 32.79
N TYR B 150 3.73 -21.45 31.90
CA TYR B 150 4.37 -20.30 31.21
C TYR B 150 4.69 -19.20 32.22
N LEU B 151 3.72 -18.78 33.04
CA LEU B 151 3.93 -17.73 34.07
C LEU B 151 4.99 -18.18 35.09
N LYS B 152 5.02 -19.48 35.41
CA LYS B 152 6.08 -20.08 36.25
C LYS B 152 7.44 -19.83 35.59
N ALA B 153 7.58 -20.20 34.31
CA ALA B 153 8.80 -20.03 33.49
C ALA B 153 9.23 -18.56 33.48
N THR B 154 8.30 -17.65 33.15
CA THR B 154 8.57 -16.20 32.89
C THR B 154 8.83 -15.46 34.21
N SER B 155 8.44 -16.02 35.35
CA SER B 155 8.71 -15.43 36.71
C SER B 155 10.21 -15.47 37.01
N LEU B 156 10.97 -16.32 36.31
CA LEU B 156 12.44 -16.51 36.48
C LEU B 156 13.23 -15.48 35.66
N TRP B 157 12.63 -14.89 34.63
CA TRP B 157 13.29 -13.91 33.71
C TRP B 157 13.64 -12.63 34.47
N THR B 158 14.73 -11.96 34.07
CA THR B 158 15.21 -10.67 34.66
C THR B 158 14.10 -9.62 34.51
N GLN B 159 13.48 -9.54 33.33
CA GLN B 159 12.26 -8.74 33.04
C GLN B 159 11.10 -9.70 32.86
N PRO B 160 10.42 -10.12 33.96
CA PRO B 160 9.42 -11.18 33.86
C PRO B 160 8.14 -10.73 33.15
N ILE B 161 7.54 -11.62 32.35
CA ILE B 161 6.14 -11.47 31.87
C ILE B 161 5.25 -11.64 33.09
N ARG B 162 4.36 -10.66 33.33
CA ARG B 162 3.38 -10.68 34.43
C ARG B 162 1.97 -10.63 33.85
N GLU B 163 1.02 -11.26 34.53
CA GLU B 163 -0.42 -11.16 34.20
C GLU B 163 -1.06 -10.08 35.07
N VAL B 164 -1.75 -9.13 34.45
CA VAL B 164 -2.67 -8.16 35.13
C VAL B 164 -4.09 -8.48 34.68
N THR B 165 -5.00 -8.71 35.62
CA THR B 165 -6.46 -8.82 35.39
C THR B 165 -7.03 -7.41 35.43
N VAL B 166 -7.23 -6.79 34.26
CA VAL B 166 -7.71 -5.40 34.10
C VAL B 166 -9.24 -5.41 34.20
N PRO B 167 -9.84 -4.66 35.16
CA PRO B 167 -11.29 -4.50 35.20
C PRO B 167 -11.81 -3.91 33.88
N HIS B 168 -12.83 -4.55 33.30
CA HIS B 168 -13.49 -4.12 32.05
C HIS B 168 -14.49 -3.01 32.38
N THR B 169 -13.97 -1.81 32.67
CA THR B 169 -14.76 -0.64 33.17
C THR B 169 -15.76 -0.18 32.11
N TYR B 170 -15.43 -0.39 30.82
CA TYR B 170 -16.26 0.02 29.66
C TYR B 170 -17.14 -1.15 29.19
N ARG B 171 -17.28 -2.21 29.99
CA ARG B 171 -18.13 -3.39 29.66
C ARG B 171 -19.58 -2.95 29.54
N THR B 172 -20.28 -3.45 28.51
CA THR B 172 -21.75 -3.32 28.32
C THR B 172 -22.30 -4.64 27.78
N GLY B 173 -23.63 -4.82 27.86
CA GLY B 173 -24.33 -6.01 27.33
C GLY B 173 -23.81 -7.30 27.95
N ASN B 174 -23.38 -8.25 27.12
CA ASN B 174 -23.00 -9.63 27.52
C ASN B 174 -21.49 -9.72 27.79
N ASP B 175 -20.79 -8.59 27.86
CA ASP B 175 -19.32 -8.50 28.13
C ASP B 175 -19.02 -9.09 29.52
N GLY B 176 -17.92 -9.85 29.64
CA GLY B 176 -17.35 -10.31 30.91
C GLY B 176 -16.73 -9.16 31.68
N ALA B 177 -16.35 -9.40 32.94
CA ALA B 177 -15.92 -8.38 33.91
C ALA B 177 -14.40 -8.13 33.83
N HIS B 178 -13.62 -9.13 33.41
CA HIS B 178 -12.14 -9.18 33.61
C HIS B 178 -11.40 -9.34 32.27
N ILE B 179 -10.33 -8.56 32.07
CA ILE B 179 -9.41 -8.64 30.89
C ILE B 179 -8.03 -9.07 31.37
N PRO B 180 -7.70 -10.37 31.39
CA PRO B 180 -6.35 -10.81 31.71
C PRO B 180 -5.38 -10.52 30.55
N ILE B 181 -4.35 -9.71 30.82
CA ILE B 181 -3.29 -9.34 29.82
C ILE B 181 -1.92 -9.70 30.41
N TYR B 182 -0.95 -9.96 29.53
CA TYR B 182 0.49 -10.16 29.87
C TYR B 182 1.21 -8.84 29.62
N ILE B 183 2.10 -8.46 30.55
CA ILE B 183 2.90 -7.20 30.46
C ILE B 183 4.36 -7.54 30.77
N ARG B 184 5.27 -7.06 29.93
CA ARG B 184 6.74 -7.14 30.12
C ARG B 184 7.32 -5.74 29.87
N THR B 185 8.11 -5.22 30.82
CA THR B 185 8.69 -3.86 30.78
C THR B 185 10.21 -3.94 30.80
N PRO B 186 10.92 -3.08 30.04
CA PRO B 186 12.38 -3.03 30.10
C PRO B 186 12.87 -2.41 31.42
N ALA B 187 14.09 -2.77 31.85
CA ALA B 187 14.75 -2.26 33.07
C ALA B 187 14.91 -0.73 32.97
N GLY B 188 14.60 -0.02 34.06
CA GLY B 188 14.78 1.44 34.19
C GLY B 188 13.55 2.24 33.80
N ALA B 189 12.44 1.56 33.47
CA ALA B 189 11.15 2.18 33.09
C ALA B 189 10.44 2.68 34.36
N ASP B 190 10.30 4.01 34.52
CA ASP B 190 9.63 4.65 35.68
C ASP B 190 8.79 5.83 35.16
N GLN B 191 8.14 6.56 36.08
CA GLN B 191 7.22 7.69 35.76
C GLN B 191 8.02 8.83 35.12
N SER B 192 9.28 9.00 35.53
CA SER B 192 10.22 10.03 34.97
C SER B 192 10.67 9.63 33.56
N ASN B 193 10.87 8.32 33.33
CA ASN B 193 11.42 7.76 32.08
C ASN B 193 10.46 6.69 31.54
N PRO B 194 9.24 7.08 31.11
CA PRO B 194 8.27 6.12 30.59
C PRO B 194 8.67 5.65 29.17
N VAL B 195 8.39 4.39 28.84
CA VAL B 195 8.84 3.73 27.59
C VAL B 195 7.65 3.58 26.64
N PRO B 196 7.89 3.50 25.32
CA PRO B 196 6.83 3.21 24.35
C PRO B 196 6.21 1.82 24.56
N ILE B 197 4.98 1.62 24.05
CA ILE B 197 4.17 0.38 24.24
C ILE B 197 3.92 -0.25 22.87
N VAL B 198 4.18 -1.56 22.76
CA VAL B 198 3.68 -2.41 21.63
C VAL B 198 2.60 -3.33 22.21
N LEU B 199 1.33 -3.09 21.83
CA LEU B 199 0.16 -3.88 22.27
C LEU B 199 -0.12 -4.97 21.23
N ILE B 200 0.16 -6.22 21.58
CA ILE B 200 -0.06 -7.39 20.68
C ILE B 200 -1.51 -7.86 20.85
N MET B 201 -2.23 -7.98 19.74
CA MET B 201 -3.60 -8.56 19.66
C MET B 201 -3.49 -9.93 18.98
N THR B 202 -3.61 -11.00 19.78
CA THR B 202 -3.31 -12.39 19.38
C THR B 202 -4.44 -12.90 18.49
N GLY B 203 -4.40 -14.17 18.07
CA GLY B 203 -5.30 -14.70 17.02
C GLY B 203 -6.09 -15.92 17.46
N LEU B 204 -6.38 -16.80 16.50
CA LEU B 204 -7.31 -17.95 16.69
C LEU B 204 -6.62 -19.07 17.47
N ASP B 205 -5.31 -19.29 17.25
CA ASP B 205 -4.57 -20.45 17.84
C ASP B 205 -3.34 -19.97 18.63
N GLY B 206 -3.01 -18.68 18.58
CA GLY B 206 -2.00 -18.03 19.43
C GLY B 206 -2.66 -17.11 20.44
N TYR B 207 -2.42 -17.35 21.73
CA TYR B 207 -3.01 -16.60 22.86
C TYR B 207 -1.86 -15.89 23.60
N ARG B 208 -2.10 -15.34 24.80
CA ARG B 208 -1.12 -14.43 25.45
C ARG B 208 0.17 -15.17 25.82
N PRO B 209 0.18 -16.49 26.14
CA PRO B 209 1.44 -17.18 26.44
C PRO B 209 2.33 -17.54 25.23
N ASP B 210 1.92 -17.20 24.01
CA ASP B 210 2.53 -17.74 22.76
C ASP B 210 3.31 -16.66 22.00
N ASN B 211 3.95 -15.72 22.71
CA ASN B 211 4.57 -14.52 22.07
C ASN B 211 5.92 -14.19 22.69
N SER B 212 6.64 -15.19 23.23
CA SER B 212 7.94 -15.03 23.95
C SER B 212 8.92 -14.20 23.11
N GLN B 213 9.26 -14.66 21.89
CA GLN B 213 10.27 -14.00 21.03
C GLN B 213 9.81 -12.57 20.70
N ARG B 214 8.54 -12.36 20.40
CA ARG B 214 8.00 -11.00 20.11
C ARG B 214 8.29 -10.09 21.32
N THR B 215 8.06 -10.53 22.55
CA THR B 215 8.32 -9.72 23.78
C THR B 215 9.82 -9.47 23.91
N HIS B 216 10.67 -10.45 23.57
CA HIS B 216 12.15 -10.35 23.56
C HIS B 216 12.57 -9.19 22.64
N GLU B 217 12.12 -9.24 21.38
CA GLU B 217 12.48 -8.26 20.32
C GLU B 217 12.02 -6.86 20.75
N ILE B 218 10.81 -6.74 21.30
CA ILE B 218 10.20 -5.45 21.74
C ILE B 218 11.05 -4.87 22.88
N LEU B 219 11.31 -5.64 23.93
CA LEU B 219 12.11 -5.20 25.12
C LEU B 219 13.54 -4.85 24.70
N ALA B 220 14.11 -5.58 23.75
CA ALA B 220 15.50 -5.39 23.23
C ALA B 220 15.64 -3.99 22.61
N ARG B 221 14.54 -3.43 22.10
CA ARG B 221 14.51 -2.08 21.48
C ARG B 221 14.08 -1.03 22.51
N GLY B 222 13.93 -1.43 23.79
CA GLY B 222 13.66 -0.54 24.93
C GLY B 222 12.18 -0.18 25.06
N TRP B 223 11.28 -1.04 24.55
CA TRP B 223 9.82 -0.84 24.61
C TRP B 223 9.16 -1.85 25.55
N ALA B 224 7.99 -1.50 26.09
CA ALA B 224 7.11 -2.40 26.87
C ALA B 224 6.30 -3.26 25.90
N ALA B 225 6.08 -4.53 26.28
CA ALA B 225 5.25 -5.51 25.56
C ALA B 225 3.98 -5.75 26.35
N VAL B 226 2.82 -5.51 25.73
CA VAL B 226 1.48 -5.86 26.27
C VAL B 226 0.83 -6.85 25.29
N VAL B 227 0.19 -7.90 25.82
CA VAL B 227 -0.46 -8.97 25.03
C VAL B 227 -1.91 -9.11 25.50
N ALA B 228 -2.87 -9.01 24.57
CA ALA B 228 -4.32 -9.16 24.82
C ALA B 228 -4.89 -10.11 23.77
N GLU B 229 -5.78 -11.01 24.20
CA GLU B 229 -6.53 -11.92 23.28
C GLU B 229 -7.71 -11.14 22.68
N ILE B 230 -8.22 -11.61 21.54
CA ILE B 230 -9.28 -10.92 20.73
C ILE B 230 -10.63 -11.50 21.10
N PRO B 231 -11.75 -10.80 20.79
CA PRO B 231 -13.09 -11.33 21.02
C PRO B 231 -13.28 -12.73 20.41
N GLY B 232 -13.92 -13.63 21.17
CA GLY B 232 -14.29 -14.99 20.72
C GLY B 232 -13.17 -15.99 20.90
N THR B 233 -12.13 -15.64 21.67
CA THR B 233 -10.94 -16.49 21.91
C THR B 233 -10.52 -16.45 23.38
N ALA B 234 -9.90 -17.54 23.84
CA ALA B 234 -9.14 -17.64 25.11
C ALA B 234 -9.93 -17.01 26.26
N ASP B 235 -9.40 -15.96 26.90
CA ASP B 235 -9.97 -15.35 28.14
C ASP B 235 -10.46 -13.93 27.84
N CYS B 236 -10.65 -13.57 26.57
CA CYS B 236 -11.20 -12.26 26.18
C CYS B 236 -12.65 -12.16 26.67
N PRO B 237 -13.01 -11.09 27.43
CA PRO B 237 -14.36 -10.96 27.98
C PRO B 237 -15.36 -10.24 27.05
N ALA B 238 -14.90 -9.80 25.88
CA ALA B 238 -15.71 -9.08 24.86
C ALA B 238 -16.78 -10.02 24.30
N ASP B 239 -18.03 -9.55 24.18
CA ASP B 239 -19.13 -10.30 23.53
C ASP B 239 -18.70 -10.61 22.09
N PRO B 240 -18.45 -11.90 21.74
CA PRO B 240 -18.02 -12.26 20.38
C PRO B 240 -19.05 -11.87 19.31
N ALA B 241 -20.34 -11.86 19.66
CA ALA B 241 -21.48 -11.64 18.76
C ALA B 241 -21.74 -10.14 18.53
N ASP B 242 -21.14 -9.25 19.33
CA ASP B 242 -21.33 -7.77 19.23
C ASP B 242 -20.12 -7.16 18.52
N PRO B 243 -20.27 -6.70 17.25
CA PRO B 243 -19.14 -6.11 16.52
C PRO B 243 -18.46 -4.93 17.22
N ALA B 244 -19.17 -4.24 18.12
CA ALA B 244 -18.68 -3.06 18.87
C ALA B 244 -17.87 -3.48 20.09
N SER B 245 -17.96 -4.74 20.52
CA SER B 245 -17.31 -5.27 21.75
C SER B 245 -15.81 -4.98 21.77
N PRO B 246 -15.03 -5.17 20.67
CA PRO B 246 -13.61 -4.84 20.68
C PRO B 246 -13.32 -3.38 21.01
N ASP B 247 -14.19 -2.46 20.54
CA ASP B 247 -14.06 -1.00 20.78
C ASP B 247 -14.09 -0.74 22.29
N ARG B 248 -15.01 -1.41 23.00
CA ARG B 248 -15.17 -1.30 24.47
C ARG B 248 -13.95 -1.94 25.15
N LEU B 249 -13.48 -3.06 24.60
CA LEU B 249 -12.33 -3.85 25.13
C LEU B 249 -11.08 -2.97 25.19
N TRP B 250 -10.74 -2.29 24.09
CA TRP B 250 -9.51 -1.45 23.98
C TRP B 250 -9.67 -0.16 24.78
N ASP B 251 -10.88 0.38 24.89
CA ASP B 251 -11.19 1.53 25.80
C ASP B 251 -10.72 1.19 27.21
N SER B 252 -11.01 -0.02 27.68
CA SER B 252 -10.65 -0.51 29.04
C SER B 252 -9.12 -0.72 29.15
N VAL B 253 -8.52 -1.33 28.13
CA VAL B 253 -7.07 -1.68 28.11
C VAL B 253 -6.25 -0.38 28.03
N LEU B 254 -6.55 0.49 27.05
CA LEU B 254 -5.82 1.77 26.83
C LEU B 254 -5.93 2.64 28.10
N SER B 255 -7.14 2.72 28.68
CA SER B 255 -7.43 3.47 29.94
C SER B 255 -6.52 2.97 31.07
N TYR B 256 -6.34 1.65 31.20
CA TYR B 256 -5.43 1.03 32.19
C TYR B 256 -3.99 1.47 31.91
N LEU B 257 -3.55 1.32 30.66
CA LEU B 257 -2.17 1.67 30.21
C LEU B 257 -1.91 3.18 30.40
N ASP B 258 -2.95 4.01 30.23
CA ASP B 258 -2.88 5.48 30.46
C ASP B 258 -2.48 5.76 31.91
N GLN B 259 -3.01 4.98 32.86
CA GLN B 259 -2.83 5.18 34.32
C GLN B 259 -1.49 4.60 34.78
N ARG B 260 -0.86 3.72 34.00
CA ARG B 260 0.44 3.08 34.34
C ARG B 260 1.56 4.11 34.19
N PRO B 261 2.28 4.47 35.29
CA PRO B 261 3.31 5.51 35.24
C PRO B 261 4.44 5.29 34.22
N GLU B 262 4.95 4.05 34.11
CA GLU B 262 6.18 3.71 33.36
C GLU B 262 5.88 3.47 31.87
N LEU B 263 4.61 3.45 31.47
CA LEU B 263 4.18 3.18 30.07
C LEU B 263 3.74 4.48 29.40
N ASN B 264 4.30 4.78 28.22
CA ASN B 264 4.05 6.04 27.46
C ASN B 264 3.05 5.76 26.33
N THR B 265 1.76 5.99 26.59
CA THR B 265 0.64 5.72 25.64
C THR B 265 0.64 6.76 24.51
N ALA B 266 1.46 7.83 24.62
CA ALA B 266 1.68 8.83 23.54
C ALA B 266 2.58 8.23 22.45
N LYS B 267 3.27 7.12 22.76
CA LYS B 267 4.12 6.35 21.81
C LYS B 267 3.69 4.88 21.84
N MET B 268 2.53 4.58 21.28
CA MET B 268 1.89 3.24 21.33
C MET B 268 1.55 2.77 19.91
N VAL B 269 1.85 1.51 19.62
CA VAL B 269 1.50 0.84 18.33
C VAL B 269 0.82 -0.49 18.68
N VAL B 270 -0.19 -0.88 17.91
CA VAL B 270 -0.88 -2.19 18.06
C VAL B 270 -0.33 -3.16 17.01
N TRP B 271 -0.26 -4.45 17.36
CA TRP B 271 0.28 -5.53 16.50
C TRP B 271 -0.72 -6.70 16.47
N GLY B 272 -1.55 -6.76 15.43
CA GLY B 272 -2.59 -7.79 15.24
C GLY B 272 -2.05 -8.99 14.48
N LEU B 273 -2.08 -10.16 15.11
CA LEU B 273 -1.50 -11.42 14.56
C LEU B 273 -2.62 -12.31 14.03
N SER B 274 -2.62 -12.55 12.72
CA SER B 274 -3.59 -13.42 11.99
C SER B 274 -5.01 -12.90 12.26
N ALA B 275 -5.85 -13.66 12.98
CA ALA B 275 -7.22 -13.23 13.39
C ALA B 275 -7.13 -11.91 14.17
N GLY B 276 -6.01 -11.65 14.84
CA GLY B 276 -5.71 -10.37 15.52
C GLY B 276 -5.66 -9.19 14.57
N GLY B 277 -5.21 -9.43 13.33
CA GLY B 277 -5.04 -8.40 12.28
C GLY B 277 -6.30 -7.60 12.05
N TYR B 278 -7.47 -8.25 12.02
CA TYR B 278 -8.81 -7.63 11.91
C TYR B 278 -8.94 -6.52 12.98
N TYR B 279 -8.53 -6.83 14.20
CA TYR B 279 -8.72 -5.95 15.39
C TYR B 279 -7.67 -4.84 15.36
N ALA B 280 -6.47 -5.10 14.83
CA ALA B 280 -5.45 -4.05 14.59
C ALA B 280 -5.98 -3.04 13.57
N ILE B 281 -6.51 -3.52 12.43
CA ILE B 281 -7.13 -2.66 11.38
C ILE B 281 -8.22 -1.81 12.06
N ARG B 282 -9.17 -2.45 12.74
CA ARG B 282 -10.34 -1.77 13.35
C ARG B 282 -9.86 -0.68 14.32
N ALA B 283 -8.95 -1.04 15.24
CA ALA B 283 -8.37 -0.14 16.27
C ALA B 283 -7.66 1.05 15.61
N ALA B 284 -6.94 0.82 14.51
CA ALA B 284 -6.23 1.86 13.74
C ALA B 284 -7.20 2.98 13.33
N HIS B 285 -8.49 2.65 13.14
CA HIS B 285 -9.60 3.59 12.81
C HIS B 285 -10.25 4.12 14.10
N THR B 286 -10.76 3.23 14.94
CA THR B 286 -11.60 3.54 16.13
C THR B 286 -10.79 4.29 17.19
N HIS B 287 -9.47 4.03 17.28
CA HIS B 287 -8.58 4.59 18.34
C HIS B 287 -7.42 5.36 17.71
N ARG B 288 -7.63 5.92 16.51
CA ARG B 288 -6.59 6.57 15.67
C ARG B 288 -5.87 7.68 16.46
N ASP B 289 -6.57 8.38 17.36
CA ASP B 289 -6.01 9.54 18.13
C ASP B 289 -5.14 9.05 19.29
N ARG B 290 -5.17 7.76 19.62
CA ARG B 290 -4.46 7.17 20.80
C ARG B 290 -3.36 6.20 20.34
N LEU B 291 -3.09 6.10 19.04
CA LEU B 291 -2.07 5.18 18.48
C LEU B 291 -1.17 5.92 17.48
N LEU B 292 0.15 5.69 17.56
CA LEU B 292 1.15 6.16 16.56
C LEU B 292 1.06 5.28 15.31
N GLY B 293 0.55 4.05 15.43
CA GLY B 293 0.46 3.13 14.29
C GLY B 293 -0.15 1.79 14.66
N ALA B 294 -0.41 0.98 13.64
CA ALA B 294 -0.92 -0.41 13.76
C ALA B 294 -0.24 -1.29 12.70
N ILE B 295 0.07 -2.53 13.08
CA ILE B 295 0.52 -3.62 12.16
C ILE B 295 -0.59 -4.65 12.09
N ALA B 296 -1.11 -4.93 10.89
CA ALA B 296 -2.07 -6.03 10.61
C ALA B 296 -1.30 -7.16 9.90
N HIS B 297 -0.98 -8.23 10.63
CA HIS B 297 -0.15 -9.38 10.16
C HIS B 297 -1.09 -10.52 9.74
N GLY B 298 -1.19 -10.78 8.43
CA GLY B 298 -2.11 -11.77 7.85
C GLY B 298 -3.57 -11.48 8.22
N PRO B 299 -4.07 -10.25 7.94
CA PRO B 299 -5.41 -9.86 8.37
C PRO B 299 -6.53 -10.23 7.39
N GLY B 300 -7.70 -10.58 7.94
CA GLY B 300 -8.99 -10.59 7.22
C GLY B 300 -9.82 -9.39 7.65
N CYS B 301 -10.68 -8.85 6.79
CA CYS B 301 -11.56 -7.71 7.16
C CYS B 301 -12.87 -7.66 6.37
N HIS B 302 -13.01 -8.42 5.27
CA HIS B 302 -14.23 -8.34 4.40
C HIS B 302 -14.41 -9.63 3.59
N TYR B 303 -13.53 -9.88 2.62
CA TYR B 303 -13.63 -10.99 1.64
C TYR B 303 -13.44 -12.35 2.32
N TYR B 304 -12.79 -12.40 3.47
CA TYR B 304 -12.55 -13.67 4.23
C TYR B 304 -13.90 -14.27 4.67
N LEU B 305 -14.95 -13.45 4.77
CA LEU B 305 -16.33 -13.88 5.15
C LEU B 305 -17.21 -14.07 3.90
N ASP B 306 -16.66 -13.88 2.70
CA ASP B 306 -17.37 -14.19 1.42
C ASP B 306 -17.72 -15.68 1.41
N PRO B 307 -19.00 -16.06 1.23
CA PRO B 307 -19.38 -17.48 1.17
C PRO B 307 -18.52 -18.33 0.23
N GLU B 308 -18.06 -17.76 -0.89
CA GLU B 308 -17.20 -18.43 -1.90
C GLU B 308 -15.84 -18.78 -1.29
N TRP B 309 -15.25 -17.83 -0.54
CA TRP B 309 -13.96 -18.04 0.18
C TRP B 309 -14.15 -19.08 1.29
N LEU B 310 -15.20 -18.92 2.10
CA LEU B 310 -15.55 -19.79 3.26
C LEU B 310 -15.81 -21.24 2.79
N ALA B 311 -16.25 -21.42 1.55
CA ALA B 311 -16.55 -22.74 0.94
C ALA B 311 -15.26 -23.54 0.73
N LYS B 312 -14.11 -22.87 0.60
CA LYS B 312 -12.82 -23.49 0.21
C LYS B 312 -11.71 -23.24 1.25
N VAL B 313 -11.99 -22.49 2.32
CA VAL B 313 -10.95 -22.07 3.31
C VAL B 313 -10.37 -23.31 4.02
N ASN B 314 -11.19 -24.36 4.21
CA ASN B 314 -10.78 -25.61 4.92
C ASN B 314 -9.83 -26.46 4.05
N ASP B 315 -9.70 -26.13 2.76
CA ASP B 315 -8.96 -26.95 1.77
C ASP B 315 -7.53 -26.43 1.56
N HIS B 316 -7.09 -25.40 2.31
CA HIS B 316 -5.80 -24.70 2.08
C HIS B 316 -4.83 -24.96 3.23
N GLU B 317 -3.96 -24.00 3.55
CA GLU B 317 -2.68 -24.25 4.29
C GLU B 317 -2.92 -24.38 5.80
N TYR B 318 -4.10 -24.04 6.32
CA TYR B 318 -4.38 -24.16 7.78
C TYR B 318 -4.32 -25.64 8.16
N PRO B 319 -3.60 -26.01 9.26
CA PRO B 319 -3.32 -27.41 9.56
C PRO B 319 -4.57 -28.30 9.72
N PHE B 320 -5.68 -27.74 10.22
CA PHE B 320 -6.95 -28.47 10.50
C PHE B 320 -8.14 -27.67 9.95
N GLU B 321 -9.36 -28.20 10.11
CA GLU B 321 -10.61 -27.50 9.74
C GLU B 321 -10.71 -26.22 10.59
N ILE B 322 -11.11 -25.09 9.98
CA ILE B 322 -11.11 -23.75 10.62
C ILE B 322 -12.51 -23.18 10.75
N THR B 323 -13.45 -23.53 9.85
CA THR B 323 -14.79 -22.85 9.75
C THR B 323 -15.62 -23.06 11.03
N ALA B 324 -15.52 -24.21 11.68
CA ALA B 324 -16.22 -24.51 12.95
C ALA B 324 -15.71 -23.56 14.04
N ALA B 325 -14.39 -23.44 14.18
CA ALA B 325 -13.72 -22.51 15.14
C ALA B 325 -14.12 -21.07 14.81
N TRP B 326 -14.10 -20.69 13.54
CA TRP B 326 -14.47 -19.33 13.03
C TRP B 326 -15.91 -19.00 13.42
N ALA B 327 -16.85 -19.94 13.22
CA ALA B 327 -18.28 -19.77 13.58
C ALA B 327 -18.38 -19.39 15.06
N THR B 328 -17.71 -20.15 15.93
CA THR B 328 -17.75 -19.95 17.41
C THR B 328 -17.11 -18.60 17.77
N LYS B 329 -15.98 -18.26 17.15
CA LYS B 329 -15.20 -17.03 17.41
C LYS B 329 -16.04 -15.80 17.05
N HIS B 330 -16.89 -15.91 16.02
CA HIS B 330 -17.74 -14.80 15.50
C HIS B 330 -19.10 -14.76 16.24
N GLY B 331 -19.32 -15.69 17.17
CA GLY B 331 -20.49 -15.69 18.08
C GLY B 331 -21.70 -16.39 17.49
N TYR B 332 -21.48 -17.36 16.59
CA TYR B 332 -22.54 -18.16 15.91
C TYR B 332 -22.60 -19.56 16.53
N LYS B 333 -23.82 -20.09 16.70
CA LYS B 333 -24.08 -21.44 17.26
C LYS B 333 -23.81 -22.51 16.19
N THR B 334 -23.96 -22.15 14.91
CA THR B 334 -23.79 -23.06 13.74
C THR B 334 -22.88 -22.42 12.69
N VAL B 335 -22.24 -23.26 11.86
CA VAL B 335 -21.41 -22.84 10.69
C VAL B 335 -22.34 -22.26 9.61
N GLU B 336 -23.54 -22.83 9.46
CA GLU B 336 -24.55 -22.39 8.46
C GLU B 336 -24.93 -20.93 8.72
N GLU B 337 -25.18 -20.57 9.99
CA GLU B 337 -25.55 -19.19 10.41
C GLU B 337 -24.38 -18.24 10.15
N PHE B 338 -23.15 -18.67 10.46
CA PHE B 338 -21.88 -17.91 10.26
C PHE B 338 -21.72 -17.56 8.78
N VAL B 339 -21.81 -18.54 7.88
CA VAL B 339 -21.62 -18.36 6.41
C VAL B 339 -22.65 -17.34 5.89
N ALA B 340 -23.92 -17.47 6.31
CA ALA B 340 -25.05 -16.65 5.84
C ALA B 340 -24.90 -15.20 6.30
N GLY B 341 -24.47 -14.97 7.55
CA GLY B 341 -24.67 -13.70 8.27
C GLY B 341 -23.40 -12.90 8.52
N ALA B 342 -22.23 -13.55 8.58
CA ALA B 342 -20.98 -12.97 9.12
C ALA B 342 -20.55 -11.71 8.35
N GLN B 343 -20.46 -11.78 7.02
CA GLN B 343 -19.84 -10.71 6.19
C GLN B 343 -20.58 -9.39 6.42
N LYS B 344 -21.90 -9.38 6.26
CA LYS B 344 -22.73 -8.14 6.42
C LYS B 344 -22.57 -7.59 7.84
N LYS B 345 -22.33 -8.47 8.83
CA LYS B 345 -22.31 -8.10 10.27
C LYS B 345 -20.94 -7.57 10.70
N PHE B 346 -19.85 -8.22 10.29
CA PHE B 346 -18.48 -8.00 10.86
C PHE B 346 -17.54 -7.33 9.86
N SER B 347 -17.82 -7.38 8.55
CA SER B 347 -16.97 -6.73 7.51
C SER B 347 -16.69 -5.27 7.91
N LEU B 348 -15.43 -4.89 8.01
CA LEU B 348 -15.00 -3.49 8.28
C LEU B 348 -15.39 -2.60 7.10
N VAL B 349 -15.56 -3.18 5.90
CA VAL B 349 -15.92 -2.48 4.64
C VAL B 349 -17.45 -2.30 4.59
N GLU B 350 -18.21 -3.39 4.81
CA GLU B 350 -19.69 -3.39 4.68
C GLU B 350 -20.29 -2.48 5.77
N THR B 351 -19.68 -2.42 6.96
CA THR B 351 -20.15 -1.62 8.11
C THR B 351 -19.57 -0.21 8.08
N GLY B 352 -18.59 0.06 7.20
CA GLY B 352 -18.06 1.41 6.91
C GLY B 352 -17.06 1.90 7.94
N ILE B 353 -16.52 1.02 8.79
CA ILE B 353 -15.38 1.33 9.70
C ILE B 353 -14.23 1.94 8.88
N VAL B 354 -13.99 1.40 7.70
CA VAL B 354 -12.86 1.78 6.78
C VAL B 354 -13.06 3.21 6.25
N ASP B 355 -14.29 3.74 6.28
CA ASP B 355 -14.62 5.09 5.76
C ASP B 355 -14.48 6.11 6.91
N GLN B 356 -13.34 6.07 7.59
CA GLN B 356 -12.87 7.09 8.56
C GLN B 356 -11.35 7.19 8.40
N PRO B 357 -10.69 8.23 8.94
CA PRO B 357 -9.23 8.24 8.99
C PRO B 357 -8.72 7.12 9.89
N SER B 358 -7.43 6.79 9.74
CA SER B 358 -6.69 5.85 10.62
C SER B 358 -5.29 6.40 10.90
N CYS B 359 -4.66 5.96 11.99
CA CYS B 359 -3.21 6.10 12.23
C CYS B 359 -2.47 5.29 11.17
N ARG B 360 -1.15 5.42 11.09
CA ARG B 360 -0.32 4.67 10.12
C ARG B 360 -0.64 3.18 10.30
N LEU B 361 -0.97 2.49 9.20
CA LEU B 361 -1.39 1.06 9.21
C LEU B 361 -0.50 0.28 8.24
N LEU B 362 0.27 -0.68 8.77
CA LEU B 362 1.14 -1.59 7.98
C LEU B 362 0.43 -2.93 7.79
N LEU B 363 0.16 -3.28 6.54
CA LEU B 363 -0.44 -4.58 6.13
C LEU B 363 0.68 -5.50 5.67
N LEU B 364 0.86 -6.64 6.35
CA LEU B 364 1.89 -7.67 6.02
C LEU B 364 1.18 -9.00 5.77
N ASN B 365 1.45 -9.62 4.62
CA ASN B 365 0.92 -10.98 4.30
C ASN B 365 1.66 -11.59 3.11
N GLY B 366 1.53 -12.90 2.96
CA GLY B 366 1.84 -13.63 1.72
C GLY B 366 0.74 -13.41 0.70
N VAL B 367 1.11 -13.18 -0.56
CA VAL B 367 0.16 -12.93 -1.68
C VAL B 367 -0.74 -14.15 -1.85
N ASP B 368 -0.20 -15.36 -1.66
CA ASP B 368 -0.89 -16.65 -1.89
C ASP B 368 -1.51 -17.17 -0.58
N ASP B 369 -2.05 -16.27 0.25
CA ASP B 369 -2.77 -16.63 1.50
C ASP B 369 -4.07 -17.35 1.12
N GLY B 370 -4.26 -18.58 1.61
CA GLY B 370 -5.49 -19.38 1.41
C GLY B 370 -6.35 -19.44 2.67
N VAL B 371 -5.95 -18.72 3.72
CA VAL B 371 -6.72 -18.63 5.01
C VAL B 371 -7.58 -17.37 4.97
N VAL B 372 -6.95 -16.22 4.72
CA VAL B 372 -7.63 -14.92 4.45
C VAL B 372 -7.08 -14.39 3.13
N PRO B 373 -7.93 -13.80 2.24
CA PRO B 373 -7.49 -13.43 0.91
C PRO B 373 -6.61 -12.18 0.97
N ILE B 374 -5.61 -12.08 0.09
CA ILE B 374 -4.71 -10.90 -0.03
C ILE B 374 -5.56 -9.67 -0.39
N GLU B 375 -6.72 -9.88 -1.02
CA GLU B 375 -7.70 -8.82 -1.36
C GLU B 375 -8.14 -8.05 -0.10
N ASP B 376 -8.05 -8.66 1.08
CA ASP B 376 -8.44 -8.02 2.38
C ASP B 376 -7.34 -7.08 2.87
N CYS B 377 -6.14 -7.14 2.27
CA CYS B 377 -5.11 -6.06 2.40
C CYS B 377 -5.36 -4.99 1.33
N LEU B 378 -5.52 -5.41 0.07
CA LEU B 378 -5.63 -4.50 -1.11
C LEU B 378 -6.89 -3.63 -0.98
N VAL B 379 -8.00 -4.17 -0.47
CA VAL B 379 -9.29 -3.43 -0.33
C VAL B 379 -9.07 -2.17 0.51
N LEU B 380 -8.19 -2.21 1.52
CA LEU B 380 -8.01 -1.11 2.50
C LEU B 380 -7.36 0.12 1.83
N PHE B 381 -6.76 -0.03 0.65
CA PHE B 381 -6.14 1.09 -0.12
C PHE B 381 -7.23 1.91 -0.84
N GLU B 382 -8.47 1.41 -0.88
CA GLU B 382 -9.60 2.04 -1.61
C GLU B 382 -10.51 2.82 -0.64
N HIS B 383 -10.07 3.03 0.62
CA HIS B 383 -10.88 3.65 1.69
C HIS B 383 -9.99 4.52 2.60
N GLY B 384 -10.58 5.56 3.20
CA GLY B 384 -10.01 6.33 4.32
C GLY B 384 -8.63 6.90 4.01
N SER B 385 -7.71 6.78 4.96
CA SER B 385 -6.31 7.30 4.90
C SER B 385 -5.44 6.36 4.06
N PRO B 386 -4.32 6.85 3.48
CA PRO B 386 -3.34 5.96 2.86
C PRO B 386 -2.94 4.82 3.83
N LYS B 387 -2.74 3.62 3.29
CA LYS B 387 -2.27 2.43 4.04
C LYS B 387 -0.86 2.06 3.59
N GLU B 388 -0.11 1.38 4.46
N GLU B 388 -0.11 1.39 4.46
CA GLU B 388 1.27 0.89 4.17
CA GLU B 388 1.26 0.88 4.15
C GLU B 388 1.22 -0.64 4.04
C GLU B 388 1.19 -0.65 4.01
N GLY B 389 2.03 -1.21 3.15
CA GLY B 389 1.93 -2.63 2.77
C GLY B 389 3.23 -3.20 2.24
N ARG B 390 3.44 -4.49 2.52
CA ARG B 390 4.46 -5.34 1.88
C ARG B 390 3.87 -6.75 1.78
N PHE B 391 3.71 -7.24 0.55
CA PHE B 391 3.02 -8.51 0.23
C PHE B 391 4.03 -9.42 -0.49
N TYR B 392 4.19 -10.63 0.02
CA TYR B 392 5.31 -11.55 -0.35
C TYR B 392 4.82 -12.55 -1.40
N LYS B 393 5.35 -12.41 -2.62
CA LYS B 393 4.94 -13.22 -3.80
C LYS B 393 5.21 -14.69 -3.50
N GLY B 394 4.21 -15.54 -3.73
CA GLY B 394 4.31 -17.01 -3.64
C GLY B 394 4.22 -17.54 -2.21
N LEU B 395 4.00 -16.68 -1.21
CA LEU B 395 3.99 -17.10 0.22
C LEU B 395 2.55 -17.23 0.73
N PRO B 396 2.28 -18.26 1.56
CA PRO B 396 0.97 -18.44 2.18
C PRO B 396 0.75 -17.55 3.40
N HIS B 397 -0.29 -17.84 4.19
CA HIS B 397 -0.77 -17.05 5.35
C HIS B 397 0.41 -16.61 6.24
N MET B 398 0.50 -15.29 6.48
CA MET B 398 1.47 -14.59 7.40
C MET B 398 2.76 -14.23 6.67
N GLY B 399 3.11 -14.91 5.57
CA GLY B 399 4.30 -14.61 4.77
C GLY B 399 5.60 -14.76 5.57
N TYR B 400 5.65 -15.74 6.47
CA TYR B 400 6.85 -16.06 7.30
C TYR B 400 7.89 -16.79 6.43
N PRO B 401 9.20 -16.62 6.70
CA PRO B 401 9.71 -15.73 7.74
C PRO B 401 9.95 -14.27 7.31
N ASN B 402 9.72 -13.95 6.02
CA ASN B 402 10.09 -12.66 5.38
C ASN B 402 9.44 -11.48 6.13
N SER B 403 8.17 -11.63 6.54
CA SER B 403 7.32 -10.55 7.08
C SER B 403 7.77 -10.10 8.48
N LEU B 404 8.62 -10.86 9.17
CA LEU B 404 8.96 -10.58 10.60
C LEU B 404 10.02 -9.48 10.73
N PRO B 405 11.19 -9.55 10.06
CA PRO B 405 12.18 -8.48 10.18
C PRO B 405 11.61 -7.09 9.85
N VAL B 406 10.84 -6.98 8.75
CA VAL B 406 10.26 -5.68 8.27
C VAL B 406 9.40 -5.07 9.38
N SER B 407 8.67 -5.89 10.14
CA SER B 407 7.80 -5.45 11.27
C SER B 407 8.61 -4.59 12.24
N TYR B 408 9.78 -5.08 12.67
CA TYR B 408 10.63 -4.42 13.69
C TYR B 408 11.23 -3.12 13.11
N GLU B 409 11.68 -3.15 11.85
CA GLU B 409 12.17 -1.95 11.12
C GLU B 409 11.07 -0.87 11.15
N TRP B 410 9.84 -1.26 10.86
CA TRP B 410 8.68 -0.32 10.79
C TRP B 410 8.34 0.22 12.18
N LEU B 411 8.37 -0.63 13.21
CA LEU B 411 8.15 -0.22 14.63
C LEU B 411 9.23 0.79 15.05
N GLU B 412 10.49 0.52 14.69
CA GLU B 412 11.65 1.40 15.02
C GLU B 412 11.43 2.78 14.39
N GLN B 413 10.89 2.83 13.18
CA GLN B 413 10.63 4.10 12.43
CA GLN B 413 10.62 4.09 12.42
C GLN B 413 9.51 4.87 13.13
N VAL B 414 8.39 4.21 13.41
CA VAL B 414 7.16 4.85 13.99
C VAL B 414 7.43 5.29 15.44
N LEU B 415 8.15 4.48 16.23
CA LEU B 415 8.42 4.76 17.67
C LEU B 415 9.71 5.58 17.84
N ALA B 416 10.29 6.11 16.75
CA ALA B 416 11.57 6.85 16.75
C ALA B 416 11.47 8.10 17.63
N SER B 417 12.62 8.58 18.13
CA SER B 417 12.75 9.77 19.00
C SER B 417 13.42 10.90 18.22
N ARG C 20 -35.98 46.96 14.54
CA ARG C 20 -36.34 46.99 13.08
C ARG C 20 -37.18 45.76 12.70
N TRP C 21 -37.04 44.64 13.40
CA TRP C 21 -37.61 43.32 13.03
C TRP C 21 -38.92 43.06 13.79
N ILE C 22 -39.89 42.42 13.12
CA ILE C 22 -41.19 41.99 13.70
C ILE C 22 -40.94 40.98 14.83
N LEU C 23 -39.89 40.17 14.71
CA LEU C 23 -39.46 39.17 15.74
C LEU C 23 -39.38 39.86 17.11
N GLY C 24 -38.97 41.14 17.12
CA GLY C 24 -39.05 42.03 18.30
C GLY C 24 -38.08 41.63 19.40
N ASP C 25 -38.57 41.52 20.64
CA ASP C 25 -37.79 41.24 21.86
C ASP C 25 -36.90 39.99 21.66
N LYS C 26 -37.43 38.97 20.98
CA LYS C 26 -36.75 37.65 20.80
C LYS C 26 -35.45 37.82 20.02
N PHE C 27 -35.37 38.81 19.11
CA PHE C 27 -34.20 39.08 18.23
C PHE C 27 -32.92 39.24 19.08
N ASP C 28 -32.99 40.07 20.12
CA ASP C 28 -31.81 40.49 20.94
C ASP C 28 -31.52 39.47 22.06
N THR C 29 -32.22 38.33 22.08
CA THR C 29 -32.05 37.27 23.10
C THR C 29 -31.13 36.17 22.56
N VAL C 30 -30.33 35.57 23.46
CA VAL C 30 -29.56 34.31 23.22
C VAL C 30 -30.41 33.16 23.76
N PHE C 31 -30.91 32.30 22.87
CA PHE C 31 -31.84 31.18 23.20
C PHE C 31 -31.12 30.18 24.10
N PRO C 32 -31.83 29.50 25.04
CA PRO C 32 -31.17 28.70 26.08
C PRO C 32 -30.27 27.55 25.57
N HIS C 33 -30.54 27.03 24.37
CA HIS C 33 -29.88 25.82 23.81
C HIS C 33 -28.56 26.16 23.12
N LYS C 34 -28.22 27.43 22.94
CA LYS C 34 -27.03 27.86 22.16
C LYS C 34 -25.76 27.31 22.83
N GLY C 35 -24.96 26.54 22.07
CA GLY C 35 -23.72 25.91 22.53
C GLY C 35 -23.95 24.88 23.62
N SER C 36 -25.19 24.42 23.79
CA SER C 36 -25.60 23.43 24.84
C SER C 36 -26.47 22.33 24.21
N LEU C 37 -25.85 21.23 23.79
CA LEU C 37 -26.54 20.04 23.24
C LEU C 37 -27.44 19.42 24.32
N LYS C 38 -27.00 19.46 25.59
CA LYS C 38 -27.78 18.96 26.75
C LYS C 38 -29.14 19.68 26.80
N VAL C 39 -29.13 21.01 26.76
CA VAL C 39 -30.35 21.86 26.81
C VAL C 39 -31.19 21.60 25.56
N LEU C 40 -30.54 21.47 24.39
CA LEU C 40 -31.24 21.17 23.10
C LEU C 40 -32.04 19.88 23.24
N TRP C 41 -31.42 18.84 23.81
CA TRP C 41 -32.04 17.49 23.96
C TRP C 41 -33.12 17.54 25.05
N GLU C 42 -32.78 18.04 26.24
CA GLU C 42 -33.67 18.03 27.43
C GLU C 42 -34.89 18.94 27.23
N SER C 43 -34.75 20.03 26.45
CA SER C 43 -35.75 21.11 26.33
C SER C 43 -36.60 20.96 25.05
N ARG C 44 -36.11 20.26 24.01
CA ARG C 44 -36.75 20.26 22.67
C ARG C 44 -36.68 18.86 22.02
N TRP C 45 -35.48 18.42 21.66
CA TRP C 45 -35.25 17.28 20.72
C TRP C 45 -35.73 15.95 21.31
N LYS C 46 -35.64 15.75 22.63
CA LYS C 46 -36.11 14.51 23.31
C LYS C 46 -37.61 14.32 23.04
N PHE C 47 -38.37 15.41 23.08
CA PHE C 47 -39.84 15.42 22.85
C PHE C 47 -40.12 15.21 21.36
N ALA C 48 -39.44 15.97 20.49
CA ALA C 48 -39.53 15.84 19.01
C ALA C 48 -39.22 14.40 18.60
N CYS C 49 -38.22 13.78 19.24
CA CYS C 49 -37.80 12.39 18.97
C CYS C 49 -38.90 11.41 19.39
N SER C 50 -39.47 11.59 20.60
CA SER C 50 -40.54 10.72 21.16
C SER C 50 -41.76 10.70 20.21
N LYS C 51 -42.19 11.88 19.75
CA LYS C 51 -43.37 12.07 18.87
C LYS C 51 -43.05 11.67 17.43
N SER C 52 -41.77 11.42 17.11
CA SER C 52 -41.29 11.10 15.74
CA SER C 52 -41.29 11.10 15.74
C SER C 52 -41.68 12.23 14.79
N VAL C 53 -41.35 13.46 15.17
CA VAL C 53 -41.58 14.70 14.36
C VAL C 53 -40.22 15.34 14.05
N TYR C 54 -40.19 16.23 13.07
CA TYR C 54 -38.96 16.89 12.55
C TYR C 54 -38.10 17.37 13.72
N PRO C 55 -36.77 17.10 13.73
CA PRO C 55 -36.07 16.39 12.65
C PRO C 55 -35.98 14.85 12.78
N PHE C 56 -36.74 14.26 13.71
CA PHE C 56 -36.67 12.81 14.07
C PHE C 56 -37.78 12.01 13.38
N HIS C 57 -38.38 12.56 12.33
CA HIS C 57 -39.43 11.88 11.49
C HIS C 57 -38.85 10.58 10.93
N ASP C 58 -39.60 9.47 11.09
CA ASP C 58 -39.22 8.07 10.71
C ASP C 58 -38.39 7.42 11.82
N GLY C 59 -38.09 8.15 12.90
CA GLY C 59 -37.10 7.76 13.93
C GLY C 59 -37.75 7.20 15.17
N SER C 60 -36.94 6.64 16.08
CA SER C 60 -37.39 6.04 17.37
CA SER C 60 -37.39 6.05 17.37
C SER C 60 -36.51 6.55 18.52
N ILE C 61 -37.14 6.99 19.62
CA ILE C 61 -36.48 7.49 20.86
C ILE C 61 -35.55 6.41 21.45
N GLU C 62 -35.91 5.13 21.32
CA GLU C 62 -35.11 4.00 21.86
C GLU C 62 -33.74 3.94 21.17
N ASP C 63 -33.63 4.47 19.95
CA ASP C 63 -32.37 4.52 19.16
C ASP C 63 -31.51 5.69 19.61
N PHE C 64 -32.12 6.83 19.95
CA PHE C 64 -31.44 8.13 20.16
C PHE C 64 -31.09 8.37 21.64
N GLU C 65 -31.91 7.87 22.57
CA GLU C 65 -31.74 8.16 24.03
C GLU C 65 -30.34 7.73 24.47
N PRO C 66 -29.85 6.52 24.10
CA PRO C 66 -28.49 6.11 24.47
C PRO C 66 -27.39 7.00 23.88
N ILE C 67 -27.60 7.52 22.66
CA ILE C 67 -26.60 8.33 21.91
C ILE C 67 -26.46 9.69 22.60
N PHE C 68 -27.56 10.40 22.82
CA PHE C 68 -27.57 11.77 23.39
C PHE C 68 -27.14 11.72 24.86
N ASN C 69 -27.49 10.65 25.58
CA ASN C 69 -26.98 10.36 26.95
C ASN C 69 -25.44 10.32 26.92
N HIS C 70 -24.86 9.68 25.91
CA HIS C 70 -23.39 9.59 25.68
C HIS C 70 -22.83 10.98 25.38
N LEU C 71 -23.38 11.67 24.38
CA LEU C 71 -22.93 13.02 23.93
C LEU C 71 -22.90 13.97 25.13
N ILE C 72 -23.99 14.01 25.90
CA ILE C 72 -24.19 14.92 27.06
C ILE C 72 -23.15 14.59 28.14
N SER C 73 -22.89 13.30 28.41
CA SER C 73 -21.94 12.82 29.43
C SER C 73 -20.51 13.28 29.07
N LYS C 74 -20.17 13.25 27.78
CA LYS C 74 -18.83 13.64 27.24
C LYS C 74 -18.73 15.16 27.07
N ASN C 75 -19.85 15.88 27.18
CA ASN C 75 -19.93 17.36 27.06
C ASN C 75 -19.65 17.78 25.61
N ILE C 76 -20.14 17.00 24.64
CA ILE C 76 -19.96 17.23 23.17
C ILE C 76 -21.12 18.10 22.68
N ASN C 77 -20.84 19.39 22.40
CA ASN C 77 -21.85 20.41 22.00
C ASN C 77 -21.71 20.74 20.51
N ASP C 78 -20.48 20.81 20.00
CA ASP C 78 -20.18 21.16 18.58
C ASP C 78 -20.65 20.03 17.66
N ALA C 79 -21.76 20.25 16.95
CA ALA C 79 -22.39 19.25 16.04
C ALA C 79 -21.53 19.06 14.78
N ALA C 80 -20.72 20.07 14.42
CA ALA C 80 -19.80 20.05 13.26
C ALA C 80 -18.62 19.10 13.54
N SER C 81 -18.36 18.76 14.81
CA SER C 81 -17.19 17.95 15.25
C SER C 81 -17.40 16.47 14.92
N ASP C 82 -16.31 15.77 14.59
CA ASP C 82 -16.29 14.30 14.34
C ASP C 82 -16.81 13.57 15.59
N GLU C 83 -16.45 14.04 16.79
CA GLU C 83 -16.87 13.47 18.09
C GLU C 83 -18.39 13.28 18.12
N TYR C 84 -19.14 14.25 17.60
CA TYR C 84 -20.63 14.23 17.55
C TYR C 84 -21.10 13.17 16.55
N THR C 85 -20.65 13.26 15.30
CA THR C 85 -21.11 12.41 14.17
C THR C 85 -20.88 10.94 14.49
N GLN C 86 -19.70 10.62 15.04
CA GLN C 86 -19.22 9.22 15.25
C GLN C 86 -20.02 8.55 16.38
N ALA C 87 -20.72 9.32 17.23
CA ALA C 87 -21.48 8.81 18.39
C ALA C 87 -22.70 8.01 17.92
N PHE C 88 -23.18 8.27 16.70
CA PHE C 88 -24.45 7.72 16.13
C PHE C 88 -24.21 6.43 15.36
N LEU C 89 -23.00 6.23 14.85
CA LEU C 89 -22.70 5.20 13.81
C LEU C 89 -22.86 3.78 14.36
N PRO C 90 -22.38 3.45 15.58
CA PRO C 90 -22.57 2.12 16.14
C PRO C 90 -24.05 1.71 16.24
N THR C 91 -24.92 2.64 16.64
CA THR C 91 -26.39 2.43 16.68
C THR C 91 -26.86 2.07 15.27
N ALA C 92 -26.55 2.92 14.28
CA ALA C 92 -26.92 2.73 12.85
C ALA C 92 -26.53 1.32 12.41
N SER C 93 -25.30 0.89 12.71
CA SER C 93 -24.76 -0.44 12.36
C SER C 93 -25.66 -1.55 12.93
N ALA C 94 -26.03 -1.46 14.21
CA ALA C 94 -26.85 -2.45 14.93
C ALA C 94 -28.24 -2.56 14.26
N LEU C 95 -28.84 -1.43 13.90
CA LEU C 95 -30.18 -1.41 13.25
C LEU C 95 -30.11 -2.09 11.88
N GLU C 96 -29.05 -1.83 11.11
CA GLU C 96 -28.79 -2.48 9.78
C GLU C 96 -28.69 -3.99 9.96
N GLU C 97 -27.98 -4.46 10.98
CA GLU C 97 -27.86 -5.91 11.31
C GLU C 97 -29.24 -6.46 11.69
N LYS C 98 -30.00 -5.73 12.51
CA LYS C 98 -31.38 -6.09 12.92
C LYS C 98 -32.28 -6.19 11.68
N ALA C 99 -32.08 -5.29 10.70
CA ALA C 99 -32.84 -5.27 9.43
C ALA C 99 -32.45 -6.50 8.57
N ALA C 100 -31.16 -6.82 8.51
CA ALA C 100 -30.62 -8.01 7.79
C ALA C 100 -31.28 -9.28 8.34
N GLN C 101 -31.40 -9.40 9.66
CA GLN C 101 -32.07 -10.53 10.36
C GLN C 101 -33.55 -10.56 9.98
N ALA C 102 -34.20 -9.40 9.94
CA ALA C 102 -35.63 -9.24 9.60
C ALA C 102 -35.88 -9.73 8.17
N LEU C 103 -35.03 -9.33 7.22
CA LEU C 103 -35.11 -9.72 5.78
C LEU C 103 -34.96 -11.24 5.64
N GLN C 104 -33.95 -11.82 6.28
CA GLN C 104 -33.66 -13.29 6.28
C GLN C 104 -34.91 -14.07 6.69
N ALA C 105 -35.60 -13.62 7.74
CA ALA C 105 -36.82 -14.25 8.31
C ALA C 105 -38.05 -13.95 7.44
N GLY C 106 -37.93 -13.02 6.49
CA GLY C 106 -39.00 -12.64 5.54
C GLY C 106 -39.91 -11.56 6.10
N LYS C 107 -39.47 -10.84 7.13
CA LYS C 107 -40.23 -9.74 7.79
C LYS C 107 -39.92 -8.42 7.07
N HIS C 108 -40.58 -8.18 5.94
CA HIS C 108 -40.34 -7.05 5.00
C HIS C 108 -40.65 -5.71 5.68
N GLU C 109 -41.83 -5.59 6.29
CA GLU C 109 -42.30 -4.36 6.99
C GLU C 109 -41.38 -4.06 8.17
N GLU C 110 -40.95 -5.10 8.90
CA GLU C 110 -40.02 -5.00 10.05
C GLU C 110 -38.66 -4.48 9.57
N ALA C 111 -38.14 -5.05 8.48
CA ALA C 111 -36.84 -4.70 7.86
C ALA C 111 -36.85 -3.23 7.41
N SER C 112 -37.90 -2.83 6.70
CA SER C 112 -38.10 -1.45 6.18
C SER C 112 -38.05 -0.45 7.34
N ASN C 113 -38.75 -0.75 8.44
CA ASN C 113 -38.87 0.12 9.63
C ASN C 113 -37.48 0.33 10.26
N LEU C 114 -36.69 -0.75 10.38
CA LEU C 114 -35.35 -0.73 11.01
C LEU C 114 -34.37 0.07 10.13
N LEU C 115 -34.43 -0.10 8.81
CA LEU C 115 -33.56 0.61 7.83
C LEU C 115 -33.91 2.11 7.83
N CYS C 116 -35.21 2.45 7.90
CA CYS C 116 -35.67 3.86 8.01
C CYS C 116 -35.17 4.45 9.33
N ARG C 117 -35.25 3.67 10.43
CA ARG C 117 -34.72 4.05 11.76
C ARG C 117 -33.21 4.31 11.67
N ALA C 118 -32.47 3.45 10.98
CA ALA C 118 -31.01 3.61 10.75
C ALA C 118 -30.78 4.93 9.99
N ALA C 119 -31.52 5.16 8.91
CA ALA C 119 -31.47 6.39 8.07
C ALA C 119 -31.57 7.63 8.97
N VAL C 120 -32.52 7.65 9.92
CA VAL C 120 -32.74 8.82 10.81
C VAL C 120 -31.52 9.00 11.72
N VAL C 121 -30.93 7.90 12.21
CA VAL C 121 -29.71 7.94 13.07
C VAL C 121 -28.59 8.63 12.27
N TYR C 122 -28.39 8.24 11.00
CA TYR C 122 -27.40 8.88 10.09
C TYR C 122 -27.77 10.35 9.89
N ARG C 123 -29.04 10.63 9.62
CA ARG C 123 -29.55 12.01 9.35
C ARG C 123 -29.08 12.96 10.46
N ILE C 124 -29.40 12.63 11.72
CA ILE C 124 -29.10 13.49 12.91
C ILE C 124 -27.58 13.58 13.09
N SER C 125 -26.83 12.52 12.76
CA SER C 125 -25.35 12.46 12.88
C SER C 125 -24.69 13.52 11.99
N ARG C 126 -25.28 13.85 10.84
CA ARG C 126 -24.66 14.77 9.85
C ARG C 126 -25.38 16.13 9.85
N PHE C 127 -26.11 16.44 10.93
CA PHE C 127 -26.61 17.81 11.24
C PHE C 127 -25.44 18.68 11.64
N PRO C 128 -25.47 20.01 11.36
CA PRO C 128 -26.58 20.64 10.63
C PRO C 128 -26.43 20.58 9.10
N TYR C 129 -25.25 20.24 8.59
CA TYR C 129 -24.86 20.47 7.17
C TYR C 129 -23.78 19.48 6.74
N VAL C 130 -23.99 18.83 5.59
CA VAL C 130 -22.94 18.05 4.87
C VAL C 130 -22.13 19.03 4.02
N ASP C 131 -20.85 19.24 4.37
CA ASP C 131 -19.95 20.20 3.70
C ASP C 131 -19.64 19.67 2.29
N ILE C 132 -20.21 20.31 1.27
CA ILE C 132 -20.13 19.88 -0.17
C ILE C 132 -18.69 20.03 -0.69
N THR C 133 -17.82 20.74 0.04
CA THR C 133 -16.39 20.96 -0.34
C THR C 133 -15.46 19.96 0.36
N LYS C 134 -15.98 19.08 1.23
CA LYS C 134 -15.18 18.12 2.04
C LYS C 134 -15.70 16.70 1.83
N PRO C 135 -15.41 16.07 0.68
CA PRO C 135 -15.95 14.75 0.35
C PRO C 135 -15.46 13.60 1.24
N ASN C 136 -14.43 13.82 2.07
CA ASN C 136 -13.82 12.82 2.98
C ASN C 136 -14.37 13.00 4.41
N SER C 137 -15.20 14.02 4.64
CA SER C 137 -15.81 14.31 5.97
C SER C 137 -16.63 13.11 6.42
N ILE C 138 -16.75 12.90 7.73
CA ILE C 138 -17.56 11.79 8.33
C ILE C 138 -19.05 12.06 8.04
N LYS C 139 -19.46 13.33 7.96
CA LYS C 139 -20.87 13.72 7.70
C LYS C 139 -21.28 13.30 6.29
N ARG C 140 -20.35 13.35 5.33
CA ARG C 140 -20.56 12.83 3.95
C ARG C 140 -20.73 11.30 4.01
N VAL C 141 -19.88 10.61 4.78
CA VAL C 141 -19.93 9.12 4.94
C VAL C 141 -21.30 8.74 5.49
N ALA C 142 -21.77 9.45 6.53
CA ALA C 142 -23.09 9.27 7.17
C ALA C 142 -24.21 9.41 6.13
N PHE C 143 -24.14 10.44 5.28
CA PHE C 143 -25.15 10.73 4.24
C PHE C 143 -25.14 9.58 3.22
N GLU C 144 -23.96 9.13 2.79
CA GLU C 144 -23.81 8.01 1.83
C GLU C 144 -24.43 6.73 2.42
N ARG C 145 -24.16 6.44 3.70
CA ARG C 145 -24.78 5.29 4.43
C ARG C 145 -26.29 5.51 4.53
N GLN C 146 -26.75 6.74 4.79
CA GLN C 146 -28.19 7.06 4.96
C GLN C 146 -28.93 6.72 3.66
N LYS C 147 -28.43 7.23 2.53
CA LYS C 147 -29.02 7.03 1.19
C LYS C 147 -29.11 5.53 0.87
N GLN C 148 -28.04 4.79 1.15
CA GLN C 148 -27.93 3.32 0.93
C GLN C 148 -29.04 2.61 1.73
N ALA C 149 -29.13 2.93 3.03
CA ALA C 149 -30.11 2.35 3.98
C ALA C 149 -31.54 2.68 3.53
N TYR C 150 -31.78 3.96 3.22
CA TYR C 150 -33.12 4.48 2.85
C TYR C 150 -33.62 3.80 1.57
N LEU C 151 -32.80 3.74 0.52
CA LEU C 151 -33.16 3.07 -0.76
C LEU C 151 -33.54 1.61 -0.48
N LYS C 152 -32.79 0.92 0.37
CA LYS C 152 -33.05 -0.50 0.73
C LYS C 152 -34.44 -0.59 1.40
N ALA C 153 -34.73 0.33 2.34
CA ALA C 153 -36.02 0.40 3.08
C ALA C 153 -37.17 0.61 2.09
N THR C 154 -37.02 1.56 1.17
CA THR C 154 -38.09 2.05 0.27
C THR C 154 -38.29 1.08 -0.89
N SER C 155 -37.29 0.23 -1.18
CA SER C 155 -37.37 -0.84 -2.22
C SER C 155 -38.43 -1.89 -1.83
N LEU C 156 -38.82 -1.93 -0.54
CA LEU C 156 -39.79 -2.93 0.01
C LEU C 156 -41.22 -2.39 -0.03
N TRP C 157 -41.40 -1.07 -0.15
CA TRP C 157 -42.73 -0.39 -0.20
C TRP C 157 -43.48 -0.82 -1.46
N THR C 158 -44.81 -0.97 -1.36
CA THR C 158 -45.73 -1.28 -2.48
C THR C 158 -45.52 -0.28 -3.62
N GLN C 159 -45.43 1.01 -3.27
CA GLN C 159 -45.04 2.12 -4.18
C GLN C 159 -43.64 2.58 -3.80
N PRO C 160 -42.58 1.96 -4.35
CA PRO C 160 -41.21 2.23 -3.90
C PRO C 160 -40.68 3.60 -4.37
N ILE C 161 -39.84 4.23 -3.55
CA ILE C 161 -39.02 5.40 -3.96
C ILE C 161 -37.87 4.88 -4.82
N ARG C 162 -37.78 5.34 -6.06
CA ARG C 162 -36.72 4.98 -7.03
C ARG C 162 -35.83 6.20 -7.27
N GLU C 163 -34.51 6.01 -7.19
CA GLU C 163 -33.52 7.06 -7.53
C GLU C 163 -33.30 7.06 -9.04
N VAL C 164 -33.36 8.23 -9.67
CA VAL C 164 -32.96 8.46 -11.08
C VAL C 164 -31.83 9.49 -11.08
N THR C 165 -30.74 9.21 -11.79
CA THR C 165 -29.61 10.14 -12.03
C THR C 165 -29.87 10.87 -13.35
N VAL C 166 -30.58 12.00 -13.28
CA VAL C 166 -31.01 12.80 -14.47
C VAL C 166 -29.77 13.49 -15.03
N PRO C 167 -29.42 13.28 -16.32
CA PRO C 167 -28.30 14.00 -16.94
C PRO C 167 -28.59 15.50 -16.92
N HIS C 168 -27.64 16.31 -16.44
CA HIS C 168 -27.75 17.80 -16.39
C HIS C 168 -27.50 18.36 -17.79
N THR C 169 -28.47 18.18 -18.70
CA THR C 169 -28.35 18.51 -20.14
C THR C 169 -28.22 20.02 -20.33
N TYR C 170 -28.77 20.80 -19.39
CA TYR C 170 -28.75 22.30 -19.40
C TYR C 170 -27.56 22.82 -18.58
N ARG C 171 -26.63 21.94 -18.17
CA ARG C 171 -25.42 22.33 -17.38
C ARG C 171 -24.60 23.34 -18.19
N THR C 172 -23.99 24.31 -17.51
CA THR C 172 -22.99 25.26 -18.07
C THR C 172 -21.96 25.60 -16.99
N GLY C 173 -20.80 26.12 -17.41
CA GLY C 173 -19.71 26.55 -16.50
C GLY C 173 -19.32 25.44 -15.54
N ASN C 174 -19.42 25.70 -14.23
CA ASN C 174 -18.89 24.83 -13.15
C ASN C 174 -19.98 23.87 -12.64
N ASP C 175 -21.12 23.79 -13.32
CA ASP C 175 -22.23 22.84 -12.99
C ASP C 175 -21.73 21.39 -13.11
N GLY C 176 -22.10 20.54 -12.15
CA GLY C 176 -21.86 19.08 -12.22
C GLY C 176 -22.70 18.42 -13.30
N ALA C 177 -22.43 17.16 -13.63
CA ALA C 177 -22.98 16.45 -14.80
C ALA C 177 -24.30 15.76 -14.47
N HIS C 178 -24.55 15.44 -13.19
CA HIS C 178 -25.58 14.48 -12.74
C HIS C 178 -26.46 15.08 -11.65
N ILE C 179 -27.79 14.93 -11.79
CA ILE C 179 -28.82 15.38 -10.80
C ILE C 179 -29.53 14.15 -10.26
N PRO C 180 -29.15 13.65 -9.06
CA PRO C 180 -29.85 12.53 -8.45
C PRO C 180 -31.16 13.00 -7.79
N ILE C 181 -32.28 12.39 -8.20
CA ILE C 181 -33.63 12.70 -7.64
C ILE C 181 -34.29 11.40 -7.18
N TYR C 182 -35.17 11.49 -6.19
CA TYR C 182 -36.11 10.40 -5.77
C TYR C 182 -37.46 10.65 -6.45
N ILE C 183 -38.02 9.60 -7.06
CA ILE C 183 -39.37 9.63 -7.69
C ILE C 183 -40.22 8.53 -7.05
N ARG C 184 -41.45 8.88 -6.65
CA ARG C 184 -42.45 7.94 -6.09
C ARG C 184 -43.78 8.19 -6.79
N THR C 185 -44.37 7.14 -7.37
CA THR C 185 -45.59 7.20 -8.21
C THR C 185 -46.70 6.42 -7.52
N PRO C 186 -47.96 6.93 -7.51
CA PRO C 186 -49.06 6.21 -6.88
C PRO C 186 -49.54 5.04 -7.75
N ALA C 187 -50.28 4.10 -7.16
CA ALA C 187 -50.90 2.96 -7.86
C ALA C 187 -51.82 3.49 -8.96
N GLY C 188 -51.73 2.90 -10.16
CA GLY C 188 -52.61 3.22 -11.32
C GLY C 188 -52.03 4.29 -12.22
N ALA C 189 -50.83 4.81 -11.92
CA ALA C 189 -50.13 5.83 -12.73
C ALA C 189 -49.51 5.17 -13.97
N ASP C 190 -49.88 5.65 -15.17
CA ASP C 190 -49.39 5.12 -16.47
C ASP C 190 -49.62 6.16 -17.58
N GLN C 191 -49.21 5.85 -18.81
CA GLN C 191 -49.29 6.72 -20.00
C GLN C 191 -50.74 7.18 -20.24
N SER C 192 -51.71 6.29 -19.97
CA SER C 192 -53.17 6.54 -20.17
C SER C 192 -53.74 7.39 -19.03
N ASN C 193 -53.23 7.20 -17.80
CA ASN C 193 -53.68 7.91 -16.58
C ASN C 193 -52.48 8.60 -15.92
N PRO C 194 -51.87 9.61 -16.58
CA PRO C 194 -50.75 10.35 -15.98
C PRO C 194 -51.24 11.18 -14.79
N VAL C 195 -50.42 11.29 -13.75
CA VAL C 195 -50.81 11.88 -12.43
C VAL C 195 -50.12 13.23 -12.26
N PRO C 196 -50.72 14.16 -11.47
CA PRO C 196 -50.06 15.42 -11.11
C PRO C 196 -48.76 15.18 -10.34
N ILE C 197 -47.87 16.18 -10.35
CA ILE C 197 -46.47 16.10 -9.82
C ILE C 197 -46.29 17.15 -8.73
N VAL C 198 -45.89 16.73 -7.53
CA VAL C 198 -45.40 17.65 -6.46
C VAL C 198 -43.88 17.48 -6.40
N LEU C 199 -43.13 18.51 -6.81
CA LEU C 199 -41.65 18.51 -6.82
C LEU C 199 -41.16 19.18 -5.53
N ILE C 200 -40.65 18.38 -4.60
CA ILE C 200 -40.10 18.86 -3.30
C ILE C 200 -38.64 19.30 -3.52
N MET C 201 -38.37 20.57 -3.23
CA MET C 201 -37.01 21.18 -3.20
C MET C 201 -36.57 21.25 -1.74
N THR C 202 -35.56 20.44 -1.36
CA THR C 202 -35.15 20.21 0.05
C THR C 202 -34.28 21.39 0.50
N GLY C 203 -33.64 21.29 1.67
CA GLY C 203 -32.97 22.44 2.32
C GLY C 203 -31.58 22.12 2.84
N LEU C 204 -31.16 22.85 3.88
CA LEU C 204 -29.78 22.85 4.42
C LEU C 204 -29.50 21.56 5.18
N ASP C 205 -30.47 21.03 5.93
CA ASP C 205 -30.30 19.84 6.80
C ASP C 205 -31.26 18.71 6.41
N GLY C 206 -32.19 18.97 5.48
CA GLY C 206 -33.08 17.96 4.90
C GLY C 206 -32.73 17.71 3.45
N TYR C 207 -32.41 16.47 3.09
CA TYR C 207 -32.02 16.03 1.71
C TYR C 207 -33.04 14.99 1.24
N ARG C 208 -32.82 14.38 0.07
CA ARG C 208 -33.87 13.59 -0.64
C ARG C 208 -34.41 12.47 0.26
N PRO C 209 -33.61 11.79 1.12
CA PRO C 209 -34.13 10.73 1.98
C PRO C 209 -35.00 11.15 3.19
N ASP C 210 -35.18 12.46 3.41
CA ASP C 210 -35.77 13.03 4.67
C ASP C 210 -37.21 13.49 4.47
N ASN C 211 -38.00 12.83 3.59
CA ASN C 211 -39.33 13.32 3.18
C ASN C 211 -40.33 12.17 3.03
N SER C 212 -40.15 11.05 3.74
CA SER C 212 -41.06 9.87 3.70
C SER C 212 -42.52 10.32 3.82
N GLN C 213 -42.86 11.04 4.90
CA GLN C 213 -44.26 11.40 5.27
C GLN C 213 -44.86 12.33 4.20
N ARG C 214 -44.06 13.24 3.63
CA ARG C 214 -44.52 14.13 2.52
C ARG C 214 -44.91 13.27 1.31
N THR C 215 -44.12 12.26 0.96
CA THR C 215 -44.39 11.38 -0.20
C THR C 215 -45.65 10.53 0.08
N HIS C 216 -45.82 10.05 1.32
CA HIS C 216 -47.02 9.31 1.79
C HIS C 216 -48.28 10.15 1.49
N GLU C 217 -48.27 11.43 1.87
CA GLU C 217 -49.42 12.37 1.76
C GLU C 217 -49.68 12.70 0.30
N ILE C 218 -48.62 12.91 -0.49
CA ILE C 218 -48.71 13.26 -1.94
C ILE C 218 -49.34 12.07 -2.69
N LEU C 219 -48.84 10.85 -2.47
CA LEU C 219 -49.38 9.62 -3.12
C LEU C 219 -50.82 9.36 -2.67
N ALA C 220 -51.15 9.62 -1.41
CA ALA C 220 -52.48 9.40 -0.81
C ALA C 220 -53.54 10.21 -1.58
N ARG C 221 -53.14 11.32 -2.20
CA ARG C 221 -54.02 12.22 -3.00
C ARG C 221 -53.81 11.96 -4.50
N GLY C 222 -53.25 10.80 -4.85
CA GLY C 222 -53.13 10.31 -6.24
C GLY C 222 -52.09 11.09 -7.05
N TRP C 223 -51.12 11.72 -6.38
CA TRP C 223 -50.05 12.50 -7.04
C TRP C 223 -48.71 11.78 -6.92
N ALA C 224 -47.79 12.05 -7.86
CA ALA C 224 -46.38 11.59 -7.81
C ALA C 224 -45.54 12.59 -7.04
N ALA C 225 -44.63 12.11 -6.18
CA ALA C 225 -43.65 12.93 -5.43
C ALA C 225 -42.29 12.83 -6.14
N VAL C 226 -41.72 13.98 -6.50
CA VAL C 226 -40.32 14.11 -6.99
C VAL C 226 -39.56 14.94 -5.96
N VAL C 227 -38.35 14.51 -5.58
CA VAL C 227 -37.55 15.15 -4.49
C VAL C 227 -36.14 15.42 -5.02
N ALA C 228 -35.72 16.69 -5.01
CA ALA C 228 -34.40 17.15 -5.50
C ALA C 228 -33.80 18.10 -4.46
N GLU C 229 -32.47 18.09 -4.35
CA GLU C 229 -31.69 18.97 -3.43
C GLU C 229 -31.41 20.29 -4.12
N ILE C 230 -31.06 21.31 -3.34
CA ILE C 230 -30.90 22.71 -3.81
C ILE C 230 -29.42 23.03 -3.95
N PRO C 231 -29.06 24.07 -4.75
CA PRO C 231 -27.66 24.44 -4.94
C PRO C 231 -26.91 24.63 -3.61
N GLY C 232 -25.68 24.09 -3.54
CA GLY C 232 -24.80 24.25 -2.37
C GLY C 232 -25.00 23.19 -1.31
N THR C 233 -25.85 22.18 -1.57
CA THR C 233 -26.15 21.09 -0.59
C THR C 233 -26.05 19.71 -1.25
N ALA C 234 -25.86 18.68 -0.42
CA ALA C 234 -26.00 17.24 -0.74
C ALA C 234 -25.33 16.94 -2.09
N ASP C 235 -26.09 16.45 -3.07
CA ASP C 235 -25.59 15.94 -4.37
C ASP C 235 -26.09 16.82 -5.51
N CYS C 236 -26.52 18.05 -5.20
CA CYS C 236 -26.96 19.06 -6.20
C CYS C 236 -25.75 19.50 -7.03
N PRO C 237 -25.78 19.34 -8.37
CA PRO C 237 -24.64 19.71 -9.22
C PRO C 237 -24.60 21.19 -9.63
N ALA C 238 -25.62 21.96 -9.23
CA ALA C 238 -25.76 23.40 -9.55
C ALA C 238 -24.57 24.15 -8.92
N ASP C 239 -23.94 25.05 -9.67
CA ASP C 239 -22.81 25.90 -9.21
C ASP C 239 -23.33 26.80 -8.08
N PRO C 240 -23.00 26.52 -6.80
CA PRO C 240 -23.60 27.26 -5.68
C PRO C 240 -23.31 28.78 -5.74
N ALA C 241 -22.18 29.16 -6.34
CA ALA C 241 -21.68 30.55 -6.44
C ALA C 241 -22.28 31.27 -7.66
N ASP C 242 -23.12 30.60 -8.46
CA ASP C 242 -23.79 31.20 -9.64
C ASP C 242 -25.29 31.32 -9.32
N PRO C 243 -25.81 32.54 -9.07
CA PRO C 243 -27.24 32.74 -8.83
C PRO C 243 -28.17 32.19 -9.93
N ALA C 244 -27.64 32.05 -11.16
CA ALA C 244 -28.35 31.49 -12.33
C ALA C 244 -28.48 29.96 -12.25
N SER C 245 -27.62 29.28 -11.48
CA SER C 245 -27.47 27.79 -11.50
C SER C 245 -28.81 27.06 -11.27
N PRO C 246 -29.68 27.47 -10.32
CA PRO C 246 -30.97 26.80 -10.15
C PRO C 246 -31.88 26.84 -11.39
N ASP C 247 -31.80 27.91 -12.19
CA ASP C 247 -32.62 28.10 -13.41
C ASP C 247 -32.29 26.97 -14.40
N ARG C 248 -31.02 26.62 -14.50
CA ARG C 248 -30.49 25.53 -15.39
C ARG C 248 -30.85 24.17 -14.77
N LEU C 249 -30.77 24.07 -13.44
CA LEU C 249 -31.04 22.82 -12.68
C LEU C 249 -32.49 22.38 -12.95
N TRP C 250 -33.46 23.30 -12.80
CA TRP C 250 -34.90 22.99 -12.98
C TRP C 250 -35.22 22.79 -14.46
N ASP C 251 -34.48 23.45 -15.36
CA ASP C 251 -34.58 23.22 -16.83
C ASP C 251 -34.29 21.74 -17.12
N SER C 252 -33.28 21.15 -16.47
CA SER C 252 -32.88 19.73 -16.65
C SER C 252 -33.91 18.79 -16.00
N VAL C 253 -34.39 19.12 -14.80
CA VAL C 253 -35.34 18.27 -14.03
C VAL C 253 -36.71 18.28 -14.72
N LEU C 254 -37.24 19.46 -15.05
CA LEU C 254 -38.57 19.63 -15.70
C LEU C 254 -38.56 18.97 -17.08
N SER C 255 -37.44 19.07 -17.80
CA SER C 255 -37.23 18.42 -19.13
C SER C 255 -37.38 16.90 -19.01
N TYR C 256 -36.82 16.31 -17.94
CA TYR C 256 -36.88 14.84 -17.69
C TYR C 256 -38.33 14.42 -17.41
N LEU C 257 -39.02 15.14 -16.54
CA LEU C 257 -40.43 14.84 -16.12
C LEU C 257 -41.37 15.02 -17.32
N ASP C 258 -41.06 15.92 -18.25
CA ASP C 258 -41.83 16.11 -19.51
C ASP C 258 -41.83 14.79 -20.31
N GLN C 259 -40.71 14.07 -20.30
CA GLN C 259 -40.50 12.80 -21.07
C GLN C 259 -41.26 11.65 -20.38
N ARG C 260 -41.30 11.63 -19.04
CA ARG C 260 -41.93 10.54 -18.24
C ARG C 260 -43.41 10.45 -18.57
N PRO C 261 -43.88 9.37 -19.23
CA PRO C 261 -45.27 9.27 -19.68
C PRO C 261 -46.32 9.32 -18.55
N GLU C 262 -46.00 8.75 -17.38
CA GLU C 262 -46.96 8.54 -16.26
C GLU C 262 -47.05 9.82 -15.39
N LEU C 263 -46.28 10.86 -15.72
CA LEU C 263 -46.20 12.12 -14.93
C LEU C 263 -46.74 13.28 -15.78
N ASN C 264 -47.72 14.01 -15.23
CA ASN C 264 -48.42 15.14 -15.91
C ASN C 264 -47.76 16.46 -15.48
N THR C 265 -46.88 17.01 -16.32
CA THR C 265 -46.12 18.26 -16.05
C THR C 265 -47.00 19.48 -16.32
N ALA C 266 -48.20 19.31 -16.89
CA ALA C 266 -49.23 20.36 -17.04
C ALA C 266 -49.93 20.61 -15.70
N LYS C 267 -49.79 19.67 -14.75
CA LYS C 267 -50.35 19.78 -13.38
C LYS C 267 -49.21 19.57 -12.36
N MET C 268 -48.30 20.54 -12.27
CA MET C 268 -47.07 20.45 -11.45
C MET C 268 -47.01 21.61 -10.46
N VAL C 269 -46.72 21.30 -9.18
CA VAL C 269 -46.46 22.29 -8.10
C VAL C 269 -45.06 22.00 -7.53
N VAL C 270 -44.34 23.04 -7.14
CA VAL C 270 -43.04 22.93 -6.41
C VAL C 270 -43.29 23.20 -4.93
N TRP C 271 -42.54 22.52 -4.06
CA TRP C 271 -42.62 22.65 -2.59
C TRP C 271 -41.21 22.84 -2.02
N GLY C 272 -40.81 24.09 -1.76
CA GLY C 272 -39.51 24.45 -1.19
C GLY C 272 -39.53 24.38 0.33
N LEU C 273 -38.59 23.63 0.92
CA LEU C 273 -38.57 23.35 2.38
C LEU C 273 -37.42 24.13 3.03
N SER C 274 -37.76 25.16 3.83
CA SER C 274 -36.79 26.00 4.58
C SER C 274 -35.86 26.68 3.57
N ALA C 275 -34.58 26.26 3.47
CA ALA C 275 -33.61 26.76 2.48
C ALA C 275 -34.15 26.53 1.05
N GLY C 276 -34.94 25.48 0.85
CA GLY C 276 -35.64 25.20 -0.42
C GLY C 276 -36.66 26.28 -0.75
N GLY C 277 -37.24 26.91 0.26
CA GLY C 277 -38.20 28.03 0.13
C GLY C 277 -37.75 29.06 -0.90
N TYR C 278 -36.52 29.55 -0.80
CA TYR C 278 -35.88 30.52 -1.74
C TYR C 278 -36.04 30.02 -3.18
N TYR C 279 -35.80 28.74 -3.41
CA TYR C 279 -35.76 28.12 -4.75
C TYR C 279 -37.18 27.92 -5.28
N ALA C 280 -38.15 27.63 -4.41
CA ALA C 280 -39.59 27.58 -4.73
C ALA C 280 -40.06 28.97 -5.20
N ILE C 281 -39.71 30.01 -4.44
CA ILE C 281 -40.03 31.43 -4.79
C ILE C 281 -39.40 31.75 -6.15
N ARG C 282 -38.09 31.51 -6.30
CA ARG C 282 -37.36 31.84 -7.54
C ARG C 282 -38.01 31.12 -8.73
N ALA C 283 -38.29 29.82 -8.57
CA ALA C 283 -38.90 28.94 -9.60
C ALA C 283 -40.29 29.45 -9.99
N ALA C 284 -41.06 29.97 -9.02
CA ALA C 284 -42.41 30.53 -9.23
C ALA C 284 -42.35 31.66 -10.27
N HIS C 285 -41.24 32.41 -10.32
CA HIS C 285 -41.00 33.50 -11.29
C HIS C 285 -40.36 32.96 -12.57
N THR C 286 -39.23 32.23 -12.45
CA THR C 286 -38.38 31.79 -13.57
C THR C 286 -39.11 30.77 -14.44
N HIS C 287 -39.96 29.93 -13.85
CA HIS C 287 -40.62 28.77 -14.51
C HIS C 287 -42.14 28.88 -14.35
N ARG C 288 -42.67 30.10 -14.24
CA ARG C 288 -44.11 30.40 -14.00
C ARG C 288 -44.99 29.69 -15.02
N ASP C 289 -44.56 29.63 -16.29
CA ASP C 289 -45.36 29.07 -17.41
C ASP C 289 -45.33 27.53 -17.40
N ARG C 290 -44.47 26.92 -16.56
CA ARG C 290 -44.34 25.44 -16.45
C ARG C 290 -44.85 24.94 -15.10
N LEU C 291 -45.39 25.81 -14.24
CA LEU C 291 -45.84 25.47 -12.87
C LEU C 291 -47.26 26.02 -12.62
N LEU C 292 -48.13 25.19 -12.05
CA LEU C 292 -49.49 25.58 -11.58
C LEU C 292 -49.37 26.37 -10.28
N GLY C 293 -48.38 26.03 -9.44
CA GLY C 293 -48.22 26.64 -8.12
C GLY C 293 -46.85 26.38 -7.52
N ALA C 294 -46.53 27.10 -6.45
CA ALA C 294 -45.31 26.94 -5.64
C ALA C 294 -45.64 27.19 -4.17
N ILE C 295 -45.12 26.36 -3.28
CA ILE C 295 -45.13 26.60 -1.80
C ILE C 295 -43.70 26.89 -1.37
N ALA C 296 -43.52 27.99 -0.64
CA ALA C 296 -42.25 28.38 0.03
C ALA C 296 -42.44 28.25 1.54
N HIS C 297 -41.92 27.18 2.14
CA HIS C 297 -42.13 26.81 3.56
C HIS C 297 -40.95 27.33 4.39
N GLY C 298 -41.17 28.38 5.18
CA GLY C 298 -40.15 29.07 5.99
C GLY C 298 -39.04 29.65 5.13
N PRO C 299 -39.36 30.52 4.14
CA PRO C 299 -38.37 30.98 3.17
C PRO C 299 -37.59 32.23 3.57
N GLY C 300 -36.34 32.33 3.12
CA GLY C 300 -35.57 33.59 3.00
C GLY C 300 -35.49 33.99 1.54
N CYS C 301 -35.38 35.29 1.25
CA CYS C 301 -35.18 35.79 -0.14
C CYS C 301 -34.52 37.17 -0.20
N HIS C 302 -34.27 37.84 0.93
CA HIS C 302 -33.68 39.21 0.94
C HIS C 302 -33.09 39.56 2.31
N TYR C 303 -33.95 39.77 3.32
CA TYR C 303 -33.58 40.28 4.66
C TYR C 303 -32.78 39.24 5.45
N TYR C 304 -32.89 37.95 5.13
CA TYR C 304 -32.12 36.87 5.82
C TYR C 304 -30.62 37.06 5.56
N LEU C 305 -30.24 37.81 4.53
CA LEU C 305 -28.83 38.09 4.15
C LEU C 305 -28.40 39.48 4.64
N ASP C 306 -29.28 40.21 5.33
CA ASP C 306 -28.94 41.50 5.98
C ASP C 306 -27.88 41.23 7.04
N PRO C 307 -26.71 41.93 7.02
CA PRO C 307 -25.69 41.75 8.04
C PRO C 307 -26.19 41.85 9.49
N GLU C 308 -27.18 42.72 9.75
CA GLU C 308 -27.78 42.92 11.10
C GLU C 308 -28.56 41.65 11.50
N TRP C 309 -29.23 41.00 10.55
CA TRP C 309 -29.92 39.71 10.78
C TRP C 309 -28.87 38.60 10.99
N LEU C 310 -27.94 38.46 10.05
CA LEU C 310 -26.86 37.43 10.07
C LEU C 310 -26.06 37.54 11.38
N ALA C 311 -25.93 38.73 11.96
CA ALA C 311 -25.20 39.01 13.21
C ALA C 311 -25.78 38.20 14.38
N LYS C 312 -27.11 38.04 14.43
CA LYS C 312 -27.84 37.47 15.59
C LYS C 312 -28.49 36.11 15.25
N VAL C 313 -28.38 35.64 14.01
CA VAL C 313 -29.13 34.44 13.51
C VAL C 313 -28.66 33.18 14.27
N ASN C 314 -27.39 33.12 14.68
CA ASN C 314 -26.80 31.95 15.40
C ASN C 314 -27.36 31.86 16.83
N ASP C 315 -28.12 32.86 17.29
CA ASP C 315 -28.57 32.99 18.71
C ASP C 315 -30.04 32.58 18.86
N HIS C 316 -30.70 32.10 17.79
CA HIS C 316 -32.16 31.82 17.77
C HIS C 316 -32.42 30.31 17.77
N GLU C 317 -33.53 29.86 17.17
CA GLU C 317 -34.10 28.51 17.42
C GLU C 317 -33.31 27.41 16.69
N TYR C 318 -32.54 27.74 15.64
CA TYR C 318 -31.80 26.69 14.88
C TYR C 318 -30.89 25.96 15.87
N PRO C 319 -30.90 24.60 15.88
CA PRO C 319 -30.25 23.83 16.93
C PRO C 319 -28.75 24.11 17.16
N PHE C 320 -28.02 24.49 16.11
CA PHE C 320 -26.55 24.72 16.12
C PHE C 320 -26.21 25.99 15.34
N GLU C 321 -24.92 26.34 15.29
CA GLU C 321 -24.40 27.48 14.48
C GLU C 321 -24.77 27.22 13.01
N ILE C 322 -25.27 28.25 12.31
CA ILE C 322 -25.84 28.13 10.93
C ILE C 322 -24.98 28.91 9.92
N THR C 323 -24.28 29.96 10.33
CA THR C 323 -23.63 30.93 9.40
C THR C 323 -22.51 30.25 8.61
N ALA C 324 -21.78 29.30 9.21
CA ALA C 324 -20.69 28.53 8.56
C ALA C 324 -21.27 27.72 7.39
N ALA C 325 -22.34 26.96 7.65
CA ALA C 325 -23.07 26.14 6.65
C ALA C 325 -23.61 27.04 5.52
N TRP C 326 -24.22 28.17 5.87
CA TRP C 326 -24.82 29.14 4.90
C TRP C 326 -23.75 29.66 3.94
N ALA C 327 -22.59 30.06 4.47
CA ALA C 327 -21.44 30.57 3.69
C ALA C 327 -21.09 29.57 2.59
N THR C 328 -20.88 28.31 2.97
CA THR C 328 -20.53 27.19 2.05
C THR C 328 -21.66 26.97 1.04
N LYS C 329 -22.91 26.99 1.50
CA LYS C 329 -24.13 26.76 0.67
C LYS C 329 -24.27 27.88 -0.38
N HIS C 330 -23.83 29.11 -0.07
CA HIS C 330 -23.91 30.30 -0.95
C HIS C 330 -22.64 30.43 -1.81
N GLY C 331 -21.68 29.50 -1.64
CA GLY C 331 -20.49 29.37 -2.50
C GLY C 331 -19.34 30.28 -2.07
N TYR C 332 -19.32 30.70 -0.80
CA TYR C 332 -18.28 31.59 -0.22
C TYR C 332 -17.24 30.77 0.54
N LYS C 333 -15.97 31.20 0.43
CA LYS C 333 -14.80 30.55 1.08
C LYS C 333 -14.78 30.88 2.58
N THR C 334 -15.33 32.04 2.97
CA THR C 334 -15.33 32.57 4.36
C THR C 334 -16.69 33.20 4.70
N VAL C 335 -17.07 33.11 5.98
CA VAL C 335 -18.32 33.72 6.54
C VAL C 335 -18.26 35.24 6.38
N GLU C 336 -17.08 35.85 6.62
CA GLU C 336 -16.85 37.32 6.52
C GLU C 336 -17.24 37.81 5.11
N GLU C 337 -16.82 37.09 4.07
CA GLU C 337 -17.10 37.43 2.64
C GLU C 337 -18.57 37.17 2.34
N PHE C 338 -19.15 36.10 2.89
CA PHE C 338 -20.59 35.75 2.80
C PHE C 338 -21.41 36.94 3.32
N VAL C 339 -21.18 37.36 4.57
CA VAL C 339 -21.89 38.50 5.23
C VAL C 339 -21.81 39.74 4.33
N ALA C 340 -20.61 40.04 3.82
CA ALA C 340 -20.30 41.28 3.06
C ALA C 340 -21.05 41.30 1.71
N GLY C 341 -21.14 40.16 1.02
CA GLY C 341 -21.47 40.10 -0.43
C GLY C 341 -22.80 39.44 -0.74
N ALA C 342 -23.33 38.60 0.15
CA ALA C 342 -24.41 37.63 -0.16
C ALA C 342 -25.70 38.33 -0.58
N GLN C 343 -26.14 39.37 0.14
CA GLN C 343 -27.46 40.02 -0.10
C GLN C 343 -27.48 40.61 -1.51
N LYS C 344 -26.47 41.39 -1.88
CA LYS C 344 -26.33 42.03 -3.22
C LYS C 344 -26.44 40.97 -4.32
N LYS C 345 -25.84 39.80 -4.11
CA LYS C 345 -25.65 38.78 -5.17
C LYS C 345 -26.88 37.85 -5.28
N PHE C 346 -27.52 37.53 -4.16
CA PHE C 346 -28.54 36.43 -4.08
C PHE C 346 -29.95 36.95 -3.79
N SER C 347 -30.12 38.07 -3.10
CA SER C 347 -31.46 38.63 -2.81
C SER C 347 -32.31 38.59 -4.09
N LEU C 348 -33.48 37.95 -4.03
CA LEU C 348 -34.44 37.92 -5.17
C LEU C 348 -35.00 39.32 -5.38
N VAL C 349 -34.99 40.16 -4.34
CA VAL C 349 -35.43 41.59 -4.39
C VAL C 349 -34.34 42.40 -5.10
N GLU C 350 -33.12 42.42 -4.55
CA GLU C 350 -31.98 43.24 -5.05
C GLU C 350 -31.73 42.96 -6.53
N THR C 351 -31.74 41.68 -6.93
CA THR C 351 -31.44 41.21 -8.31
C THR C 351 -32.66 41.43 -9.23
N GLY C 352 -33.85 41.62 -8.65
CA GLY C 352 -35.08 42.02 -9.38
C GLY C 352 -35.86 40.83 -9.92
N ILE C 353 -35.57 39.62 -9.45
CA ILE C 353 -36.33 38.38 -9.81
C ILE C 353 -37.81 38.62 -9.46
N VAL C 354 -38.07 39.24 -8.31
CA VAL C 354 -39.44 39.45 -7.75
C VAL C 354 -40.26 40.37 -8.66
N ASP C 355 -39.62 41.19 -9.51
CA ASP C 355 -40.27 42.30 -10.26
C ASP C 355 -40.89 41.78 -11.57
N GLN C 356 -40.93 40.47 -11.79
CA GLN C 356 -41.66 39.83 -12.92
C GLN C 356 -42.84 39.03 -12.36
N PRO C 357 -43.80 38.59 -13.21
CA PRO C 357 -44.91 37.77 -12.74
C PRO C 357 -44.47 36.42 -12.16
N SER C 358 -45.33 35.78 -11.38
CA SER C 358 -45.11 34.41 -10.84
C SER C 358 -46.41 33.60 -10.94
N CYS C 359 -46.29 32.26 -10.96
CA CYS C 359 -47.42 31.33 -10.76
C CYS C 359 -47.95 31.54 -9.33
N ARG C 360 -49.05 30.86 -8.98
CA ARG C 360 -49.58 30.91 -7.58
C ARG C 360 -48.44 30.54 -6.63
N LEU C 361 -48.23 31.36 -5.60
CA LEU C 361 -47.12 31.21 -4.63
C LEU C 361 -47.68 31.30 -3.21
N LEU C 362 -47.67 30.19 -2.48
CA LEU C 362 -48.10 30.12 -1.07
C LEU C 362 -46.88 30.29 -0.16
N LEU C 363 -46.86 31.36 0.64
CA LEU C 363 -45.82 31.62 1.66
C LEU C 363 -46.37 31.14 3.02
N LEU C 364 -45.66 30.22 3.68
CA LEU C 364 -46.01 29.66 5.02
C LEU C 364 -44.83 29.83 5.97
N ASN C 365 -45.08 30.36 7.17
CA ASN C 365 -44.04 30.51 8.20
C ASN C 365 -44.64 30.88 9.56
N GLY C 366 -43.87 30.67 10.63
CA GLY C 366 -44.09 31.30 11.94
C GLY C 366 -43.75 32.78 11.87
N VAL C 367 -44.52 33.62 12.57
CA VAL C 367 -44.30 35.10 12.59
C VAL C 367 -42.97 35.39 13.31
N ASP C 368 -42.66 34.62 14.36
CA ASP C 368 -41.46 34.82 15.22
C ASP C 368 -40.33 33.88 14.76
N ASP C 369 -40.16 33.73 13.45
CA ASP C 369 -39.02 33.00 12.84
C ASP C 369 -37.73 33.79 13.14
N GLY C 370 -36.76 33.12 13.77
CA GLY C 370 -35.44 33.69 14.11
C GLY C 370 -34.33 33.13 13.25
N VAL C 371 -34.66 32.31 12.25
CA VAL C 371 -33.70 31.70 11.28
C VAL C 371 -33.74 32.51 9.99
N VAL C 372 -34.92 32.72 9.42
CA VAL C 372 -35.20 33.71 8.35
C VAL C 372 -36.30 34.64 8.86
N PRO C 373 -36.23 35.96 8.57
CA PRO C 373 -37.23 36.90 9.07
C PRO C 373 -38.57 36.73 8.33
N ILE C 374 -39.68 36.92 9.05
CA ILE C 374 -41.05 36.93 8.45
C ILE C 374 -41.12 38.02 7.37
N GLU C 375 -40.30 39.07 7.48
CA GLU C 375 -40.24 40.18 6.49
C GLU C 375 -39.94 39.63 5.08
N ASP C 376 -39.28 38.47 4.98
CA ASP C 376 -38.92 37.83 3.68
C ASP C 376 -40.13 37.16 3.04
N CYS C 377 -41.21 36.95 3.81
CA CYS C 377 -42.55 36.59 3.26
C CYS C 377 -43.26 37.88 2.86
N LEU C 378 -43.33 38.86 3.76
CA LEU C 378 -44.14 40.11 3.64
C LEU C 378 -43.64 40.97 2.46
N VAL C 379 -42.33 41.04 2.24
CA VAL C 379 -41.73 41.91 1.17
C VAL C 379 -42.27 41.45 -0.20
N LEU C 380 -42.46 40.15 -0.40
CA LEU C 380 -42.87 39.56 -1.71
C LEU C 380 -44.25 40.08 -2.13
N PHE C 381 -45.05 40.59 -1.19
CA PHE C 381 -46.39 41.18 -1.47
C PHE C 381 -46.24 42.57 -2.11
N GLU C 382 -45.02 43.13 -2.11
CA GLU C 382 -44.73 44.50 -2.60
C GLU C 382 -44.13 44.46 -4.03
N HIS C 383 -44.10 43.29 -4.67
CA HIS C 383 -43.53 43.09 -6.03
C HIS C 383 -44.42 42.15 -6.86
N GLY C 384 -44.44 42.35 -8.17
CA GLY C 384 -44.92 41.37 -9.17
C GLY C 384 -46.38 41.00 -8.98
N SER C 385 -46.71 39.71 -9.13
CA SER C 385 -48.09 39.17 -9.06
C SER C 385 -48.54 39.08 -7.60
N PRO C 386 -49.87 39.03 -7.33
CA PRO C 386 -50.37 38.77 -5.99
C PRO C 386 -49.78 37.46 -5.42
N LYS C 387 -49.37 37.48 -4.16
CA LYS C 387 -48.87 36.30 -3.42
C LYS C 387 -49.93 35.83 -2.43
N GLU C 388 -49.86 34.56 -2.01
N GLU C 388 -49.88 34.55 -2.03
CA GLU C 388 -50.77 33.95 -1.01
CA GLU C 388 -50.77 33.94 -1.01
C GLU C 388 -49.95 33.55 0.21
C GLU C 388 -49.93 33.59 0.22
N GLY C 389 -50.52 33.69 1.41
CA GLY C 389 -49.79 33.52 2.68
C GLY C 389 -50.66 33.12 3.86
N ARG C 390 -50.05 32.43 4.82
CA ARG C 390 -50.61 32.16 6.17
C ARG C 390 -49.42 32.17 7.14
N PHE C 391 -49.43 33.09 8.11
CA PHE C 391 -48.30 33.37 9.02
C PHE C 391 -48.78 33.18 10.47
N TYR C 392 -48.15 32.26 11.19
CA TYR C 392 -48.63 31.74 12.49
C TYR C 392 -48.06 32.58 13.63
N LYS C 393 -48.95 33.24 14.37
CA LYS C 393 -48.64 34.11 15.54
C LYS C 393 -47.77 33.34 16.54
N GLY C 394 -46.66 33.94 16.97
CA GLY C 394 -45.82 33.48 18.09
C GLY C 394 -45.17 32.13 17.83
N LEU C 395 -45.09 31.67 16.58
CA LEU C 395 -44.46 30.36 16.22
C LEU C 395 -43.10 30.60 15.58
N PRO C 396 -42.11 29.71 15.85
CA PRO C 396 -40.77 29.83 15.28
C PRO C 396 -40.70 29.34 13.83
N HIS C 397 -39.48 29.27 13.28
CA HIS C 397 -39.17 28.80 11.90
C HIS C 397 -40.08 27.62 11.49
N MET C 398 -40.74 27.77 10.34
CA MET C 398 -41.60 26.77 9.62
C MET C 398 -43.04 26.75 10.17
N GLY C 399 -43.27 27.21 11.41
CA GLY C 399 -44.60 27.31 12.02
C GLY C 399 -45.30 25.95 12.14
N TYR C 400 -44.52 24.88 12.36
CA TYR C 400 -45.03 23.50 12.60
C TYR C 400 -45.71 23.43 13.96
N PRO C 401 -46.65 22.49 14.18
CA PRO C 401 -47.20 21.64 13.12
C PRO C 401 -48.30 22.33 12.29
N ASN C 402 -48.68 23.54 12.72
CA ASN C 402 -49.86 24.31 12.21
C ASN C 402 -49.78 24.46 10.68
N SER C 403 -48.59 24.65 10.12
CA SER C 403 -48.36 25.03 8.70
C SER C 403 -48.38 23.80 7.78
N LEU C 404 -48.61 22.59 8.30
CA LEU C 404 -48.58 21.34 7.49
C LEU C 404 -49.93 21.09 6.86
N PRO C 405 -51.05 20.91 7.61
CA PRO C 405 -52.34 20.63 7.00
C PRO C 405 -52.73 21.61 5.87
N VAL C 406 -52.49 22.91 6.08
CA VAL C 406 -52.82 23.99 5.10
C VAL C 406 -52.07 23.74 3.78
N SER C 407 -50.85 23.21 3.85
CA SER C 407 -50.00 22.88 2.67
C SER C 407 -50.80 21.95 1.73
N TYR C 408 -51.40 20.89 2.28
CA TYR C 408 -52.12 19.83 1.53
C TYR C 408 -53.46 20.34 1.02
N GLU C 409 -54.19 21.10 1.85
CA GLU C 409 -55.46 21.77 1.45
C GLU C 409 -55.21 22.60 0.18
N TRP C 410 -54.11 23.36 0.17
CA TRP C 410 -53.74 24.29 -0.94
C TRP C 410 -53.36 23.48 -2.19
N LEU C 411 -52.57 22.42 -2.03
CA LEU C 411 -52.17 21.53 -3.17
C LEU C 411 -53.43 20.90 -3.79
N GLU C 412 -54.41 20.52 -2.97
CA GLU C 412 -55.69 19.92 -3.42
C GLU C 412 -56.44 20.92 -4.30
N GLN C 413 -56.48 22.20 -3.90
CA GLN C 413 -57.20 23.28 -4.63
CA GLN C 413 -57.20 23.27 -4.64
C GLN C 413 -56.51 23.53 -5.98
N VAL C 414 -55.18 23.62 -5.98
CA VAL C 414 -54.35 23.97 -7.17
C VAL C 414 -54.39 22.81 -8.18
N LEU C 415 -54.31 21.55 -7.70
CA LEU C 415 -54.23 20.33 -8.55
C LEU C 415 -55.61 19.70 -8.76
N ALA C 416 -56.69 20.41 -8.43
CA ALA C 416 -58.09 19.92 -8.52
C ALA C 416 -58.43 19.58 -9.98
N SER C 417 -59.33 18.60 -10.19
CA SER C 417 -59.83 18.16 -11.52
C SER C 417 -60.77 19.22 -12.09
N ARG D 20 56.05 -21.97 12.97
CA ARG D 20 55.29 -23.26 13.05
C ARG D 20 54.71 -23.60 11.67
N TRP D 21 54.03 -22.64 11.04
CA TRP D 21 53.37 -22.81 9.70
C TRP D 21 54.44 -22.84 8.60
N ILE D 22 54.29 -23.74 7.63
CA ILE D 22 55.16 -23.88 6.43
C ILE D 22 55.17 -22.56 5.65
N LEU D 23 54.04 -21.86 5.65
CA LEU D 23 53.87 -20.50 5.06
C LEU D 23 55.01 -19.58 5.51
N GLY D 24 55.49 -19.77 6.74
CA GLY D 24 56.74 -19.16 7.26
C GLY D 24 56.67 -17.65 7.36
N ASP D 25 57.58 -16.96 6.65
CA ASP D 25 57.74 -15.48 6.69
C ASP D 25 56.40 -14.79 6.39
N LYS D 26 55.69 -15.26 5.36
CA LYS D 26 54.45 -14.63 4.81
C LYS D 26 53.32 -14.63 5.85
N PHE D 27 53.31 -15.59 6.78
CA PHE D 27 52.26 -15.73 7.83
C PHE D 27 52.16 -14.43 8.65
N ASP D 28 53.30 -13.95 9.14
CA ASP D 28 53.41 -12.76 10.04
C ASP D 28 53.62 -11.48 9.21
N THR D 29 52.97 -11.39 8.04
CA THR D 29 52.95 -10.17 7.19
C THR D 29 51.49 -9.76 6.94
N VAL D 30 51.24 -8.46 6.81
CA VAL D 30 49.96 -7.88 6.33
C VAL D 30 50.13 -7.61 4.83
N PHE D 31 49.39 -8.33 3.98
CA PHE D 31 49.46 -8.21 2.51
C PHE D 31 48.99 -6.80 2.12
N PRO D 32 49.63 -6.17 1.09
CA PRO D 32 49.45 -4.75 0.83
C PRO D 32 48.04 -4.32 0.41
N HIS D 33 47.23 -5.25 -0.12
CA HIS D 33 45.85 -5.00 -0.59
C HIS D 33 44.85 -4.96 0.59
N LYS D 34 45.26 -5.41 1.79
CA LYS D 34 44.33 -5.50 2.96
C LYS D 34 43.75 -4.11 3.24
N GLY D 35 42.42 -3.99 3.18
CA GLY D 35 41.68 -2.75 3.47
C GLY D 35 41.85 -1.69 2.39
N SER D 36 42.42 -2.05 1.23
CA SER D 36 42.65 -1.14 0.08
C SER D 36 42.17 -1.79 -1.21
N LEU D 37 40.97 -1.41 -1.68
CA LEU D 37 40.41 -1.86 -2.97
C LEU D 37 41.29 -1.36 -4.12
N LYS D 38 41.90 -0.17 -3.98
CA LYS D 38 42.76 0.44 -5.03
C LYS D 38 43.98 -0.45 -5.28
N VAL D 39 44.66 -0.90 -4.22
CA VAL D 39 45.85 -1.79 -4.31
C VAL D 39 45.41 -3.14 -4.89
N LEU D 40 44.28 -3.69 -4.41
CA LEU D 40 43.73 -4.98 -4.90
C LEU D 40 43.58 -4.92 -6.42
N TRP D 41 42.93 -3.87 -6.94
CA TRP D 41 42.63 -3.69 -8.38
C TRP D 41 43.94 -3.50 -9.16
N GLU D 42 44.70 -2.45 -8.84
CA GLU D 42 45.87 -1.99 -9.63
C GLU D 42 46.98 -3.05 -9.61
N SER D 43 47.06 -3.88 -8.55
CA SER D 43 48.18 -4.84 -8.32
C SER D 43 47.84 -6.24 -8.85
N ARG D 44 46.59 -6.69 -8.73
N ARG D 44 46.59 -6.69 -8.74
CA ARG D 44 46.16 -8.09 -9.01
CA ARG D 44 46.16 -8.09 -9.01
C ARG D 44 44.95 -8.11 -9.95
C ARG D 44 44.95 -8.13 -9.94
N TRP D 45 43.79 -7.63 -9.48
CA TRP D 45 42.47 -7.85 -10.13
C TRP D 45 42.43 -7.26 -11.55
N LYS D 46 42.96 -6.05 -11.76
CA LYS D 46 43.04 -5.41 -13.11
C LYS D 46 43.57 -6.43 -14.12
N PHE D 47 44.67 -7.11 -13.78
CA PHE D 47 45.41 -8.06 -14.66
C PHE D 47 44.63 -9.37 -14.79
N ALA D 48 43.96 -9.80 -13.71
CA ALA D 48 43.10 -11.00 -13.68
C ALA D 48 41.90 -10.77 -14.59
N CYS D 49 41.32 -9.56 -14.54
CA CYS D 49 40.15 -9.13 -15.35
C CYS D 49 40.52 -9.12 -16.83
N SER D 50 41.64 -8.48 -17.19
CA SER D 50 42.16 -8.37 -18.58
CA SER D 50 42.16 -8.38 -18.57
C SER D 50 42.33 -9.77 -19.19
N LYS D 51 42.90 -10.70 -18.42
CA LYS D 51 43.19 -12.10 -18.83
C LYS D 51 41.92 -12.96 -18.76
N SER D 52 40.82 -12.43 -18.19
CA SER D 52 39.55 -13.16 -18.00
CA SER D 52 39.55 -13.16 -18.00
C SER D 52 39.81 -14.48 -17.27
N VAL D 53 40.63 -14.42 -16.21
CA VAL D 53 40.93 -15.57 -15.30
C VAL D 53 40.26 -15.26 -13.95
N TYR D 54 40.08 -16.28 -13.11
CA TYR D 54 39.41 -16.18 -11.79
C TYR D 54 39.88 -14.93 -11.06
N PRO D 55 38.97 -14.13 -10.44
CA PRO D 55 37.53 -14.38 -10.42
C PRO D 55 36.71 -13.74 -11.57
N PHE D 56 37.39 -13.33 -12.65
CA PHE D 56 36.82 -12.57 -13.79
C PHE D 56 36.62 -13.48 -15.02
N HIS D 57 36.65 -14.79 -14.82
CA HIS D 57 36.41 -15.82 -15.88
C HIS D 57 35.01 -15.61 -16.47
N ASP D 58 34.91 -15.56 -17.80
CA ASP D 58 33.70 -15.23 -18.61
C ASP D 58 33.57 -13.71 -18.79
N GLY D 59 34.41 -12.91 -18.11
CA GLY D 59 34.25 -11.46 -17.98
C GLY D 59 35.14 -10.70 -18.97
N SER D 60 34.89 -9.39 -19.10
CA SER D 60 35.64 -8.47 -19.99
CA SER D 60 35.62 -8.46 -20.00
C SER D 60 36.07 -7.22 -19.22
N ILE D 61 37.30 -6.75 -19.45
CA ILE D 61 37.92 -5.56 -18.79
C ILE D 61 37.07 -4.31 -19.03
N GLU D 62 36.52 -4.13 -20.24
CA GLU D 62 35.78 -2.90 -20.62
C GLU D 62 34.55 -2.72 -19.71
N ASP D 63 34.02 -3.82 -19.16
CA ASP D 63 32.86 -3.81 -18.22
C ASP D 63 33.30 -3.31 -16.84
N PHE D 64 34.48 -3.72 -16.36
CA PHE D 64 34.91 -3.58 -14.95
C PHE D 64 35.75 -2.32 -14.72
N GLU D 65 36.58 -1.92 -15.68
CA GLU D 65 37.54 -0.79 -15.50
C GLU D 65 36.78 0.46 -15.05
N PRO D 66 35.64 0.83 -15.69
CA PRO D 66 34.86 1.98 -15.24
C PRO D 66 34.29 1.85 -13.82
N ILE D 67 33.88 0.64 -13.41
CA ILE D 67 33.29 0.36 -12.06
C ILE D 67 34.40 0.55 -11.01
N PHE D 68 35.57 -0.07 -11.21
CA PHE D 68 36.70 -0.01 -10.24
C PHE D 68 37.28 1.41 -10.20
N ASN D 69 37.24 2.12 -11.33
CA ASN D 69 37.60 3.57 -11.40
C ASN D 69 36.67 4.36 -10.48
N HIS D 70 35.37 4.06 -10.51
CA HIS D 70 34.32 4.70 -9.66
C HIS D 70 34.58 4.37 -8.18
N LEU D 71 34.78 3.10 -7.84
CA LEU D 71 35.01 2.60 -6.46
C LEU D 71 36.26 3.26 -5.86
N ILE D 72 37.36 3.30 -6.63
CA ILE D 72 38.68 3.84 -6.20
C ILE D 72 38.56 5.35 -5.96
N SER D 73 37.81 6.06 -6.81
CA SER D 73 37.62 7.53 -6.71
C SER D 73 36.80 7.89 -5.46
N LYS D 74 35.91 7.00 -5.01
CA LYS D 74 35.01 7.20 -3.85
C LYS D 74 35.65 6.64 -2.56
N ASN D 75 36.85 6.05 -2.67
CA ASN D 75 37.55 5.37 -1.54
C ASN D 75 36.60 4.36 -0.90
N ILE D 76 35.94 3.53 -1.72
CA ILE D 76 35.08 2.39 -1.26
C ILE D 76 35.98 1.16 -1.16
N ASN D 77 36.30 0.75 0.08
CA ASN D 77 37.23 -0.38 0.38
C ASN D 77 36.43 -1.62 0.84
N ASP D 78 35.30 -1.42 1.53
CA ASP D 78 34.51 -2.50 2.15
C ASP D 78 33.60 -3.14 1.09
N ALA D 79 33.94 -4.37 0.67
CA ALA D 79 33.16 -5.18 -0.30
C ALA D 79 31.80 -5.55 0.29
N ALA D 80 31.70 -5.66 1.62
CA ALA D 80 30.45 -6.01 2.36
C ALA D 80 29.38 -4.92 2.17
N SER D 81 29.81 -3.67 1.99
CA SER D 81 28.93 -2.46 1.95
C SER D 81 28.07 -2.44 0.68
N ASP D 82 26.90 -1.83 0.76
CA ASP D 82 25.94 -1.67 -0.38
C ASP D 82 26.54 -0.73 -1.42
N GLU D 83 27.36 0.25 -0.99
CA GLU D 83 28.05 1.23 -1.87
C GLU D 83 28.89 0.48 -2.91
N TYR D 84 29.60 -0.57 -2.48
CA TYR D 84 30.43 -1.45 -3.36
C TYR D 84 29.52 -2.19 -4.35
N THR D 85 28.57 -2.98 -3.82
CA THR D 85 27.67 -3.87 -4.60
C THR D 85 26.91 -3.05 -5.65
N GLN D 86 26.30 -1.93 -5.24
CA GLN D 86 25.37 -1.12 -6.10
C GLN D 86 26.13 -0.40 -7.22
N ALA D 87 27.46 -0.30 -7.12
CA ALA D 87 28.34 0.35 -8.12
C ALA D 87 28.41 -0.49 -9.42
N PHE D 88 28.02 -1.77 -9.38
CA PHE D 88 28.12 -2.73 -10.52
C PHE D 88 26.82 -2.78 -11.32
N LEU D 89 25.67 -2.49 -10.69
CA LEU D 89 24.34 -2.89 -11.21
C LEU D 89 23.99 -2.15 -12.51
N PRO D 90 24.28 -0.83 -12.66
CA PRO D 90 24.00 -0.13 -13.92
C PRO D 90 24.70 -0.75 -15.15
N THR D 91 25.97 -1.18 -15.00
CA THR D 91 26.77 -1.85 -16.07
C THR D 91 26.10 -3.17 -16.44
N ALA D 92 25.65 -3.95 -15.44
CA ALA D 92 24.94 -5.23 -15.63
C ALA D 92 23.64 -4.99 -16.40
N SER D 93 22.85 -4.00 -15.99
CA SER D 93 21.61 -3.54 -16.68
C SER D 93 21.94 -3.26 -18.15
N ALA D 94 22.93 -2.40 -18.41
CA ALA D 94 23.41 -2.00 -19.76
C ALA D 94 23.72 -3.23 -20.61
N LEU D 95 24.44 -4.22 -20.05
CA LEU D 95 24.84 -5.45 -20.78
C LEU D 95 23.60 -6.27 -21.14
N GLU D 96 22.64 -6.41 -20.22
CA GLU D 96 21.38 -7.17 -20.44
C GLU D 96 20.61 -6.56 -21.63
N GLU D 97 20.56 -5.23 -21.71
CA GLU D 97 19.86 -4.50 -22.80
C GLU D 97 20.55 -4.81 -24.14
N LYS D 98 21.89 -4.76 -24.16
CA LYS D 98 22.71 -5.06 -25.37
C LYS D 98 22.48 -6.51 -25.79
N ALA D 99 22.30 -7.43 -24.84
CA ALA D 99 21.95 -8.85 -25.08
C ALA D 99 20.55 -8.93 -25.71
N ALA D 100 19.57 -8.21 -25.15
CA ALA D 100 18.17 -8.18 -25.63
C ALA D 100 18.13 -7.68 -27.08
N GLN D 101 18.95 -6.67 -27.40
CA GLN D 101 19.12 -6.11 -28.77
C GLN D 101 19.70 -7.21 -29.68
N ALA D 102 20.77 -7.87 -29.25
CA ALA D 102 21.49 -8.94 -30.00
C ALA D 102 20.51 -10.09 -30.31
N LEU D 103 19.75 -10.53 -29.30
CA LEU D 103 18.80 -11.67 -29.41
C LEU D 103 17.65 -11.31 -30.36
N GLN D 104 17.23 -10.04 -30.37
CA GLN D 104 16.18 -9.50 -31.29
C GLN D 104 16.68 -9.57 -32.74
N ALA D 105 17.98 -9.37 -32.95
CA ALA D 105 18.64 -9.37 -34.27
C ALA D 105 19.02 -10.81 -34.70
N GLY D 106 18.74 -11.80 -33.84
CA GLY D 106 19.03 -13.23 -34.09
C GLY D 106 20.49 -13.57 -33.87
N LYS D 107 21.22 -12.73 -33.13
CA LYS D 107 22.66 -12.94 -32.78
C LYS D 107 22.73 -13.64 -31.42
N HIS D 108 22.54 -14.96 -31.42
CA HIS D 108 22.48 -15.83 -30.21
C HIS D 108 23.83 -15.83 -29.48
N GLU D 109 24.92 -15.96 -30.23
CA GLU D 109 26.31 -16.03 -29.69
C GLU D 109 26.65 -14.73 -28.96
N GLU D 110 26.47 -13.59 -29.64
CA GLU D 110 26.74 -12.24 -29.09
C GLU D 110 25.90 -12.03 -27.82
N ALA D 111 24.62 -12.41 -27.87
CA ALA D 111 23.64 -12.30 -26.75
C ALA D 111 24.13 -13.12 -25.56
N SER D 112 24.54 -14.37 -25.80
CA SER D 112 25.08 -15.30 -24.77
C SER D 112 26.30 -14.67 -24.10
N ASN D 113 27.26 -14.21 -24.90
CA ASN D 113 28.54 -13.59 -24.43
C ASN D 113 28.22 -12.37 -23.55
N LEU D 114 27.28 -11.53 -23.98
CA LEU D 114 26.89 -10.30 -23.23
C LEU D 114 26.22 -10.68 -21.90
N LEU D 115 25.32 -11.67 -21.91
CA LEU D 115 24.64 -12.18 -20.68
C LEU D 115 25.67 -12.83 -19.75
N CYS D 116 26.63 -13.60 -20.28
CA CYS D 116 27.74 -14.19 -19.48
C CYS D 116 28.59 -13.07 -18.85
N ARG D 117 28.78 -11.96 -19.57
CA ARG D 117 29.56 -10.80 -19.08
C ARG D 117 28.77 -10.08 -17.97
N ALA D 118 27.46 -9.90 -18.17
CA ALA D 118 26.54 -9.36 -17.13
C ALA D 118 26.65 -10.21 -15.86
N ALA D 119 26.74 -11.54 -16.01
CA ALA D 119 26.80 -12.52 -14.90
C ALA D 119 28.08 -12.32 -14.08
N VAL D 120 29.21 -11.99 -14.73
CA VAL D 120 30.50 -11.74 -14.01
C VAL D 120 30.39 -10.41 -13.26
N VAL D 121 29.81 -9.39 -13.87
CA VAL D 121 29.56 -8.06 -13.21
C VAL D 121 28.81 -8.33 -11.90
N TYR D 122 27.71 -9.08 -11.95
CA TYR D 122 26.91 -9.48 -10.76
C TYR D 122 27.80 -10.28 -9.79
N ARG D 123 28.55 -11.25 -10.30
CA ARG D 123 29.44 -12.12 -9.46
C ARG D 123 30.30 -11.24 -8.55
N ILE D 124 31.16 -10.40 -9.15
CA ILE D 124 32.13 -9.52 -8.42
C ILE D 124 31.37 -8.57 -7.48
N SER D 125 30.16 -8.16 -7.83
CA SER D 125 29.33 -7.22 -7.04
C SER D 125 28.96 -7.85 -5.69
N ARG D 126 28.85 -9.19 -5.61
CA ARG D 126 28.39 -9.89 -4.39
C ARG D 126 29.54 -10.71 -3.78
N PHE D 127 30.78 -10.44 -4.20
CA PHE D 127 32.00 -10.86 -3.47
C PHE D 127 32.03 -10.15 -2.11
N PRO D 128 32.60 -10.76 -1.04
CA PRO D 128 33.14 -12.11 -1.09
C PRO D 128 32.15 -13.24 -0.73
N TYR D 129 30.93 -12.88 -0.32
CA TYR D 129 29.95 -13.82 0.29
C TYR D 129 28.53 -13.23 0.24
N VAL D 130 27.59 -14.02 -0.29
CA VAL D 130 26.12 -13.78 -0.13
C VAL D 130 25.71 -14.30 1.25
N ASP D 131 25.28 -13.40 2.13
CA ASP D 131 24.84 -13.72 3.51
C ASP D 131 23.52 -14.52 3.43
N ILE D 132 23.59 -15.82 3.73
CA ILE D 132 22.43 -16.77 3.65
C ILE D 132 21.34 -16.38 4.65
N THR D 133 21.68 -15.62 5.70
CA THR D 133 20.77 -15.21 6.80
C THR D 133 20.14 -13.83 6.49
N LYS D 134 20.47 -13.23 5.34
CA LYS D 134 19.97 -11.90 4.90
C LYS D 134 19.43 -11.99 3.47
N PRO D 135 18.21 -12.53 3.28
CA PRO D 135 17.64 -12.68 1.93
C PRO D 135 17.22 -11.38 1.22
N ASN D 136 17.26 -10.23 1.92
CA ASN D 136 16.93 -8.90 1.35
C ASN D 136 18.21 -8.10 1.09
N SER D 137 19.38 -8.66 1.41
CA SER D 137 20.71 -8.06 1.13
C SER D 137 20.84 -7.82 -0.38
N ILE D 138 21.46 -6.70 -0.78
CA ILE D 138 21.64 -6.32 -2.21
C ILE D 138 22.54 -7.34 -2.91
N LYS D 139 23.42 -8.03 -2.16
CA LYS D 139 24.27 -9.13 -2.71
C LYS D 139 23.36 -10.29 -3.13
N ARG D 140 22.37 -10.65 -2.31
CA ARG D 140 21.36 -11.69 -2.65
C ARG D 140 20.64 -11.26 -3.94
N VAL D 141 20.20 -10.01 -4.03
CA VAL D 141 19.53 -9.46 -5.25
C VAL D 141 20.48 -9.64 -6.44
N ALA D 142 21.77 -9.32 -6.26
CA ALA D 142 22.80 -9.43 -7.32
C ALA D 142 22.94 -10.90 -7.77
N PHE D 143 22.97 -11.83 -6.82
CA PHE D 143 23.14 -13.28 -7.08
C PHE D 143 21.89 -13.82 -7.82
N GLU D 144 20.70 -13.37 -7.44
CA GLU D 144 19.42 -13.73 -8.12
C GLU D 144 19.50 -13.29 -9.58
N ARG D 145 19.95 -12.05 -9.82
CA ARG D 145 20.04 -11.46 -11.19
C ARG D 145 21.13 -12.20 -11.98
N GLN D 146 22.21 -12.61 -11.31
CA GLN D 146 23.32 -13.37 -11.95
C GLN D 146 22.79 -14.68 -12.53
N LYS D 147 22.03 -15.43 -11.72
CA LYS D 147 21.49 -16.76 -12.08
C LYS D 147 20.54 -16.62 -13.27
N GLN D 148 19.66 -15.62 -13.27
CA GLN D 148 18.68 -15.40 -14.37
C GLN D 148 19.43 -15.14 -15.68
N ALA D 149 20.38 -14.19 -15.65
CA ALA D 149 21.24 -13.81 -16.80
C ALA D 149 22.04 -15.02 -17.28
N TYR D 150 22.60 -15.80 -16.35
CA TYR D 150 23.47 -16.95 -16.67
C TYR D 150 22.66 -18.06 -17.37
N LEU D 151 21.50 -18.41 -16.80
CA LEU D 151 20.62 -19.49 -17.33
C LEU D 151 20.12 -19.11 -18.73
N LYS D 152 19.75 -17.83 -18.94
CA LYS D 152 19.34 -17.29 -20.26
C LYS D 152 20.49 -17.47 -21.27
N ALA D 153 21.70 -17.08 -20.87
CA ALA D 153 22.94 -17.19 -21.68
C ALA D 153 23.14 -18.66 -22.10
N THR D 154 23.16 -19.56 -21.12
CA THR D 154 23.52 -21.00 -21.32
C THR D 154 22.39 -21.75 -22.04
N SER D 155 21.16 -21.22 -22.03
CA SER D 155 20.00 -21.79 -22.77
C SER D 155 20.34 -21.87 -24.27
N LEU D 156 21.13 -20.92 -24.77
CA LEU D 156 21.46 -20.75 -26.22
C LEU D 156 22.59 -21.68 -26.64
N TRP D 157 23.32 -22.27 -25.68
CA TRP D 157 24.43 -23.24 -25.94
C TRP D 157 23.86 -24.52 -26.57
N THR D 158 24.62 -25.13 -27.48
CA THR D 158 24.24 -26.41 -28.16
C THR D 158 24.03 -27.49 -27.09
N GLN D 159 24.92 -27.54 -26.10
CA GLN D 159 24.76 -28.34 -24.84
C GLN D 159 24.45 -27.35 -23.71
N PRO D 160 23.17 -27.02 -23.47
CA PRO D 160 22.83 -25.99 -22.48
C PRO D 160 23.01 -26.47 -21.03
N ILE D 161 23.31 -25.53 -20.13
CA ILE D 161 23.24 -25.75 -18.65
C ILE D 161 21.77 -25.63 -18.25
N ARG D 162 21.21 -26.69 -17.67
CA ARG D 162 19.81 -26.74 -17.19
C ARG D 162 19.83 -26.83 -15.67
N GLU D 163 18.94 -26.08 -15.01
CA GLU D 163 18.74 -26.16 -13.55
C GLU D 163 17.65 -27.19 -13.25
N VAL D 164 17.90 -28.05 -12.26
CA VAL D 164 16.87 -28.93 -11.65
C VAL D 164 16.76 -28.57 -10.17
N THR D 165 15.53 -28.43 -9.67
CA THR D 165 15.23 -28.27 -8.22
C THR D 165 15.06 -29.68 -7.64
N VAL D 166 16.16 -30.28 -7.17
CA VAL D 166 16.17 -31.69 -6.64
C VAL D 166 15.46 -31.69 -5.29
N PRO D 167 14.49 -32.60 -5.07
CA PRO D 167 13.85 -32.72 -3.76
C PRO D 167 14.86 -33.30 -2.75
N HIS D 168 15.04 -32.63 -1.62
CA HIS D 168 15.96 -33.06 -0.53
C HIS D 168 15.28 -34.18 0.26
N THR D 169 15.17 -35.38 -0.34
CA THR D 169 14.40 -36.53 0.18
C THR D 169 15.02 -37.04 1.49
N TYR D 170 16.32 -36.80 1.70
CA TYR D 170 17.08 -37.23 2.90
C TYR D 170 17.21 -36.06 3.89
N ARG D 171 16.48 -34.96 3.69
CA ARG D 171 16.45 -33.80 4.62
C ARG D 171 16.04 -34.28 6.02
N THR D 172 16.70 -33.76 7.06
CA THR D 172 16.30 -33.90 8.48
C THR D 172 16.56 -32.57 9.20
N GLY D 173 16.08 -32.45 10.43
CA GLY D 173 16.32 -31.29 11.32
C GLY D 173 15.92 -29.98 10.67
N ASN D 174 16.85 -29.03 10.58
CA ASN D 174 16.62 -27.63 10.13
C ASN D 174 16.98 -27.49 8.63
N ASP D 175 17.15 -28.61 7.91
CA ASP D 175 17.47 -28.62 6.46
C ASP D 175 16.32 -28.01 5.67
N GLY D 176 16.64 -27.36 4.55
CA GLY D 176 15.68 -26.94 3.52
C GLY D 176 15.17 -28.12 2.73
N ALA D 177 14.18 -27.91 1.86
CA ALA D 177 13.44 -28.97 1.13
C ALA D 177 13.97 -29.13 -0.31
N HIS D 178 14.73 -28.17 -0.82
CA HIS D 178 15.04 -28.04 -2.27
C HIS D 178 16.55 -27.85 -2.47
N ILE D 179 17.14 -28.63 -3.40
CA ILE D 179 18.58 -28.55 -3.79
C ILE D 179 18.63 -28.14 -5.26
N PRO D 180 18.81 -26.83 -5.56
CA PRO D 180 18.96 -26.38 -6.94
C PRO D 180 20.38 -26.71 -7.46
N ILE D 181 20.47 -27.54 -8.50
CA ILE D 181 21.76 -27.93 -9.13
C ILE D 181 21.72 -27.58 -10.62
N TYR D 182 22.90 -27.35 -11.21
CA TYR D 182 23.11 -27.22 -12.66
C TYR D 182 23.59 -28.56 -13.22
N ILE D 183 23.00 -28.99 -14.34
CA ILE D 183 23.42 -30.21 -15.09
C ILE D 183 23.71 -29.80 -16.54
N ARG D 184 24.87 -30.20 -17.05
CA ARG D 184 25.26 -30.08 -18.47
C ARG D 184 25.70 -31.46 -18.96
N THR D 185 25.13 -31.93 -20.06
CA THR D 185 25.41 -33.26 -20.65
C THR D 185 26.05 -33.08 -22.03
N PRO D 186 27.04 -33.93 -22.40
CA PRO D 186 27.68 -33.85 -23.71
C PRO D 186 26.80 -34.47 -24.80
N ALA D 187 27.09 -34.15 -26.07
CA ALA D 187 26.42 -34.71 -27.27
C ALA D 187 26.52 -36.24 -27.24
N GLY D 188 25.38 -36.93 -27.42
CA GLY D 188 25.31 -38.40 -27.52
C GLY D 188 24.83 -39.06 -26.24
N ALA D 189 25.00 -38.39 -25.09
CA ALA D 189 24.60 -38.90 -23.76
C ALA D 189 23.10 -39.21 -23.75
N ASP D 190 22.73 -40.48 -23.54
CA ASP D 190 21.32 -40.94 -23.45
C ASP D 190 21.26 -42.25 -22.64
N GLN D 191 20.07 -42.84 -22.51
CA GLN D 191 19.80 -44.05 -21.69
C GLN D 191 20.64 -45.24 -22.18
N SER D 192 20.95 -45.30 -23.49
CA SER D 192 21.68 -46.42 -24.13
C SER D 192 23.19 -46.26 -23.98
N ASN D 193 23.67 -45.01 -23.91
CA ASN D 193 25.11 -44.67 -23.73
C ASN D 193 25.24 -43.62 -22.63
N PRO D 194 25.04 -44.00 -21.35
CA PRO D 194 25.19 -43.07 -20.23
C PRO D 194 26.65 -42.68 -20.01
N VAL D 195 26.90 -41.45 -19.57
CA VAL D 195 28.25 -40.83 -19.52
C VAL D 195 28.71 -40.75 -18.06
N PRO D 196 30.04 -40.75 -17.80
CA PRO D 196 30.56 -40.46 -16.47
C PRO D 196 30.13 -39.07 -15.97
N ILE D 197 30.16 -38.88 -14.65
CA ILE D 197 29.67 -37.67 -13.95
C ILE D 197 30.84 -37.03 -13.19
N VAL D 198 31.07 -35.73 -13.41
CA VAL D 198 31.92 -34.89 -12.52
C VAL D 198 30.96 -33.99 -11.73
N LEU D 199 30.89 -34.20 -10.40
CA LEU D 199 30.03 -33.42 -9.48
C LEU D 199 30.91 -32.33 -8.84
N ILE D 200 30.77 -31.09 -9.33
CA ILE D 200 31.50 -29.91 -8.77
C ILE D 200 30.76 -29.43 -7.53
N MET D 201 31.47 -29.35 -6.41
CA MET D 201 31.03 -28.75 -5.13
C MET D 201 31.69 -27.37 -5.04
N THR D 202 30.89 -26.30 -5.11
CA THR D 202 31.37 -24.90 -5.27
C THR D 202 31.83 -24.39 -3.90
N GLY D 203 32.21 -23.11 -3.81
CA GLY D 203 32.92 -22.58 -2.63
C GLY D 203 32.22 -21.39 -1.98
N LEU D 204 33.00 -20.53 -1.32
CA LEU D 204 32.48 -19.38 -0.54
C LEU D 204 32.05 -18.25 -1.48
N ASP D 205 32.79 -18.02 -2.57
CA ASP D 205 32.55 -16.88 -3.51
C ASP D 205 32.25 -17.40 -4.92
N GLY D 206 32.45 -18.70 -5.18
CA GLY D 206 32.02 -19.37 -6.42
C GLY D 206 30.82 -20.25 -6.16
N TYR D 207 29.72 -20.02 -6.86
CA TYR D 207 28.43 -20.76 -6.77
C TYR D 207 28.18 -21.45 -8.12
N ARG D 208 26.98 -21.97 -8.36
CA ARG D 208 26.71 -22.88 -9.51
C ARG D 208 26.89 -22.16 -10.85
N PRO D 209 26.62 -20.84 -11.00
CA PRO D 209 26.85 -20.16 -12.28
C PRO D 209 28.31 -19.81 -12.63
N ASP D 210 29.27 -20.09 -11.73
CA ASP D 210 30.66 -19.54 -11.83
C ASP D 210 31.65 -20.61 -12.31
N ASN D 211 31.22 -21.54 -13.18
CA ASN D 211 32.01 -22.76 -13.50
C ASN D 211 31.93 -23.09 -15.00
N SER D 212 31.81 -22.09 -15.86
CA SER D 212 31.60 -22.25 -17.32
C SER D 212 32.75 -23.06 -17.94
N GLN D 213 34.00 -22.62 -17.74
CA GLN D 213 35.21 -23.26 -18.32
C GLN D 213 35.30 -24.71 -17.85
N ARG D 214 35.05 -24.99 -16.56
CA ARG D 214 35.11 -26.35 -15.99
C ARG D 214 34.11 -27.25 -16.74
N THR D 215 32.88 -26.77 -16.98
CA THR D 215 31.83 -27.56 -17.68
C THR D 215 32.25 -27.82 -19.13
N HIS D 216 32.88 -26.85 -19.79
CA HIS D 216 33.43 -26.98 -21.18
C HIS D 216 34.40 -28.17 -21.23
N GLU D 217 35.38 -28.19 -20.32
CA GLU D 217 36.49 -29.17 -20.24
C GLU D 217 35.90 -30.56 -19.93
N ILE D 218 34.89 -30.61 -19.05
CA ILE D 218 34.23 -31.88 -18.62
C ILE D 218 33.46 -32.47 -19.82
N LEU D 219 32.61 -31.66 -20.48
CA LEU D 219 31.84 -32.12 -21.67
C LEU D 219 32.80 -32.50 -22.80
N ALA D 220 33.90 -31.76 -22.96
CA ALA D 220 34.92 -31.96 -24.02
C ALA D 220 35.56 -33.35 -23.92
N ARG D 221 35.52 -33.96 -22.73
CA ARG D 221 36.13 -35.31 -22.47
C ARG D 221 35.04 -36.39 -22.44
N GLY D 222 33.80 -36.03 -22.77
CA GLY D 222 32.66 -36.96 -22.93
C GLY D 222 31.97 -37.24 -21.60
N TRP D 223 32.01 -36.28 -20.66
CA TRP D 223 31.44 -36.42 -19.29
C TRP D 223 30.36 -35.38 -19.05
N ALA D 224 29.42 -35.71 -18.15
CA ALA D 224 28.38 -34.78 -17.65
C ALA D 224 28.94 -33.99 -16.47
N ALA D 225 28.64 -32.69 -16.42
CA ALA D 225 29.00 -31.77 -15.31
C ALA D 225 27.74 -31.55 -14.46
N VAL D 226 27.82 -31.83 -13.16
CA VAL D 226 26.77 -31.48 -12.16
C VAL D 226 27.41 -30.49 -11.18
N VAL D 227 26.74 -29.38 -10.90
CA VAL D 227 27.28 -28.32 -9.99
C VAL D 227 26.29 -28.14 -8.84
N ALA D 228 26.78 -28.25 -7.60
CA ALA D 228 26.00 -28.10 -6.36
C ALA D 228 26.77 -27.19 -5.39
N GLU D 229 26.04 -26.32 -4.69
CA GLU D 229 26.63 -25.40 -3.68
C GLU D 229 26.78 -26.16 -2.37
N ILE D 230 27.70 -25.72 -1.51
CA ILE D 230 28.07 -26.42 -0.25
C ILE D 230 27.26 -25.83 0.91
N PRO D 231 27.15 -26.57 2.03
CA PRO D 231 26.49 -26.06 3.23
C PRO D 231 26.94 -24.64 3.62
N GLY D 232 25.98 -23.77 3.95
CA GLY D 232 26.23 -22.40 4.44
C GLY D 232 26.57 -21.43 3.32
N THR D 233 26.19 -21.72 2.08
CA THR D 233 26.39 -20.81 0.92
C THR D 233 25.15 -20.81 0.02
N ALA D 234 24.93 -19.71 -0.70
CA ALA D 234 24.03 -19.62 -1.87
C ALA D 234 22.68 -20.25 -1.52
N ASP D 235 22.22 -21.24 -2.31
CA ASP D 235 20.88 -21.86 -2.20
C ASP D 235 20.98 -23.29 -1.68
N CYS D 236 22.08 -23.64 -1.00
CA CYS D 236 22.24 -24.97 -0.38
C CYS D 236 21.28 -25.08 0.81
N PRO D 237 20.36 -26.08 0.82
CA PRO D 237 19.41 -26.25 1.93
C PRO D 237 19.99 -26.90 3.18
N ALA D 238 21.21 -27.43 3.11
CA ALA D 238 21.87 -28.16 4.23
C ALA D 238 21.96 -27.23 5.44
N ASP D 239 21.61 -27.73 6.63
CA ASP D 239 21.76 -26.99 7.91
C ASP D 239 23.25 -26.73 8.14
N PRO D 240 23.73 -25.47 8.02
CA PRO D 240 25.17 -25.20 8.12
C PRO D 240 25.76 -25.57 9.48
N ALA D 241 24.95 -25.47 10.55
CA ALA D 241 25.35 -25.70 11.96
C ALA D 241 25.44 -27.21 12.28
N ASP D 242 24.95 -28.08 11.40
CA ASP D 242 25.01 -29.56 11.58
C ASP D 242 26.13 -30.12 10.69
N PRO D 243 27.23 -30.64 11.29
CA PRO D 243 28.32 -31.24 10.52
C PRO D 243 27.90 -32.44 9.65
N ALA D 244 26.79 -33.10 10.01
CA ALA D 244 26.22 -34.27 9.28
C ALA D 244 25.36 -33.83 8.08
N SER D 245 25.08 -32.53 7.93
CA SER D 245 24.15 -31.99 6.89
C SER D 245 24.65 -32.28 5.48
N PRO D 246 25.97 -32.14 5.15
CA PRO D 246 26.44 -32.46 3.80
C PRO D 246 26.22 -33.93 3.42
N ASP D 247 26.27 -34.84 4.40
CA ASP D 247 26.08 -36.30 4.20
C ASP D 247 24.68 -36.54 3.59
N ARG D 248 23.66 -35.94 4.20
CA ARG D 248 22.24 -36.03 3.77
C ARG D 248 22.09 -35.38 2.39
N LEU D 249 22.73 -34.22 2.19
CA LEU D 249 22.70 -33.43 0.94
C LEU D 249 23.14 -34.31 -0.24
N TRP D 250 24.29 -34.97 -0.13
CA TRP D 250 24.86 -35.79 -1.24
C TRP D 250 24.01 -37.06 -1.43
N ASP D 251 23.47 -37.63 -0.35
CA ASP D 251 22.50 -38.75 -0.40
C ASP D 251 21.35 -38.37 -1.36
N SER D 252 20.78 -37.18 -1.20
CA SER D 252 19.66 -36.66 -2.04
C SER D 252 20.12 -36.44 -3.49
N VAL D 253 21.31 -35.87 -3.68
CA VAL D 253 21.87 -35.56 -5.03
C VAL D 253 22.13 -36.88 -5.77
N LEU D 254 22.84 -37.83 -5.14
CA LEU D 254 23.18 -39.14 -5.76
C LEU D 254 21.89 -39.89 -6.09
N SER D 255 20.89 -39.83 -5.21
CA SER D 255 19.54 -40.42 -5.38
C SER D 255 18.91 -39.90 -6.67
N TYR D 256 19.00 -38.59 -6.94
CA TYR D 256 18.47 -37.97 -8.18
C TYR D 256 19.28 -38.44 -9.39
N LEU D 257 20.62 -38.44 -9.27
CA LEU D 257 21.54 -38.84 -10.37
C LEU D 257 21.34 -40.33 -10.70
N ASP D 258 21.09 -41.17 -9.69
CA ASP D 258 20.72 -42.60 -9.86
C ASP D 258 19.53 -42.71 -10.82
N GLN D 259 18.55 -41.81 -10.69
CA GLN D 259 17.26 -41.84 -11.44
C GLN D 259 17.40 -41.22 -12.83
N ARG D 260 18.50 -40.51 -13.10
CA ARG D 260 18.76 -39.88 -14.43
C ARG D 260 19.29 -40.93 -15.40
N PRO D 261 18.57 -41.23 -16.50
CA PRO D 261 18.98 -42.29 -17.43
C PRO D 261 20.38 -42.14 -18.04
N GLU D 262 20.73 -40.91 -18.45
CA GLU D 262 21.90 -40.62 -19.32
C GLU D 262 23.17 -40.40 -18.49
N LEU D 263 23.07 -40.42 -17.16
CA LEU D 263 24.20 -40.18 -16.22
C LEU D 263 24.60 -41.50 -15.56
N ASN D 264 25.86 -41.92 -15.73
CA ASN D 264 26.42 -43.18 -15.19
C ASN D 264 27.03 -42.90 -13.80
N THR D 265 26.32 -43.25 -12.73
CA THR D 265 26.75 -43.04 -11.32
C THR D 265 27.78 -44.10 -10.90
N ALA D 266 28.04 -45.10 -11.76
CA ALA D 266 29.13 -46.10 -11.56
C ALA D 266 30.48 -45.47 -11.95
N LYS D 267 30.48 -44.35 -12.67
CA LYS D 267 31.71 -43.62 -13.08
C LYS D 267 31.57 -42.15 -12.67
N MET D 268 31.67 -41.88 -11.37
CA MET D 268 31.39 -40.54 -10.76
C MET D 268 32.62 -40.07 -9.96
N VAL D 269 33.03 -38.82 -10.20
CA VAL D 269 34.10 -38.12 -9.42
C VAL D 269 33.51 -36.84 -8.83
N VAL D 270 33.92 -36.47 -7.62
CA VAL D 270 33.58 -35.15 -6.99
C VAL D 270 34.79 -34.23 -7.11
N TRP D 271 34.55 -32.94 -7.38
CA TRP D 271 35.59 -31.89 -7.51
C TRP D 271 35.21 -30.70 -6.63
N GLY D 272 35.82 -30.57 -5.44
CA GLY D 272 35.50 -29.54 -4.45
C GLY D 272 36.42 -28.33 -4.59
N LEU D 273 35.85 -27.14 -4.83
CA LEU D 273 36.60 -25.89 -5.13
C LEU D 273 36.70 -25.02 -3.88
N SER D 274 37.93 -24.75 -3.44
CA SER D 274 38.25 -23.89 -2.26
C SER D 274 37.49 -24.43 -1.04
N ALA D 275 36.52 -23.69 -0.50
CA ALA D 275 35.66 -24.14 0.63
C ALA D 275 34.98 -25.46 0.29
N GLY D 276 34.72 -25.72 -1.00
CA GLY D 276 34.20 -27.00 -1.53
C GLY D 276 35.15 -28.16 -1.26
N GLY D 277 36.46 -27.88 -1.24
CA GLY D 277 37.53 -28.88 -0.96
C GLY D 277 37.23 -29.72 0.28
N TYR D 278 36.79 -29.09 1.37
CA TYR D 278 36.38 -29.75 2.64
C TYR D 278 35.35 -30.84 2.35
N TYR D 279 34.38 -30.52 1.48
CA TYR D 279 33.20 -31.39 1.19
C TYR D 279 33.61 -32.49 0.22
N ALA D 280 34.59 -32.24 -0.65
CA ALA D 280 35.23 -33.27 -1.51
C ALA D 280 35.95 -34.29 -0.61
N ILE D 281 36.74 -33.79 0.34
CA ILE D 281 37.45 -34.64 1.33
C ILE D 281 36.40 -35.46 2.11
N ARG D 282 35.41 -34.80 2.69
CA ARG D 282 34.41 -35.48 3.56
C ARG D 282 33.68 -36.56 2.75
N ALA D 283 33.15 -36.19 1.58
CA ALA D 283 32.39 -37.08 0.66
C ALA D 283 33.25 -38.28 0.25
N ALA D 284 34.55 -38.09 0.02
CA ALA D 284 35.51 -39.15 -0.37
C ALA D 284 35.52 -40.27 0.68
N HIS D 285 35.23 -39.95 1.94
CA HIS D 285 35.13 -40.90 3.07
C HIS D 285 33.68 -41.41 3.22
N THR D 286 32.70 -40.50 3.31
CA THR D 286 31.30 -40.81 3.69
C THR D 286 30.58 -41.54 2.54
N HIS D 287 30.98 -41.31 1.29
CA HIS D 287 30.35 -41.88 0.07
C HIS D 287 31.40 -42.59 -0.79
N ARG D 288 32.42 -43.19 -0.17
CA ARG D 288 33.57 -43.81 -0.87
C ARG D 288 33.08 -44.88 -1.85
N ASP D 289 32.06 -45.66 -1.47
CA ASP D 289 31.52 -46.79 -2.29
C ASP D 289 30.84 -46.26 -3.56
N ARG D 290 30.38 -45.00 -3.54
CA ARG D 290 29.58 -44.36 -4.63
C ARG D 290 30.48 -43.58 -5.58
N LEU D 291 31.76 -43.41 -5.26
CA LEU D 291 32.70 -42.51 -5.99
C LEU D 291 33.93 -43.28 -6.48
N LEU D 292 34.34 -43.03 -7.72
CA LEU D 292 35.64 -43.51 -8.28
C LEU D 292 36.78 -42.66 -7.72
N GLY D 293 36.51 -41.40 -7.38
CA GLY D 293 37.53 -40.48 -6.86
C GLY D 293 36.97 -39.13 -6.47
N ALA D 294 37.80 -38.31 -5.83
CA ALA D 294 37.53 -36.93 -5.42
C ALA D 294 38.77 -36.06 -5.67
N ILE D 295 38.57 -34.82 -6.11
CA ILE D 295 39.62 -33.76 -6.09
C ILE D 295 39.21 -32.72 -5.04
N ALA D 296 40.16 -32.36 -4.16
CA ALA D 296 40.05 -31.27 -3.17
C ALA D 296 41.05 -30.17 -3.55
N HIS D 297 40.54 -29.05 -4.02
CA HIS D 297 41.31 -27.94 -4.66
C HIS D 297 41.37 -26.75 -3.69
N GLY D 298 42.56 -26.47 -3.13
CA GLY D 298 42.77 -25.49 -2.05
C GLY D 298 41.90 -25.79 -0.83
N PRO D 299 41.97 -27.01 -0.25
CA PRO D 299 41.05 -27.40 0.82
C PRO D 299 41.52 -27.08 2.24
N GLY D 300 40.55 -26.76 3.11
CA GLY D 300 40.71 -26.81 4.59
C GLY D 300 40.01 -28.04 5.14
N CYS D 301 40.48 -28.58 6.27
CA CYS D 301 39.84 -29.73 6.96
C CYS D 301 40.08 -29.75 8.48
N HIS D 302 41.04 -28.96 9.00
CA HIS D 302 41.44 -29.06 10.43
C HIS D 302 42.15 -27.78 10.90
N TYR D 303 43.38 -27.54 10.43
CA TYR D 303 44.24 -26.41 10.90
C TYR D 303 43.69 -25.04 10.44
N TYR D 304 42.81 -24.99 9.45
CA TYR D 304 42.21 -23.72 8.95
C TYR D 304 41.31 -23.11 10.03
N LEU D 305 40.85 -23.92 11.00
CA LEU D 305 40.00 -23.50 12.13
C LEU D 305 40.83 -23.32 13.42
N ASP D 306 42.15 -23.49 13.35
CA ASP D 306 43.09 -23.21 14.48
C ASP D 306 42.97 -21.72 14.82
N PRO D 307 42.66 -21.36 16.08
CA PRO D 307 42.58 -19.95 16.50
C PRO D 307 43.77 -19.09 16.05
N GLU D 308 45.00 -19.64 16.09
CA GLU D 308 46.25 -18.94 15.69
C GLU D 308 46.22 -18.63 14.18
N TRP D 309 45.70 -19.55 13.37
CA TRP D 309 45.58 -19.39 11.90
C TRP D 309 44.49 -18.36 11.57
N LEU D 310 43.33 -18.47 12.22
CA LEU D 310 42.16 -17.56 12.05
C LEU D 310 42.53 -16.13 12.47
N ALA D 311 43.55 -15.97 13.33
CA ALA D 311 44.03 -14.67 13.85
C ALA D 311 44.74 -13.86 12.75
N LYS D 312 45.23 -14.51 11.70
CA LYS D 312 46.04 -13.85 10.63
C LYS D 312 45.45 -14.12 9.23
N VAL D 313 44.34 -14.86 9.12
CA VAL D 313 43.77 -15.30 7.81
C VAL D 313 43.31 -14.07 7.01
N ASN D 314 42.86 -13.01 7.68
CA ASN D 314 42.37 -11.76 7.03
C ASN D 314 43.53 -10.92 6.49
N ASP D 315 44.78 -11.30 6.79
CA ASP D 315 46.00 -10.51 6.47
C ASP D 315 46.69 -11.04 5.20
N HIS D 316 46.20 -12.13 4.60
CA HIS D 316 46.86 -12.84 3.47
C HIS D 316 46.12 -12.55 2.16
N GLU D 317 46.19 -13.46 1.18
CA GLU D 317 45.92 -13.15 -0.26
C GLU D 317 44.42 -13.00 -0.56
N TYR D 318 43.52 -13.46 0.31
CA TYR D 318 42.06 -13.32 0.04
C TYR D 318 41.74 -11.83 -0.11
N PRO D 319 41.00 -11.43 -1.17
CA PRO D 319 40.83 -10.02 -1.52
C PRO D 319 40.20 -9.12 -0.43
N PHE D 320 39.33 -9.68 0.41
CA PHE D 320 38.62 -8.94 1.50
C PHE D 320 38.68 -9.76 2.79
N GLU D 321 38.18 -9.20 3.90
CA GLU D 321 38.03 -9.91 5.19
C GLU D 321 37.18 -11.17 4.95
N ILE D 322 37.61 -12.32 5.47
CA ILE D 322 36.99 -13.66 5.18
C ILE D 322 36.31 -14.23 6.44
N THR D 323 36.71 -13.84 7.64
CA THR D 323 36.31 -14.54 8.91
C THR D 323 34.80 -14.34 9.17
N ALA D 324 34.26 -13.14 8.96
CA ALA D 324 32.82 -12.84 9.11
C ALA D 324 32.01 -13.80 8.22
N ALA D 325 32.43 -13.98 6.97
CA ALA D 325 31.79 -14.89 5.99
C ALA D 325 31.92 -16.34 6.46
N TRP D 326 33.11 -16.76 6.89
CA TRP D 326 33.38 -18.13 7.43
C TRP D 326 32.46 -18.39 8.63
N ALA D 327 32.39 -17.47 9.59
CA ALA D 327 31.52 -17.58 10.78
C ALA D 327 30.11 -17.97 10.34
N THR D 328 29.52 -17.21 9.41
CA THR D 328 28.14 -17.40 8.89
C THR D 328 28.04 -18.75 8.18
N LYS D 329 29.05 -19.10 7.37
CA LYS D 329 29.09 -20.34 6.54
C LYS D 329 29.08 -21.57 7.47
N HIS D 330 29.69 -21.47 8.66
CA HIS D 330 29.82 -22.57 9.64
C HIS D 330 28.65 -22.55 10.64
N GLY D 331 27.69 -21.63 10.46
CA GLY D 331 26.40 -21.61 11.17
C GLY D 331 26.45 -20.86 12.49
N TYR D 332 27.45 -19.98 12.66
CA TYR D 332 27.68 -19.20 13.91
C TYR D 332 27.08 -17.80 13.76
N LYS D 333 26.58 -17.25 14.88
CA LYS D 333 25.97 -15.90 14.96
C LYS D 333 27.06 -14.83 15.05
N THR D 334 28.24 -15.18 15.57
CA THR D 334 29.38 -14.24 15.81
C THR D 334 30.71 -14.89 15.45
N VAL D 335 31.70 -14.08 15.08
CA VAL D 335 33.10 -14.52 14.76
C VAL D 335 33.73 -15.10 16.04
N GLU D 336 33.48 -14.46 17.19
CA GLU D 336 34.01 -14.88 18.52
C GLU D 336 33.62 -16.35 18.78
N GLU D 337 32.35 -16.70 18.54
CA GLU D 337 31.81 -18.07 18.77
C GLU D 337 32.42 -19.04 17.74
N PHE D 338 32.52 -18.63 16.48
CA PHE D 338 33.16 -19.39 15.37
C PHE D 338 34.59 -19.77 15.78
N VAL D 339 35.41 -18.77 16.14
CA VAL D 339 36.85 -18.97 16.51
C VAL D 339 36.95 -19.96 17.68
N ALA D 340 36.08 -19.83 18.69
CA ALA D 340 36.10 -20.62 19.95
C ALA D 340 35.75 -22.08 19.69
N GLY D 341 34.78 -22.35 18.81
CA GLY D 341 34.07 -23.65 18.74
C GLY D 341 34.28 -24.43 17.45
N ALA D 342 34.62 -23.75 16.33
CA ALA D 342 34.54 -24.30 14.96
C ALA D 342 35.41 -25.57 14.82
N GLN D 343 36.67 -25.53 15.26
CA GLN D 343 37.65 -26.62 15.00
C GLN D 343 37.12 -27.94 15.58
N LYS D 344 36.81 -27.95 16.89
CA LYS D 344 36.28 -29.15 17.61
C LYS D 344 35.06 -29.71 16.88
N LYS D 345 34.18 -28.85 16.36
CA LYS D 345 32.86 -29.23 15.80
C LYS D 345 32.98 -29.72 14.35
N PHE D 346 33.83 -29.08 13.54
CA PHE D 346 33.83 -29.24 12.07
C PHE D 346 35.13 -29.87 11.54
N SER D 347 36.18 -29.97 12.36
CA SER D 347 37.47 -30.57 11.93
C SER D 347 37.24 -32.04 11.54
N LEU D 348 37.64 -32.42 10.32
CA LEU D 348 37.57 -33.82 9.83
C LEU D 348 38.54 -34.71 10.63
N VAL D 349 39.58 -34.12 11.20
CA VAL D 349 40.58 -34.82 12.06
C VAL D 349 39.97 -35.03 13.45
N GLU D 350 39.49 -33.96 14.08
CA GLU D 350 39.02 -33.99 15.50
C GLU D 350 37.79 -34.89 15.62
N THR D 351 36.93 -34.92 14.59
CA THR D 351 35.62 -35.64 14.60
C THR D 351 35.79 -37.08 14.12
N GLY D 352 36.96 -37.42 13.55
CA GLY D 352 37.35 -38.81 13.22
C GLY D 352 36.87 -39.25 11.84
N ILE D 353 36.44 -38.32 10.98
CA ILE D 353 36.04 -38.60 9.58
C ILE D 353 37.23 -39.21 8.83
N VAL D 354 38.43 -38.68 9.05
CA VAL D 354 39.68 -39.08 8.33
C VAL D 354 40.09 -40.50 8.73
N ASP D 355 39.59 -41.01 9.87
CA ASP D 355 39.95 -42.35 10.42
C ASP D 355 39.00 -43.41 9.87
N GLN D 356 38.89 -43.49 8.54
CA GLN D 356 38.14 -44.55 7.80
C GLN D 356 38.65 -44.55 6.37
N PRO D 357 38.38 -45.59 5.57
CA PRO D 357 38.81 -45.62 4.18
C PRO D 357 38.15 -44.50 3.36
N SER D 358 38.79 -44.13 2.25
CA SER D 358 38.25 -43.16 1.26
C SER D 358 38.53 -43.68 -0.15
N CYS D 359 37.71 -43.27 -1.12
CA CYS D 359 38.03 -43.43 -2.57
C CYS D 359 39.27 -42.59 -2.86
N ARG D 360 39.87 -42.75 -4.04
CA ARG D 360 41.05 -41.97 -4.48
C ARG D 360 40.76 -40.49 -4.24
N LEU D 361 41.65 -39.79 -3.53
CA LEU D 361 41.52 -38.36 -3.18
C LEU D 361 42.78 -37.62 -3.63
N LEU D 362 42.64 -36.72 -4.61
CA LEU D 362 43.71 -35.84 -5.11
C LEU D 362 43.63 -34.49 -4.39
N LEU D 363 44.71 -34.14 -3.70
CA LEU D 363 44.88 -32.84 -2.99
C LEU D 363 45.74 -31.93 -3.87
N LEU D 364 45.22 -30.75 -4.23
CA LEU D 364 45.93 -29.74 -5.05
C LEU D 364 45.88 -28.40 -4.30
N ASN D 365 47.03 -27.75 -4.16
CA ASN D 365 47.12 -26.41 -3.52
C ASN D 365 48.50 -25.80 -3.78
N GLY D 366 48.59 -24.47 -3.65
CA GLY D 366 49.86 -23.76 -3.47
C GLY D 366 50.41 -24.01 -2.07
N VAL D 367 51.73 -24.19 -1.94
CA VAL D 367 52.42 -24.46 -0.65
C VAL D 367 52.26 -23.24 0.26
N ASP D 368 52.29 -22.03 -0.30
CA ASP D 368 52.25 -20.75 0.45
C ASP D 368 50.81 -20.23 0.51
N ASP D 369 49.83 -21.12 0.64
CA ASP D 369 48.40 -20.76 0.84
C ASP D 369 48.28 -20.07 2.20
N GLY D 370 47.83 -18.81 2.20
CA GLY D 370 47.56 -18.01 3.41
C GLY D 370 46.09 -17.98 3.78
N VAL D 371 45.24 -18.63 2.97
CA VAL D 371 43.77 -18.73 3.20
C VAL D 371 43.51 -19.99 4.04
N VAL D 372 43.88 -21.17 3.52
CA VAL D 372 43.86 -22.46 4.26
C VAL D 372 45.28 -23.03 4.25
N PRO D 373 45.76 -23.62 5.35
CA PRO D 373 47.16 -24.02 5.45
C PRO D 373 47.45 -25.26 4.60
N ILE D 374 48.63 -25.33 3.99
CA ILE D 374 49.08 -26.54 3.23
C ILE D 374 49.09 -27.75 4.18
N GLU D 375 49.23 -27.52 5.48
CA GLU D 375 49.18 -28.57 6.53
C GLU D 375 47.86 -29.34 6.46
N ASP D 376 46.78 -28.73 5.96
CA ASP D 376 45.43 -29.37 5.86
C ASP D 376 45.37 -30.32 4.66
N CYS D 377 46.29 -30.20 3.71
CA CYS D 377 46.57 -31.26 2.69
C CYS D 377 47.47 -32.32 3.33
N LEU D 378 48.57 -31.91 3.97
CA LEU D 378 49.62 -32.81 4.52
C LEU D 378 49.05 -33.73 5.60
N VAL D 379 48.18 -33.21 6.48
CA VAL D 379 47.61 -33.96 7.64
C VAL D 379 46.87 -35.20 7.13
N LEU D 380 46.35 -35.19 5.90
CA LEU D 380 45.50 -36.27 5.35
C LEU D 380 46.33 -37.51 5.00
N PHE D 381 47.66 -37.38 4.86
CA PHE D 381 48.58 -38.53 4.61
C PHE D 381 48.78 -39.35 5.88
N GLU D 382 48.34 -38.85 7.04
CA GLU D 382 48.61 -39.46 8.36
C GLU D 382 47.41 -40.28 8.85
N HIS D 383 46.33 -40.38 8.07
CA HIS D 383 45.07 -41.08 8.44
C HIS D 383 44.55 -41.93 7.27
N GLY D 384 43.77 -42.97 7.59
CA GLY D 384 42.94 -43.73 6.63
C GLY D 384 43.72 -44.26 5.45
N SER D 385 43.16 -44.16 4.24
CA SER D 385 43.72 -44.67 2.96
C SER D 385 44.83 -43.75 2.46
N PRO D 386 45.72 -44.22 1.57
CA PRO D 386 46.67 -43.34 0.91
C PRO D 386 45.96 -42.19 0.15
N LYS D 387 46.52 -40.99 0.23
CA LYS D 387 46.01 -39.79 -0.50
C LYS D 387 46.98 -39.45 -1.64
N GLU D 388 46.48 -38.81 -2.69
CA GLU D 388 47.27 -38.33 -3.84
C GLU D 388 47.41 -36.80 -3.71
N GLY D 389 48.51 -36.24 -4.20
CA GLY D 389 48.90 -34.86 -3.90
C GLY D 389 49.82 -34.26 -4.95
N ARG D 390 49.58 -32.98 -5.25
CA ARG D 390 50.52 -32.11 -6.00
C ARG D 390 50.40 -30.71 -5.39
N PHE D 391 51.46 -30.22 -4.77
CA PHE D 391 51.54 -28.91 -4.06
C PHE D 391 52.62 -28.07 -4.74
N TYR D 392 52.31 -26.80 -5.00
CA TYR D 392 53.09 -25.93 -5.91
C TYR D 392 53.95 -24.94 -5.11
N LYS D 393 55.27 -25.09 -5.24
CA LYS D 393 56.31 -24.25 -4.58
C LYS D 393 55.96 -22.78 -4.77
N GLY D 394 55.89 -22.04 -3.66
CA GLY D 394 55.80 -20.56 -3.61
C GLY D 394 54.53 -20.00 -4.23
N LEU D 395 53.44 -20.80 -4.32
CA LEU D 395 52.15 -20.32 -4.88
C LEU D 395 51.11 -20.17 -3.76
N PRO D 396 50.19 -19.19 -3.89
CA PRO D 396 49.13 -18.96 -2.92
C PRO D 396 47.92 -19.89 -3.13
N HIS D 397 46.82 -19.61 -2.42
CA HIS D 397 45.56 -20.40 -2.40
C HIS D 397 45.17 -20.86 -3.81
N MET D 398 44.99 -22.17 -3.98
CA MET D 398 44.49 -22.88 -5.21
C MET D 398 45.65 -23.24 -6.15
N GLY D 399 46.75 -22.48 -6.13
CA GLY D 399 47.94 -22.74 -6.96
C GLY D 399 47.62 -22.63 -8.44
N TYR D 400 46.81 -21.63 -8.83
CA TYR D 400 46.46 -21.32 -10.24
C TYR D 400 47.61 -20.55 -10.90
N PRO D 401 47.86 -20.72 -12.22
CA PRO D 401 47.10 -21.65 -13.06
C PRO D 401 47.64 -23.09 -13.09
N ASN D 402 48.74 -23.35 -12.36
CA ASN D 402 49.56 -24.59 -12.45
C ASN D 402 48.70 -25.84 -12.17
N SER D 403 47.73 -25.73 -11.25
CA SER D 403 46.99 -26.88 -10.64
C SER D 403 45.79 -27.31 -11.51
N LEU D 404 45.46 -26.59 -12.57
CA LEU D 404 44.23 -26.86 -13.37
C LEU D 404 44.47 -27.97 -14.40
N PRO D 405 45.54 -27.94 -15.23
CA PRO D 405 45.75 -28.99 -16.23
C PRO D 405 45.83 -30.38 -15.60
N VAL D 406 46.58 -30.52 -14.51
CA VAL D 406 46.78 -31.81 -13.77
C VAL D 406 45.42 -32.35 -13.33
N SER D 407 44.48 -31.47 -12.94
CA SER D 407 43.10 -31.84 -12.51
C SER D 407 42.45 -32.73 -13.58
N TYR D 408 42.52 -32.30 -14.84
CA TYR D 408 41.93 -33.00 -16.01
C TYR D 408 42.72 -34.27 -16.33
N GLU D 409 44.06 -34.21 -16.33
CA GLU D 409 44.93 -35.40 -16.52
C GLU D 409 44.49 -36.50 -15.56
N TRP D 410 44.23 -36.13 -14.30
CA TRP D 410 43.86 -37.08 -13.21
C TRP D 410 42.47 -37.66 -13.46
N LEU D 411 41.50 -36.80 -13.79
CA LEU D 411 40.09 -37.22 -14.09
C LEU D 411 40.08 -38.18 -15.27
N GLU D 412 40.86 -37.91 -16.32
CA GLU D 412 40.99 -38.79 -17.51
C GLU D 412 41.41 -40.19 -17.06
N GLN D 413 42.42 -40.28 -16.19
CA GLN D 413 42.99 -41.56 -15.68
CA GLN D 413 42.98 -41.57 -15.68
C GLN D 413 41.93 -42.29 -14.83
N VAL D 414 41.30 -41.58 -13.89
CA VAL D 414 40.32 -42.15 -12.92
C VAL D 414 39.05 -42.59 -13.65
N LEU D 415 38.58 -41.84 -14.66
CA LEU D 415 37.34 -42.14 -15.42
C LEU D 415 37.64 -42.93 -16.69
N ALA D 416 38.91 -43.34 -16.90
CA ALA D 416 39.41 -44.02 -18.12
C ALA D 416 38.68 -45.36 -18.31
N SER D 417 38.49 -45.75 -19.59
CA SER D 417 37.91 -47.05 -20.02
C SER D 417 39.06 -48.01 -20.38
#